data_2OXZ
# 
_entry.id   2OXZ 
# 
_audit_conform.dict_name       mmcif_pdbx.dic 
_audit_conform.dict_version    5.377 
_audit_conform.dict_location   http://mmcif.pdb.org/dictionaries/ascii/mmcif_pdbx.dic 
# 
loop_
_database_2.database_id 
_database_2.database_code 
_database_2.pdbx_database_accession 
_database_2.pdbx_DOI 
PDB   2OXZ         pdb_00002oxz 10.2210/pdb2oxz/pdb 
RCSB  RCSB041723   ?            ?                   
WWPDB D_1000041723 ?            ?                   
# 
loop_
_pdbx_database_related.db_name 
_pdbx_database_related.db_id 
_pdbx_database_related.details 
_pdbx_database_related.content_type 
PDB 2OXW 'Human MMP-12 in complex with peptide IAG'                                                                          
unspecified 
PDB 2OXU 'Uninhibited form of human MMP-12'                                                                                  
unspecified 
PDB 1Y93 'Crystal structure of the catalytic domain of human MMP12 complexed with acetohydroxamic acid at atomic resolution' 
unspecified 
PDB 1RMZ 'Crystal structure of the catalytic domain of human MMP12 complexed with the inhibitor NNGH at 1.3 A resolution'    
unspecified 
PDB 2OY2 .                                                                                                                   
unspecified 
PDB 2OY4 .                                                                                                                   
unspecified 
# 
_pdbx_database_status.status_code                     REL 
_pdbx_database_status.entry_id                        2OXZ 
_pdbx_database_status.recvd_initial_deposition_date   2007-02-21 
_pdbx_database_status.deposit_site                    RCSB 
_pdbx_database_status.process_site                    RCSB 
_pdbx_database_status.status_code_sf                  REL 
_pdbx_database_status.status_code_mr                  ? 
_pdbx_database_status.SG_entry                        ? 
_pdbx_database_status.pdb_format_compatible           Y 
_pdbx_database_status.status_code_cs                  ? 
_pdbx_database_status.status_code_nmr_data            ? 
_pdbx_database_status.methods_development_category    ? 
# 
loop_
_audit_author.name 
_audit_author.pdbx_ordinal 
'Calderone, V.' 1 
'Bertini, I.'   2 
'Fragai, M.'    3 
'Luchinat, C.'  4 
'Maletta, M.'   5 
'Yeo, K.J.'     6 
# 
loop_
_citation.id 
_citation.title 
_citation.journal_abbrev 
_citation.journal_volume 
_citation.page_first 
_citation.page_last 
_citation.year 
_citation.journal_id_ASTM 
_citation.country 
_citation.journal_id_ISSN 
_citation.journal_id_CSD 
_citation.book_publisher 
_citation.pdbx_database_id_PubMed 
_citation.pdbx_database_id_DOI 
primary 'Snapshots of the reaction mechanism of matrix metalloproteinases.'                      ANGEW.CHEM.INT.ED.ENGL. 45  7952 
7955 2006 ACIEAY GE 0570-0833 0179 ? 17096442 10.1002/anie.200603100 
1       'Conformational variability of matrix metalloproteinases: Beyond a single 3D structure.' Proc.Natl.Acad.Sci.USA  102 5334 
5339 2005 PNASA6 US 0027-8424 0040 ? ?        ?                      
# 
loop_
_citation_author.citation_id 
_citation_author.name 
_citation_author.ordinal 
_citation_author.identifier_ORCID 
primary 'Bertini, I.'   1  ? 
primary 'Calderone, V.' 2  ? 
primary 'Fragai, M.'    3  ? 
primary 'Luchinat, C.'  4  ? 
primary 'Maletta, M.'   5  ? 
primary 'Yeo, K.J.'     6  ? 
1       'Bertini, I.'   7  ? 
1       'Calderone, V.' 8  ? 
1       'Cosenza, M.'   9  ? 
1       'Fragai, M.'    10 ? 
1       'Lee, Y.-M.'    11 ? 
1       'Luchinat, C.'  12 ? 
1       'Mangani, S.'   13 ? 
1       'Terni, B.'     14 ? 
1       'Turano, P.'    15 ? 
# 
_cell.entry_id           2OXZ 
_cell.length_a           51.546 
_cell.length_b           60.378 
_cell.length_c           54.449 
_cell.angle_alpha        90.00 
_cell.angle_beta         115.41 
_cell.angle_gamma        90.00 
_cell.Z_PDB              4 
_cell.pdbx_unique_axis   ? 
_cell.length_a_esd       ? 
_cell.length_b_esd       ? 
_cell.length_c_esd       ? 
_cell.angle_alpha_esd    ? 
_cell.angle_beta_esd     ? 
_cell.angle_gamma_esd    ? 
# 
_symmetry.entry_id                         2OXZ 
_symmetry.space_group_name_H-M             'C 1 2 1' 
_symmetry.pdbx_full_space_group_name_H-M   ? 
_symmetry.cell_setting                     ? 
_symmetry.Int_Tables_number                5 
_symmetry.space_group_name_Hall            ? 
# 
loop_
_entity.id 
_entity.type 
_entity.src_method 
_entity.pdbx_description 
_entity.formula_weight 
_entity.pdbx_number_of_molecules 
_entity.pdbx_ec 
_entity.pdbx_mutation 
_entity.pdbx_fragment 
_entity.details 
1 polymer     man 'Macrophage metalloelastase' 17615.670 1   3.4.24.65 F171D 'Catalytic Domain' ? 
2 polymer     syn 'PRO-GLN-GLY peptide'        300.311   1   ?         ?     ?                  ? 
3 polymer     syn 'ILE-ALA-GLY peptide'        259.303   1   ?         ?     ?                  ? 
4 non-polymer syn 'ZINC ION'                   65.409    2   ?         ?     ?                  ? 
5 non-polymer syn 'CALCIUM ION'                40.078    3   ?         ?     ?                  ? 
6 water       nat water                        18.015    107 ?         ?     ?                  ? 
# 
_entity_name_com.entity_id   1 
_entity_name_com.name        'HME, Matrix metalloproteinase-12, MMP-12, Macrophage elastase, ME' 
# 
loop_
_entity_poly.entity_id 
_entity_poly.type 
_entity_poly.nstd_linkage 
_entity_poly.nstd_monomer 
_entity_poly.pdbx_seq_one_letter_code 
_entity_poly.pdbx_seq_one_letter_code_can 
_entity_poly.pdbx_strand_id 
_entity_poly.pdbx_target_identifier 
1 'polypeptide(L)' no no 
;MGPVWRKHYITYRINNYTPDMNREDVDYAIRKAFQVWSNVTPLKFSKINTGMADILVVFARGAHGDDHAFDGKGGILAHA
FGPGSGIGGDAHFDEDEFWTTHSGGTNLFLTAVHEIGHSLGLGHSSDPKAVMFPTYKYVDINTFRLSADDIRGIQSLYG
;
;MGPVWRKHYITYRINNYTPDMNREDVDYAIRKAFQVWSNVTPLKFSKINTGMADILVVFARGAHGDDHAFDGKGGILAHA
FGPGSGIGGDAHFDEDEFWTTHSGGTNLFLTAVHEIGHSLGLGHSSDPKAVMFPTYKYVDINTFRLSADDIRGIQSLYG
;
A ? 
2 'polypeptide(L)' no no PQG PQG Y ? 
3 'polypeptide(L)' no no IAG IAG X ? 
# 
loop_
_entity_poly_seq.entity_id 
_entity_poly_seq.num 
_entity_poly_seq.mon_id 
_entity_poly_seq.hetero 
1 1   MET n 
1 2   GLY n 
1 3   PRO n 
1 4   VAL n 
1 5   TRP n 
1 6   ARG n 
1 7   LYS n 
1 8   HIS n 
1 9   TYR n 
1 10  ILE n 
1 11  THR n 
1 12  TYR n 
1 13  ARG n 
1 14  ILE n 
1 15  ASN n 
1 16  ASN n 
1 17  TYR n 
1 18  THR n 
1 19  PRO n 
1 20  ASP n 
1 21  MET n 
1 22  ASN n 
1 23  ARG n 
1 24  GLU n 
1 25  ASP n 
1 26  VAL n 
1 27  ASP n 
1 28  TYR n 
1 29  ALA n 
1 30  ILE n 
1 31  ARG n 
1 32  LYS n 
1 33  ALA n 
1 34  PHE n 
1 35  GLN n 
1 36  VAL n 
1 37  TRP n 
1 38  SER n 
1 39  ASN n 
1 40  VAL n 
1 41  THR n 
1 42  PRO n 
1 43  LEU n 
1 44  LYS n 
1 45  PHE n 
1 46  SER n 
1 47  LYS n 
1 48  ILE n 
1 49  ASN n 
1 50  THR n 
1 51  GLY n 
1 52  MET n 
1 53  ALA n 
1 54  ASP n 
1 55  ILE n 
1 56  LEU n 
1 57  VAL n 
1 58  VAL n 
1 59  PHE n 
1 60  ALA n 
1 61  ARG n 
1 62  GLY n 
1 63  ALA n 
1 64  HIS n 
1 65  GLY n 
1 66  ASP n 
1 67  ASP n 
1 68  HIS n 
1 69  ALA n 
1 70  PHE n 
1 71  ASP n 
1 72  GLY n 
1 73  LYS n 
1 74  GLY n 
1 75  GLY n 
1 76  ILE n 
1 77  LEU n 
1 78  ALA n 
1 79  HIS n 
1 80  ALA n 
1 81  PHE n 
1 82  GLY n 
1 83  PRO n 
1 84  GLY n 
1 85  SER n 
1 86  GLY n 
1 87  ILE n 
1 88  GLY n 
1 89  GLY n 
1 90  ASP n 
1 91  ALA n 
1 92  HIS n 
1 93  PHE n 
1 94  ASP n 
1 95  GLU n 
1 96  ASP n 
1 97  GLU n 
1 98  PHE n 
1 99  TRP n 
1 100 THR n 
1 101 THR n 
1 102 HIS n 
1 103 SER n 
1 104 GLY n 
1 105 GLY n 
1 106 THR n 
1 107 ASN n 
1 108 LEU n 
1 109 PHE n 
1 110 LEU n 
1 111 THR n 
1 112 ALA n 
1 113 VAL n 
1 114 HIS n 
1 115 GLU n 
1 116 ILE n 
1 117 GLY n 
1 118 HIS n 
1 119 SER n 
1 120 LEU n 
1 121 GLY n 
1 122 LEU n 
1 123 GLY n 
1 124 HIS n 
1 125 SER n 
1 126 SER n 
1 127 ASP n 
1 128 PRO n 
1 129 LYS n 
1 130 ALA n 
1 131 VAL n 
1 132 MET n 
1 133 PHE n 
1 134 PRO n 
1 135 THR n 
1 136 TYR n 
1 137 LYS n 
1 138 TYR n 
1 139 VAL n 
1 140 ASP n 
1 141 ILE n 
1 142 ASN n 
1 143 THR n 
1 144 PHE n 
1 145 ARG n 
1 146 LEU n 
1 147 SER n 
1 148 ALA n 
1 149 ASP n 
1 150 ASP n 
1 151 ILE n 
1 152 ARG n 
1 153 GLY n 
1 154 ILE n 
1 155 GLN n 
1 156 SER n 
1 157 LEU n 
1 158 TYR n 
1 159 GLY n 
2 1   PRO n 
2 2   GLN n 
2 3   GLY n 
3 1   ILE n 
3 2   ALA n 
3 3   GLY n 
# 
_entity_src_gen.entity_id                          1 
_entity_src_gen.pdbx_src_id                        1 
_entity_src_gen.pdbx_alt_source_flag               sample 
_entity_src_gen.pdbx_seq_type                      ? 
_entity_src_gen.pdbx_beg_seq_num                   ? 
_entity_src_gen.pdbx_end_seq_num                   ? 
_entity_src_gen.gene_src_common_name               human 
_entity_src_gen.gene_src_genus                     Homo 
_entity_src_gen.pdbx_gene_src_gene                 'MMP12, HME' 
_entity_src_gen.gene_src_species                   ? 
_entity_src_gen.gene_src_strain                    ? 
_entity_src_gen.gene_src_tissue                    ? 
_entity_src_gen.gene_src_tissue_fraction           ? 
_entity_src_gen.gene_src_details                   ? 
_entity_src_gen.pdbx_gene_src_fragment             ? 
_entity_src_gen.pdbx_gene_src_scientific_name      'Homo sapiens' 
_entity_src_gen.pdbx_gene_src_ncbi_taxonomy_id     9606 
_entity_src_gen.pdbx_gene_src_variant              ? 
_entity_src_gen.pdbx_gene_src_cell_line            ? 
_entity_src_gen.pdbx_gene_src_atcc                 ? 
_entity_src_gen.pdbx_gene_src_organ                ? 
_entity_src_gen.pdbx_gene_src_organelle            ? 
_entity_src_gen.pdbx_gene_src_cell                 ? 
_entity_src_gen.pdbx_gene_src_cellular_location    ? 
_entity_src_gen.host_org_common_name               ? 
_entity_src_gen.pdbx_host_org_scientific_name      'Escherichia coli BL21(DE3)' 
_entity_src_gen.pdbx_host_org_ncbi_taxonomy_id     469008 
_entity_src_gen.host_org_genus                     Escherichia 
_entity_src_gen.pdbx_host_org_gene                 ? 
_entity_src_gen.pdbx_host_org_organ                ? 
_entity_src_gen.host_org_species                   'Escherichia coli' 
_entity_src_gen.pdbx_host_org_tissue               ? 
_entity_src_gen.pdbx_host_org_tissue_fraction      ? 
_entity_src_gen.pdbx_host_org_strain               BL21DE3 
_entity_src_gen.pdbx_host_org_variant              ? 
_entity_src_gen.pdbx_host_org_cell_line            ? 
_entity_src_gen.pdbx_host_org_atcc                 ? 
_entity_src_gen.pdbx_host_org_culture_collection   ? 
_entity_src_gen.pdbx_host_org_cell                 ? 
_entity_src_gen.pdbx_host_org_organelle            ? 
_entity_src_gen.pdbx_host_org_cellular_location    ? 
_entity_src_gen.pdbx_host_org_vector_type          plasmid 
_entity_src_gen.pdbx_host_org_vector               ? 
_entity_src_gen.host_org_details                   ? 
_entity_src_gen.expression_system_id               ? 
_entity_src_gen.plasmid_name                       pET21 
_entity_src_gen.plasmid_details                    ? 
_entity_src_gen.pdbx_description                   ? 
# 
loop_
_struct_ref.id 
_struct_ref.db_name 
_struct_ref.db_code 
_struct_ref.pdbx_db_accession 
_struct_ref.entity_id 
_struct_ref.pdbx_seq_one_letter_code 
_struct_ref.pdbx_align_begin 
_struct_ref.pdbx_db_isoform 
1 UNP MMP12_HUMAN P39900 1 
;GPVWRKHYITYRINNYTPDMNREDVDYAIRKAFQVWSNVTPLKFSKINTGMADILVVFARGAHGDFHAFDGKGGILAHAF
GPGSGIGGDAHFDEDEFWTTHSGGTNLFLTAVHEIGHSLGLGHSSDPKAVMFPTYKYVDINTFRLSADDIRGIQSLYG
;
106 ? 
2 PDB 2OXZ        2OXZ   2 ? ?   ? 
3 PDB 2OXZ        2OXZ   3 ? ?   ? 
# 
loop_
_struct_ref_seq.align_id 
_struct_ref_seq.ref_id 
_struct_ref_seq.pdbx_PDB_id_code 
_struct_ref_seq.pdbx_strand_id 
_struct_ref_seq.seq_align_beg 
_struct_ref_seq.pdbx_seq_align_beg_ins_code 
_struct_ref_seq.seq_align_end 
_struct_ref_seq.pdbx_seq_align_end_ins_code 
_struct_ref_seq.pdbx_db_accession 
_struct_ref_seq.db_align_beg 
_struct_ref_seq.pdbx_db_align_beg_ins_code 
_struct_ref_seq.db_align_end 
_struct_ref_seq.pdbx_db_align_end_ins_code 
_struct_ref_seq.pdbx_auth_seq_align_beg 
_struct_ref_seq.pdbx_auth_seq_align_end 
1 1 2OXZ A 2 ? 159 ? P39900 106 ? 263 ? 106 263 
2 2 2OXZ Y 1 ? 3   ? 2OXZ   204 ? 206 ? 204 206 
3 3 2OXZ X 1 ? 3   ? 2OXZ   207 ? 209 ? 207 209 
# 
loop_
_struct_ref_seq_dif.align_id 
_struct_ref_seq_dif.pdbx_pdb_id_code 
_struct_ref_seq_dif.mon_id 
_struct_ref_seq_dif.pdbx_pdb_strand_id 
_struct_ref_seq_dif.seq_num 
_struct_ref_seq_dif.pdbx_pdb_ins_code 
_struct_ref_seq_dif.pdbx_seq_db_name 
_struct_ref_seq_dif.pdbx_seq_db_accession_code 
_struct_ref_seq_dif.db_mon_id 
_struct_ref_seq_dif.pdbx_seq_db_seq_num 
_struct_ref_seq_dif.details 
_struct_ref_seq_dif.pdbx_auth_seq_num 
_struct_ref_seq_dif.pdbx_ordinal 
1 2OXZ MET A 1  ? UNP P39900 ?   ?   'initiating methionine' 105 1 
1 2OXZ ASP A 67 ? UNP P39900 PHE 171 'engineered mutation'   171 2 
# 
loop_
_chem_comp.id 
_chem_comp.type 
_chem_comp.mon_nstd_flag 
_chem_comp.name 
_chem_comp.pdbx_synonyms 
_chem_comp.formula 
_chem_comp.formula_weight 
ALA 'L-peptide linking' y ALANINE         ? 'C3 H7 N O2'     89.093  
ARG 'L-peptide linking' y ARGININE        ? 'C6 H15 N4 O2 1' 175.209 
ASN 'L-peptide linking' y ASPARAGINE      ? 'C4 H8 N2 O3'    132.118 
ASP 'L-peptide linking' y 'ASPARTIC ACID' ? 'C4 H7 N O4'     133.103 
CA  non-polymer         . 'CALCIUM ION'   ? 'Ca 2'           40.078  
GLN 'L-peptide linking' y GLUTAMINE       ? 'C5 H10 N2 O3'   146.144 
GLU 'L-peptide linking' y 'GLUTAMIC ACID' ? 'C5 H9 N O4'     147.129 
GLY 'peptide linking'   y GLYCINE         ? 'C2 H5 N O2'     75.067  
HIS 'L-peptide linking' y HISTIDINE       ? 'C6 H10 N3 O2 1' 156.162 
HOH non-polymer         . WATER           ? 'H2 O'           18.015  
ILE 'L-peptide linking' y ISOLEUCINE      ? 'C6 H13 N O2'    131.173 
LEU 'L-peptide linking' y LEUCINE         ? 'C6 H13 N O2'    131.173 
LYS 'L-peptide linking' y LYSINE          ? 'C6 H15 N2 O2 1' 147.195 
MET 'L-peptide linking' y METHIONINE      ? 'C5 H11 N O2 S'  149.211 
PHE 'L-peptide linking' y PHENYLALANINE   ? 'C9 H11 N O2'    165.189 
PRO 'L-peptide linking' y PROLINE         ? 'C5 H9 N O2'     115.130 
SER 'L-peptide linking' y SERINE          ? 'C3 H7 N O3'     105.093 
THR 'L-peptide linking' y THREONINE       ? 'C4 H9 N O3'     119.119 
TRP 'L-peptide linking' y TRYPTOPHAN      ? 'C11 H12 N2 O2'  204.225 
TYR 'L-peptide linking' y TYROSINE        ? 'C9 H11 N O3'    181.189 
VAL 'L-peptide linking' y VALINE          ? 'C5 H11 N O2'    117.146 
ZN  non-polymer         . 'ZINC ION'      ? 'Zn 2'           65.409  
# 
_exptl.entry_id          2OXZ 
_exptl.method            'X-RAY DIFFRACTION' 
_exptl.crystals_number   1 
# 
_exptl_crystal.id                    1 
_exptl_crystal.density_meas          ? 
_exptl_crystal.density_Matthews      2.10 
_exptl_crystal.density_percent_sol   41.56 
_exptl_crystal.description           ? 
_exptl_crystal.F_000                 ? 
_exptl_crystal.preparation           ? 
# 
_exptl_crystal_grow.crystal_id      1 
_exptl_crystal_grow.method          'VAPOR DIFFUSION, SITTING DROP' 
_exptl_crystal_grow.temp            298 
_exptl_crystal_grow.temp_details    ? 
_exptl_crystal_grow.pH              8.0 
_exptl_crystal_grow.pdbx_details    '0.1 M Tris-HCl, 30% PEG6000, pH 8.0, VAPOR DIFFUSION, SITTING DROP, temperature 298K' 
_exptl_crystal_grow.pdbx_pH_range   . 
# 
_diffrn.id                     1 
_diffrn.ambient_temp           100 
_diffrn.ambient_temp_details   ? 
_diffrn.crystal_id             1 
# 
_diffrn_detector.diffrn_id              1 
_diffrn_detector.detector               CCD 
_diffrn_detector.type                   KODAK 
_diffrn_detector.pdbx_collection_date   2006-06-05 
_diffrn_detector.details                'Enhance Ultra' 
# 
_diffrn_radiation.diffrn_id                        1 
_diffrn_radiation.wavelength_id                    1 
_diffrn_radiation.pdbx_monochromatic_or_laue_m_l   M 
_diffrn_radiation.monochromator                    'Enhance Ultra' 
_diffrn_radiation.pdbx_diffrn_protocol             'SINGLE WAVELENGTH' 
_diffrn_radiation.pdbx_scattering_type             x-ray 
# 
_diffrn_radiation_wavelength.id           1 
_diffrn_radiation_wavelength.wavelength   1.5418 
_diffrn_radiation_wavelength.wt           1.0 
# 
_diffrn_source.diffrn_id                   1 
_diffrn_source.source                      'SEALED TUBE' 
_diffrn_source.type                        OTHER 
_diffrn_source.pdbx_synchrotron_site       ? 
_diffrn_source.pdbx_synchrotron_beamline   ? 
_diffrn_source.pdbx_wavelength             1.5418 
_diffrn_source.pdbx_wavelength_list        ? 
# 
_reflns.entry_id                     2OXZ 
_reflns.observed_criterion_sigma_F   0 
_reflns.observed_criterion_sigma_I   0 
_reflns.d_resolution_high            1.90 
_reflns.d_resolution_low             30.19 
_reflns.number_all                   11726 
_reflns.number_obs                   11726 
_reflns.percent_possible_obs         98.1 
_reflns.pdbx_Rmerge_I_obs            0.137 
_reflns.pdbx_Rsym_value              0.137 
_reflns.pdbx_netI_over_sigmaI        4.7 
_reflns.B_iso_Wilson_estimate        7.69 
_reflns.pdbx_redundancy              5.6 
_reflns.R_free_details               ? 
_reflns.limit_h_max                  ? 
_reflns.limit_h_min                  ? 
_reflns.limit_k_max                  ? 
_reflns.limit_k_min                  ? 
_reflns.limit_l_max                  ? 
_reflns.limit_l_min                  ? 
_reflns.observed_criterion_F_max     ? 
_reflns.observed_criterion_F_min     ? 
_reflns.pdbx_chi_squared             ? 
_reflns.pdbx_scaling_rejects         ? 
_reflns.pdbx_diffrn_id               1 
_reflns.pdbx_ordinal                 1 
# 
_reflns_shell.d_res_high             1.90 
_reflns_shell.d_res_low              2.00 
_reflns_shell.percent_possible_all   98.1 
_reflns_shell.Rmerge_I_obs           0.327 
_reflns_shell.pdbx_Rsym_value        0.327 
_reflns_shell.meanI_over_sigI_obs    2.3 
_reflns_shell.pdbx_redundancy        3.0 
_reflns_shell.percent_possible_obs   ? 
_reflns_shell.number_unique_all      1505 
_reflns_shell.number_measured_all    ? 
_reflns_shell.number_measured_obs    ? 
_reflns_shell.number_unique_obs      ? 
_reflns_shell.pdbx_chi_squared       ? 
_reflns_shell.pdbx_diffrn_id         ? 
_reflns_shell.pdbx_ordinal           1 
# 
_refine.entry_id                                 2OXZ 
_refine.ls_number_reflns_obs                     10691 
_refine.ls_number_reflns_all                     10691 
_refine.pdbx_ls_sigma_I                          0 
_refine.pdbx_ls_sigma_F                          0 
_refine.pdbx_data_cutoff_high_absF               ? 
_refine.pdbx_data_cutoff_low_absF                ? 
_refine.pdbx_data_cutoff_high_rms_absF           ? 
_refine.ls_d_res_low                             30.19 
_refine.ls_d_res_high                            1.90 
_refine.ls_percent_reflns_obs                    100.00 
_refine.ls_R_factor_obs                          0.21406 
_refine.ls_R_factor_all                          0.21406 
_refine.ls_R_factor_R_work                       0.20694 
_refine.ls_R_factor_R_free                       0.28767 
_refine.ls_R_factor_R_free_error                 ? 
_refine.ls_R_factor_R_free_error_details         ? 
_refine.ls_percent_reflns_R_free                 8.8 
_refine.ls_number_reflns_R_free                  1033 
_refine.ls_number_parameters                     ? 
_refine.ls_number_restraints                     ? 
_refine.occupancy_min                            ? 
_refine.occupancy_max                            ? 
_refine.correlation_coeff_Fo_to_Fc               0.906 
_refine.correlation_coeff_Fo_to_Fc_free          0.835 
_refine.B_iso_mean                               9.801 
_refine.aniso_B[1][1]                            -0.07 
_refine.aniso_B[2][2]                            0.04 
_refine.aniso_B[3][3]                            -0.13 
_refine.aniso_B[1][2]                            0.00 
_refine.aniso_B[1][3]                            -0.18 
_refine.aniso_B[2][3]                            0.00 
_refine.solvent_model_details                    MASK 
_refine.solvent_model_param_ksol                 ? 
_refine.solvent_model_param_bsol                 ? 
_refine.pdbx_solvent_vdw_probe_radii             1.20 
_refine.pdbx_solvent_ion_probe_radii             0.80 
_refine.pdbx_solvent_shrinkage_radii             0.80 
_refine.pdbx_ls_cross_valid_method               THROUGHOUT 
_refine.details                                  'HYDROGENS HAVE BEEN ADDED IN THE RIDING POSITIONS' 
_refine.pdbx_starting_model                      'pdb entry 1Y93' 
_refine.pdbx_method_to_determine_struct          'MOLECULAR REPLACEMENT' 
_refine.pdbx_isotropic_thermal_model             Isotropic 
_refine.pdbx_stereochemistry_target_values       'MAXIMUM LIKELIHOOD' 
_refine.pdbx_stereochem_target_val_spec_case     ? 
_refine.pdbx_R_Free_selection_details            RANDOM 
_refine.pdbx_overall_ESU_R                       0.211 
_refine.pdbx_overall_ESU_R_Free                  0.203 
_refine.overall_SU_ML                            0.156 
_refine.overall_SU_B                             5.477 
_refine.ls_redundancy_reflns_obs                 ? 
_refine.B_iso_min                                ? 
_refine.B_iso_max                                ? 
_refine.overall_SU_R_Cruickshank_DPI             ? 
_refine.overall_SU_R_free                        ? 
_refine.ls_wR_factor_R_free                      ? 
_refine.ls_wR_factor_R_work                      ? 
_refine.overall_FOM_free_R_set                   ? 
_refine.overall_FOM_work_R_set                   ? 
_refine.pdbx_refine_id                           'X-RAY DIFFRACTION' 
_refine.pdbx_diffrn_id                           1 
_refine.pdbx_TLS_residual_ADP_flag               ? 
_refine.pdbx_overall_phase_error                 ? 
_refine.pdbx_overall_SU_R_free_Cruickshank_DPI   ? 
_refine.pdbx_overall_SU_R_Blow_DPI               ? 
_refine.pdbx_overall_SU_R_free_Blow_DPI          ? 
# 
_refine_hist.pdbx_refine_id                   'X-RAY DIFFRACTION' 
_refine_hist.cycle_id                         LAST 
_refine_hist.pdbx_number_atoms_protein        1269 
_refine_hist.pdbx_number_atoms_nucleic_acid   0 
_refine_hist.pdbx_number_atoms_ligand         5 
_refine_hist.number_atoms_solvent             107 
_refine_hist.number_atoms_total               1381 
_refine_hist.d_res_high                       1.90 
_refine_hist.d_res_low                        30.19 
# 
loop_
_refine_ls_restr.type 
_refine_ls_restr.dev_ideal 
_refine_ls_restr.dev_ideal_target 
_refine_ls_restr.weight 
_refine_ls_restr.number 
_refine_ls_restr.pdbx_refine_id 
_refine_ls_restr.pdbx_restraint_function 
r_bond_refined_d             0.021  0.021  ? 1304 'X-RAY DIFFRACTION' ? 
r_bond_other_d               ?      ?      ? ?    'X-RAY DIFFRACTION' ? 
r_angle_refined_deg          1.860  1.917  ? 1766 'X-RAY DIFFRACTION' ? 
r_angle_other_deg            ?      ?      ? ?    'X-RAY DIFFRACTION' ? 
r_dihedral_angle_1_deg       6.783  5.000  ? 160  'X-RAY DIFFRACTION' ? 
r_dihedral_angle_2_deg       36.378 23.281 ? 64   'X-RAY DIFFRACTION' ? 
r_dihedral_angle_3_deg       15.894 15.000 ? 192  'X-RAY DIFFRACTION' ? 
r_dihedral_angle_4_deg       20.653 15.000 ? 7    'X-RAY DIFFRACTION' ? 
r_chiral_restr               0.120  0.200  ? 182  'X-RAY DIFFRACTION' ? 
r_gen_planes_refined         0.009  0.020  ? 1029 'X-RAY DIFFRACTION' ? 
r_gen_planes_other           ?      ?      ? ?    'X-RAY DIFFRACTION' ? 
r_nbd_refined                0.224  0.200  ? 652  'X-RAY DIFFRACTION' ? 
r_nbd_other                  ?      ?      ? ?    'X-RAY DIFFRACTION' ? 
r_nbtor_refined              0.312  0.200  ? 895  'X-RAY DIFFRACTION' ? 
r_nbtor_other                ?      ?      ? ?    'X-RAY DIFFRACTION' ? 
r_xyhbond_nbd_refined        0.204  0.200  ? 97   'X-RAY DIFFRACTION' ? 
r_xyhbond_nbd_other          ?      ?      ? ?    'X-RAY DIFFRACTION' ? 
r_metal_ion_refined          0.187  0.200  ? 14   'X-RAY DIFFRACTION' ? 
r_metal_ion_other            ?      ?      ? ?    'X-RAY DIFFRACTION' ? 
r_symmetry_vdw_refined       0.218  0.200  ? 48   'X-RAY DIFFRACTION' ? 
r_symmetry_vdw_other         ?      ?      ? ?    'X-RAY DIFFRACTION' ? 
r_symmetry_hbond_refined     0.378  0.200  ? 21   'X-RAY DIFFRACTION' ? 
r_symmetry_hbond_other       ?      ?      ? ?    'X-RAY DIFFRACTION' ? 
r_symmetry_metal_ion_refined ?      ?      ? ?    'X-RAY DIFFRACTION' ? 
r_symmetry_metal_ion_other   ?      ?      ? ?    'X-RAY DIFFRACTION' ? 
r_mcbond_it                  1.134  1.500  ? 813  'X-RAY DIFFRACTION' ? 
r_mcbond_other               ?      ?      ? ?    'X-RAY DIFFRACTION' ? 
r_mcangle_it                 1.708  2.000  ? 1272 'X-RAY DIFFRACTION' ? 
r_scbond_it                  2.777  3.000  ? 561  'X-RAY DIFFRACTION' ? 
r_scangle_it                 3.923  4.500  ? 494  'X-RAY DIFFRACTION' ? 
r_rigid_bond_restr           1.317  3.000  ? 8    'X-RAY DIFFRACTION' ? 
r_sphericity_free            ?      ?      ? ?    'X-RAY DIFFRACTION' ? 
r_sphericity_bonded          4.311  3.000  ? 9    'X-RAY DIFFRACTION' ? 
# 
_refine_ls_shell.pdbx_total_number_of_bins_used   20 
_refine_ls_shell.d_res_high                       1.900 
_refine_ls_shell.d_res_low                        1.949 
_refine_ls_shell.number_reflns_R_work             616 
_refine_ls_shell.R_factor_R_work                  0.29 
_refine_ls_shell.percent_reflns_obs               100.00 
_refine_ls_shell.R_factor_R_free                  0.367 
_refine_ls_shell.R_factor_R_free_error            ? 
_refine_ls_shell.percent_reflns_R_free            ? 
_refine_ls_shell.number_reflns_R_free             60 
_refine_ls_shell.number_reflns_all                ? 
_refine_ls_shell.R_factor_all                     ? 
_refine_ls_shell.number_reflns_obs                ? 
_refine_ls_shell.redundancy_reflns_obs            ? 
_refine_ls_shell.pdbx_refine_id                   'X-RAY DIFFRACTION' 
# 
_struct.entry_id                  2OXZ 
_struct.title                     'Human MMP-12 in complex with two peptides PQG and IAG' 
_struct.pdbx_model_details        ? 
_struct.pdbx_CASP_flag            ? 
_struct.pdbx_model_type_details   ? 
# 
_struct_keywords.entry_id        2OXZ 
_struct_keywords.pdbx_keywords   HYDROLASE 
_struct_keywords.text            'MMP-12, Matrix Metalloproteinase, HYDROLASE' 
# 
loop_
_struct_asym.id 
_struct_asym.pdbx_blank_PDB_chainid_flag 
_struct_asym.pdbx_modified 
_struct_asym.entity_id 
_struct_asym.details 
A N N 1 ? 
B N N 2 ? 
C N N 3 ? 
D N N 4 ? 
E N N 4 ? 
F N N 5 ? 
G N N 5 ? 
H N N 5 ? 
I N N 6 ? 
J N N 6 ? 
# 
loop_
_struct_conf.conf_type_id 
_struct_conf.id 
_struct_conf.pdbx_PDB_helix_id 
_struct_conf.beg_label_comp_id 
_struct_conf.beg_label_asym_id 
_struct_conf.beg_label_seq_id 
_struct_conf.pdbx_beg_PDB_ins_code 
_struct_conf.end_label_comp_id 
_struct_conf.end_label_asym_id 
_struct_conf.end_label_seq_id 
_struct_conf.pdbx_end_PDB_ins_code 
_struct_conf.beg_auth_comp_id 
_struct_conf.beg_auth_asym_id 
_struct_conf.beg_auth_seq_id 
_struct_conf.end_auth_comp_id 
_struct_conf.end_auth_asym_id 
_struct_conf.end_auth_seq_id 
_struct_conf.pdbx_PDB_helix_class 
_struct_conf.details 
_struct_conf.pdbx_PDB_helix_length 
HELX_P HELX_P1 1 ASN A 22  ? ASN A 39  ? ASN A 126 ASN A 143 1 ? 18 
HELX_P HELX_P2 2 LEU A 108 ? GLY A 121 ? LEU A 212 GLY A 225 1 ? 14 
HELX_P HELX_P3 3 SER A 147 ? TYR A 158 ? SER A 251 TYR A 262 1 ? 12 
# 
_struct_conf_type.id          HELX_P 
_struct_conf_type.criteria    ? 
_struct_conf_type.reference   ? 
# 
loop_
_struct_conn.id 
_struct_conn.conn_type_id 
_struct_conn.pdbx_leaving_atom_flag 
_struct_conn.pdbx_PDB_id 
_struct_conn.ptnr1_label_asym_id 
_struct_conn.ptnr1_label_comp_id 
_struct_conn.ptnr1_label_seq_id 
_struct_conn.ptnr1_label_atom_id 
_struct_conn.pdbx_ptnr1_label_alt_id 
_struct_conn.pdbx_ptnr1_PDB_ins_code 
_struct_conn.pdbx_ptnr1_standard_comp_id 
_struct_conn.ptnr1_symmetry 
_struct_conn.ptnr2_label_asym_id 
_struct_conn.ptnr2_label_comp_id 
_struct_conn.ptnr2_label_seq_id 
_struct_conn.ptnr2_label_atom_id 
_struct_conn.pdbx_ptnr2_label_alt_id 
_struct_conn.pdbx_ptnr2_PDB_ins_code 
_struct_conn.ptnr1_auth_asym_id 
_struct_conn.ptnr1_auth_comp_id 
_struct_conn.ptnr1_auth_seq_id 
_struct_conn.ptnr2_auth_asym_id 
_struct_conn.ptnr2_auth_comp_id 
_struct_conn.ptnr2_auth_seq_id 
_struct_conn.ptnr2_symmetry 
_struct_conn.pdbx_ptnr3_label_atom_id 
_struct_conn.pdbx_ptnr3_label_seq_id 
_struct_conn.pdbx_ptnr3_label_comp_id 
_struct_conn.pdbx_ptnr3_label_asym_id 
_struct_conn.pdbx_ptnr3_label_alt_id 
_struct_conn.pdbx_ptnr3_PDB_ins_code 
_struct_conn.details 
_struct_conn.pdbx_dist_value 
_struct_conn.pdbx_value_order 
_struct_conn.pdbx_role 
metalc1  metalc ? ? A ASP 20  OD1 ? ? ? 1_555 G CA  . CA  ? ? A ASP 124 A CA  267 1_555 ? ? ? ? ? ? ? 2.597 ? ? 
metalc2  metalc ? ? A ASP 20  OD2 ? ? ? 1_555 G CA  . CA  ? ? A ASP 124 A CA  267 1_555 ? ? ? ? ? ? ? 2.319 ? ? 
metalc3  metalc ? ? A ASP 54  O   ? ? ? 1_555 F CA  . CA  ? ? A ASP 158 A CA  266 1_555 ? ? ? ? ? ? ? 2.335 ? ? 
metalc4  metalc ? ? A HIS 64  NE2 ? ? ? 1_555 E ZN  . ZN  ? ? A HIS 168 A ZN  265 1_555 ? ? ? ? ? ? ? 2.188 ? ? 
metalc5  metalc ? ? A ASP 66  OD1 ? ? ? 1_555 E ZN  . ZN  ? ? A ASP 170 A ZN  265 1_555 ? ? ? ? ? ? ? 1.993 ? ? 
metalc6  metalc ? ? A ASP 71  OD2 ? ? ? 1_555 H CA  . CA  ? ? A ASP 175 A CA  268 1_555 ? ? ? ? ? ? ? 2.465 ? ? 
metalc7  metalc ? ? A GLY 72  O   ? ? ? 1_555 H CA  . CA  ? ? A GLY 176 A CA  268 1_555 ? ? ? ? ? ? ? 2.452 ? ? 
metalc8  metalc ? ? A GLY 74  O   ? ? ? 1_555 H CA  . CA  ? ? A GLY 178 A CA  268 1_555 ? ? ? ? ? ? ? 2.400 ? ? 
metalc9  metalc ? ? A ILE 76  O   ? ? ? 1_555 H CA  . CA  ? ? A ILE 180 A CA  268 1_555 ? ? ? ? ? ? ? 2.461 ? ? 
metalc10 metalc ? ? A HIS 79  NE2 ? ? ? 1_555 E ZN  . ZN  ? ? A HIS 183 A ZN  265 1_555 ? ? ? ? ? ? ? 1.983 ? ? 
metalc11 metalc ? ? A GLY 86  O   ? ? ? 1_555 F CA  . CA  ? ? A GLY 190 A CA  266 1_555 ? ? ? ? ? ? ? 2.370 ? ? 
metalc12 metalc ? ? A GLY 88  O   ? ? ? 1_555 F CA  . CA  ? ? A GLY 192 A CA  266 1_555 ? ? ? ? ? ? ? 2.531 ? ? 
metalc13 metalc ? ? A ASP 90  OD2 ? ? ? 1_555 F CA  . CA  ? ? A ASP 194 A CA  266 1_555 ? ? ? ? ? ? ? 2.658 ? ? 
metalc14 metalc ? ? A HIS 92  ND1 ? ? ? 1_555 E ZN  . ZN  ? ? A HIS 196 A ZN  265 1_555 ? ? ? ? ? ? ? 2.225 ? ? 
metalc15 metalc ? ? A ASP 94  OD1 ? ? ? 1_555 H CA  . CA  ? ? A ASP 198 A CA  268 1_555 ? ? ? ? ? ? ? 2.206 ? ? 
metalc16 metalc ? ? A GLU 95  O   ? ? ? 1_555 G CA  . CA  ? ? A GLU 199 A CA  267 1_555 ? ? ? ? ? ? ? 2.221 ? ? 
metalc17 metalc ? ? A GLU 95  OE2 ? ? ? 1_555 G CA  . CA  ? ? A GLU 199 A CA  267 1_555 ? ? ? ? ? ? ? 2.286 ? ? 
metalc18 metalc ? ? A GLU 97  O   ? ? ? 1_555 G CA  . CA  ? ? A GLU 201 A CA  267 1_555 ? ? ? ? ? ? ? 2.352 ? ? 
metalc19 metalc ? ? A GLU 97  OE2 ? ? ? 1_555 H CA  . CA  ? ? A GLU 201 A CA  268 1_555 ? ? ? ? ? ? ? 2.165 ? ? 
metalc20 metalc ? ? A HIS 114 NE2 ? ? ? 1_555 D ZN  . ZN  ? ? A HIS 218 A ZN  264 1_555 ? ? ? ? ? ? ? 2.114 ? ? 
metalc21 metalc ? ? A HIS 118 NE2 ? ? ? 1_555 D ZN  . ZN  ? ? A HIS 222 A ZN  264 1_555 ? ? ? ? ? ? ? 2.005 ? ? 
metalc22 metalc ? ? A HIS 124 NE2 ? ? ? 1_555 D ZN  . ZN  ? ? A HIS 228 A ZN  264 1_555 ? ? ? ? ? ? ? 2.019 ? ? 
metalc23 metalc ? ? D ZN  .   ZN  ? ? ? 1_555 B GLY 3 OXT ? ? A ZN  264 Y GLY 206 1_555 ? ? ? ? ? ? ? 2.365 ? ? 
metalc24 metalc ? ? F CA  .   CA  ? ? ? 1_555 I HOH . O   ? ? A CA  266 A HOH 299 1_555 ? ? ? ? ? ? ? 2.589 ? ? 
metalc25 metalc ? ? F CA  .   CA  ? ? ? 1_555 I HOH . O   ? ? A CA  266 A HOH 361 1_555 ? ? ? ? ? ? ? 1.886 ? ? 
metalc26 metalc ? ? G CA  .   CA  ? ? ? 1_555 I HOH . O   ? ? A CA  267 A HOH 288 1_555 ? ? ? ? ? ? ? 2.689 ? ? 
metalc27 metalc ? ? G CA  .   CA  ? ? ? 1_555 I HOH . O   ? ? A CA  267 A HOH 302 1_555 ? ? ? ? ? ? ? 2.643 ? ? 
# 
_struct_conn_type.id          metalc 
_struct_conn_type.criteria    ? 
_struct_conn_type.reference   ? 
# 
_struct_mon_prot_cis.pdbx_id                1 
_struct_mon_prot_cis.label_comp_id          GLN 
_struct_mon_prot_cis.label_seq_id           2 
_struct_mon_prot_cis.label_asym_id          B 
_struct_mon_prot_cis.label_alt_id           . 
_struct_mon_prot_cis.pdbx_PDB_ins_code      ? 
_struct_mon_prot_cis.auth_comp_id           GLN 
_struct_mon_prot_cis.auth_seq_id            205 
_struct_mon_prot_cis.auth_asym_id           Y 
_struct_mon_prot_cis.pdbx_label_comp_id_2   GLY 
_struct_mon_prot_cis.pdbx_label_seq_id_2    3 
_struct_mon_prot_cis.pdbx_label_asym_id_2   B 
_struct_mon_prot_cis.pdbx_PDB_ins_code_2    ? 
_struct_mon_prot_cis.pdbx_auth_comp_id_2    GLY 
_struct_mon_prot_cis.pdbx_auth_seq_id_2     206 
_struct_mon_prot_cis.pdbx_auth_asym_id_2    Y 
_struct_mon_prot_cis.pdbx_PDB_model_num     1 
_struct_mon_prot_cis.pdbx_omega_angle       17.17 
# 
loop_
_struct_sheet.id 
_struct_sheet.type 
_struct_sheet.number_strands 
_struct_sheet.details 
A ? 5 ? 
B ? 2 ? 
# 
loop_
_struct_sheet_order.sheet_id 
_struct_sheet_order.range_id_1 
_struct_sheet_order.range_id_2 
_struct_sheet_order.offset 
_struct_sheet_order.sense 
A 1 2 ? parallel      
A 2 3 ? parallel      
A 3 4 ? parallel      
A 4 5 ? anti-parallel 
B 1 2 ? parallel      
# 
loop_
_struct_sheet_range.sheet_id 
_struct_sheet_range.id 
_struct_sheet_range.beg_label_comp_id 
_struct_sheet_range.beg_label_asym_id 
_struct_sheet_range.beg_label_seq_id 
_struct_sheet_range.pdbx_beg_PDB_ins_code 
_struct_sheet_range.end_label_comp_id 
_struct_sheet_range.end_label_asym_id 
_struct_sheet_range.end_label_seq_id 
_struct_sheet_range.pdbx_end_PDB_ins_code 
_struct_sheet_range.beg_auth_comp_id 
_struct_sheet_range.beg_auth_asym_id 
_struct_sheet_range.beg_auth_seq_id 
_struct_sheet_range.end_auth_comp_id 
_struct_sheet_range.end_auth_asym_id 
_struct_sheet_range.end_auth_seq_id 
A 1 LYS A 44  ? LYS A 47  ? LYS A 148 LYS A 151 
A 2 TYR A 9   ? ILE A 14  ? TYR A 113 ILE A 118 
A 3 ILE A 55  ? ALA A 60  ? ILE A 159 ALA A 164 
A 4 ALA A 91  ? ASP A 94  ? ALA A 195 ASP A 198 
A 5 ALA A 78  ? ALA A 80  ? ALA A 182 ALA A 184 
B 1 TRP A 99  ? THR A 100 ? TRP A 203 THR A 204 
B 2 THR A 106 ? ASN A 107 ? THR A 210 ASN A 211 
# 
loop_
_pdbx_struct_sheet_hbond.sheet_id 
_pdbx_struct_sheet_hbond.range_id_1 
_pdbx_struct_sheet_hbond.range_id_2 
_pdbx_struct_sheet_hbond.range_1_label_atom_id 
_pdbx_struct_sheet_hbond.range_1_label_comp_id 
_pdbx_struct_sheet_hbond.range_1_label_asym_id 
_pdbx_struct_sheet_hbond.range_1_label_seq_id 
_pdbx_struct_sheet_hbond.range_1_PDB_ins_code 
_pdbx_struct_sheet_hbond.range_1_auth_atom_id 
_pdbx_struct_sheet_hbond.range_1_auth_comp_id 
_pdbx_struct_sheet_hbond.range_1_auth_asym_id 
_pdbx_struct_sheet_hbond.range_1_auth_seq_id 
_pdbx_struct_sheet_hbond.range_2_label_atom_id 
_pdbx_struct_sheet_hbond.range_2_label_comp_id 
_pdbx_struct_sheet_hbond.range_2_label_asym_id 
_pdbx_struct_sheet_hbond.range_2_label_seq_id 
_pdbx_struct_sheet_hbond.range_2_PDB_ins_code 
_pdbx_struct_sheet_hbond.range_2_auth_atom_id 
_pdbx_struct_sheet_hbond.range_2_auth_comp_id 
_pdbx_struct_sheet_hbond.range_2_auth_asym_id 
_pdbx_struct_sheet_hbond.range_2_auth_seq_id 
A 1 2 O LYS A 44  ? O LYS A 148 N ILE A 10  ? N ILE A 114 
A 2 3 N ARG A 13  ? N ARG A 117 O VAL A 57  ? O VAL A 161 
A 3 4 N VAL A 58  ? N VAL A 162 O PHE A 93  ? O PHE A 197 
A 4 5 O HIS A 92  ? O HIS A 196 N HIS A 79  ? N HIS A 183 
B 1 2 N THR A 100 ? N THR A 204 O THR A 106 ? O THR A 210 
# 
loop_
_struct_site.id 
_struct_site.pdbx_evidence_code 
_struct_site.pdbx_auth_asym_id 
_struct_site.pdbx_auth_comp_id 
_struct_site.pdbx_auth_seq_id 
_struct_site.pdbx_auth_ins_code 
_struct_site.pdbx_num_residues 
_struct_site.details 
AC1 Software A ZN 264 ? 5 'BINDING SITE FOR RESIDUE ZN A 264' 
AC2 Software A ZN 265 ? 4 'BINDING SITE FOR RESIDUE ZN A 265' 
AC3 Software A CA 266 ? 7 'BINDING SITE FOR RESIDUE CA A 266' 
AC4 Software A CA 267 ? 5 'BINDING SITE FOR RESIDUE CA A 267' 
AC5 Software A CA 268 ? 6 'BINDING SITE FOR RESIDUE CA A 268' 
# 
loop_
_struct_site_gen.id 
_struct_site_gen.site_id 
_struct_site_gen.pdbx_num_res 
_struct_site_gen.label_comp_id 
_struct_site_gen.label_asym_id 
_struct_site_gen.label_seq_id 
_struct_site_gen.pdbx_auth_ins_code 
_struct_site_gen.auth_comp_id 
_struct_site_gen.auth_asym_id 
_struct_site_gen.auth_seq_id 
_struct_site_gen.label_atom_id 
_struct_site_gen.label_alt_id 
_struct_site_gen.symmetry 
_struct_site_gen.details 
1  AC1 5 HIS A 114 ? HIS A 218 . ? 1_555 ? 
2  AC1 5 HIS A 118 ? HIS A 222 . ? 1_555 ? 
3  AC1 5 HIS A 124 ? HIS A 228 . ? 1_555 ? 
4  AC1 5 HOH J .   ? HOH Y 120 . ? 1_555 ? 
5  AC1 5 GLY B 3   ? GLY Y 206 . ? 1_555 ? 
6  AC2 4 HIS A 64  ? HIS A 168 . ? 1_555 ? 
7  AC2 4 ASP A 66  ? ASP A 170 . ? 1_555 ? 
8  AC2 4 HIS A 79  ? HIS A 183 . ? 1_555 ? 
9  AC2 4 HIS A 92  ? HIS A 196 . ? 1_555 ? 
10 AC3 7 ALA A 53  ? ALA A 157 . ? 1_555 ? 
11 AC3 7 ASP A 54  ? ASP A 158 . ? 1_555 ? 
12 AC3 7 GLY A 86  ? GLY A 190 . ? 1_555 ? 
13 AC3 7 GLY A 88  ? GLY A 192 . ? 1_555 ? 
14 AC3 7 ASP A 90  ? ASP A 194 . ? 1_555 ? 
15 AC3 7 HOH I .   ? HOH A 299 . ? 1_555 ? 
16 AC3 7 HOH I .   ? HOH A 361 . ? 1_555 ? 
17 AC4 5 ASP A 20  ? ASP A 124 . ? 1_555 ? 
18 AC4 5 GLU A 95  ? GLU A 199 . ? 1_555 ? 
19 AC4 5 GLU A 97  ? GLU A 201 . ? 1_555 ? 
20 AC4 5 HOH I .   ? HOH A 288 . ? 1_555 ? 
21 AC4 5 HOH I .   ? HOH A 302 . ? 1_555 ? 
22 AC5 6 ASP A 71  ? ASP A 175 . ? 1_555 ? 
23 AC5 6 GLY A 72  ? GLY A 176 . ? 1_555 ? 
24 AC5 6 GLY A 74  ? GLY A 178 . ? 1_555 ? 
25 AC5 6 ILE A 76  ? ILE A 180 . ? 1_555 ? 
26 AC5 6 ASP A 94  ? ASP A 198 . ? 1_555 ? 
27 AC5 6 GLU A 97  ? GLU A 201 . ? 1_555 ? 
# 
_atom_sites.entry_id                    2OXZ 
_atom_sites.fract_transf_matrix[1][1]   0.01370830 
_atom_sites.fract_transf_matrix[1][2]   -0.01492958 
_atom_sites.fract_transf_matrix[1][3]   0.00710787 
_atom_sites.fract_transf_matrix[2][1]   -0.00738272 
_atom_sites.fract_transf_matrix[2][2]   0.00027828 
_atom_sites.fract_transf_matrix[2][3]   0.01482288 
_atom_sites.fract_transf_matrix[3][1]   -0.00595775 
_atom_sites.fract_transf_matrix[3][2]   -0.01926517 
_atom_sites.fract_transf_matrix[3][3]   -0.00260566 
_atom_sites.fract_transf_vector[1]      -0.184940 
_atom_sites.fract_transf_vector[2]      0.001178 
_atom_sites.fract_transf_vector[3]      -0.273492 
# 
loop_
_atom_type.symbol 
C  
CA 
N  
O  
S  
ZN 
# 
loop_
_atom_site.group_PDB 
_atom_site.id 
_atom_site.type_symbol 
_atom_site.label_atom_id 
_atom_site.label_alt_id 
_atom_site.label_comp_id 
_atom_site.label_asym_id 
_atom_site.label_entity_id 
_atom_site.label_seq_id 
_atom_site.pdbx_PDB_ins_code 
_atom_site.Cartn_x 
_atom_site.Cartn_y 
_atom_site.Cartn_z 
_atom_site.occupancy 
_atom_site.B_iso_or_equiv 
_atom_site.pdbx_formal_charge 
_atom_site.auth_seq_id 
_atom_site.auth_comp_id 
_atom_site.auth_asym_id 
_atom_site.auth_atom_id 
_atom_site.pdbx_PDB_model_num 
ATOM   1    N  N   . GLY A 1 2   ? -14.914 -8.982  7.135   1.00 19.84 ? 106 GLY A N   1 
ATOM   2    C  CA  . GLY A 1 2   ? -13.540 -8.532  7.547   1.00 20.11 ? 106 GLY A CA  1 
ATOM   3    C  C   . GLY A 1 2   ? -13.421 -7.202  8.300   1.00 19.74 ? 106 GLY A C   1 
ATOM   4    O  O   . GLY A 1 2   ? -14.343 -6.356  8.244   1.00 21.05 ? 106 GLY A O   1 
ATOM   5    N  N   . PRO A 1 3   ? -12.275 -6.989  8.988   1.00 18.59 ? 107 PRO A N   1 
ATOM   6    C  CA  . PRO A 1 3   ? -12.008 -5.796  9.814   1.00 17.84 ? 107 PRO A CA  1 
ATOM   7    C  C   . PRO A 1 3   ? -12.056 -4.501  9.006   1.00 15.84 ? 107 PRO A C   1 
ATOM   8    O  O   . PRO A 1 3   ? -11.650 -4.496  7.827   1.00 15.86 ? 107 PRO A O   1 
ATOM   9    C  CB  . PRO A 1 3   ? -10.559 -6.006  10.297  1.00 17.66 ? 107 PRO A CB  1 
ATOM   10   C  CG  . PRO A 1 3   ? -9.958  -7.040  9.318   1.00 19.34 ? 107 PRO A CG  1 
ATOM   11   C  CD  . PRO A 1 3   ? -11.139 -7.927  9.006   1.00 19.02 ? 107 PRO A CD  1 
ATOM   12   N  N   . VAL A 1 4   ? -12.571 -3.428  9.635   1.00 13.86 ? 108 VAL A N   1 
ATOM   13   C  CA  . VAL A 1 4   ? -12.355 -2.026  9.153   1.00 11.96 ? 108 VAL A CA  1 
ATOM   14   C  C   . VAL A 1 4   ? -11.834 -1.194  10.329  1.00 9.99  ? 108 VAL A C   1 
ATOM   15   O  O   . VAL A 1 4   ? -12.002 -1.600  11.465  1.00 8.47  ? 108 VAL A O   1 
ATOM   16   C  CB  . VAL A 1 4   ? -13.621 -1.355  8.521   1.00 11.98 ? 108 VAL A CB  1 
ATOM   17   C  CG1 . VAL A 1 4   ? -13.909 -1.920  7.157   1.00 13.90 ? 108 VAL A CG1 1 
ATOM   18   C  CG2 . VAL A 1 4   ? -14.837 -1.434  9.473   1.00 12.49 ? 108 VAL A CG2 1 
ATOM   19   N  N   . TRP A 1 5   ? -11.184 -0.056  10.049  1.00 7.80  ? 109 TRP A N   1 
ATOM   20   C  CA  . TRP A 1 5   ? -10.768 0.889   11.089  1.00 7.30  ? 109 TRP A CA  1 
ATOM   21   C  C   . TRP A 1 5   ? -12.020 1.576   11.639  1.00 7.91  ? 109 TRP A C   1 
ATOM   22   O  O   . TRP A 1 5   ? -12.872 1.931   10.863  1.00 9.54  ? 109 TRP A O   1 
ATOM   23   C  CB  . TRP A 1 5   ? -9.817  1.943   10.490  1.00 4.42  ? 109 TRP A CB  1 
ATOM   24   C  CG  . TRP A 1 5   ? -8.500  1.376   10.069  1.00 2.00  ? 109 TRP A CG  1 
ATOM   25   C  CD1 . TRP A 1 5   ? -8.082  1.124   8.788   1.00 2.81  ? 109 TRP A CD1 1 
ATOM   26   C  CD2 . TRP A 1 5   ? -7.422  0.970   10.923  1.00 2.00  ? 109 TRP A CD2 1 
ATOM   27   N  NE1 . TRP A 1 5   ? -6.795  0.623   8.797   1.00 2.00  ? 109 TRP A NE1 1 
ATOM   28   C  CE2 . TRP A 1 5   ? -6.380  0.518   10.100  1.00 2.00  ? 109 TRP A CE2 1 
ATOM   29   C  CE3 . TRP A 1 5   ? -7.240  0.958   12.319  1.00 3.55  ? 109 TRP A CE3 1 
ATOM   30   C  CZ2 . TRP A 1 5   ? -5.175  0.032   10.615  1.00 2.00  ? 109 TRP A CZ2 1 
ATOM   31   C  CZ3 . TRP A 1 5   ? -6.035  0.489   12.823  1.00 3.22  ? 109 TRP A CZ3 1 
ATOM   32   C  CH2 . TRP A 1 5   ? -5.040  0.015   11.983  1.00 2.00  ? 109 TRP A CH2 1 
ATOM   33   N  N   . ARG A 1 6   ? -12.160 1.769   12.946  1.00 9.09  ? 110 ARG A N   1 
ATOM   34   C  CA  . ARG A 1 6   ? -13.390 2.410   13.484  1.00 10.98 ? 110 ARG A CA  1 
ATOM   35   C  C   . ARG A 1 6   ? -13.052 3.798   13.964  1.00 11.82 ? 110 ARG A C   1 
ATOM   36   O  O   . ARG A 1 6   ? -13.509 4.236   15.021  1.00 12.85 ? 110 ARG A O   1 
ATOM   37   C  CB  . ARG A 1 6   ? -13.908 1.658   14.691  1.00 11.94 ? 110 ARG A CB  1 
ATOM   38   C  CG  . ARG A 1 6   ? -14.427 0.323   14.378  1.00 15.44 ? 110 ARG A CG  1 
ATOM   39   C  CD  . ARG A 1 6   ? -14.521 -0.488  15.643  1.00 23.43 ? 110 ARG A CD  1 
ATOM   40   N  NE  . ARG A 1 6   ? -13.862 -1.766  15.399  1.00 32.34 ? 110 ARG A NE  1 
ATOM   41   C  CZ  . ARG A 1 6   ? -14.153 -2.587  14.382  1.00 35.52 ? 110 ARG A CZ  1 
ATOM   42   N  NH1 . ARG A 1 6   ? -13.471 -3.720  14.234  1.00 37.72 ? 110 ARG A NH1 1 
ATOM   43   N  NH2 . ARG A 1 6   ? -15.116 -2.281  13.499  1.00 36.67 ? 110 ARG A NH2 1 
ATOM   44   N  N   . LYS A 1 7   ? -12.209 4.475   13.225  1.00 10.44 ? 111 LYS A N   1 
ATOM   45   C  CA  . LYS A 1 7   ? -11.742 5.790   13.618  1.00 10.98 ? 111 LYS A CA  1 
ATOM   46   C  C   . LYS A 1 7   ? -11.483 6.572   12.336  1.00 11.41 ? 111 LYS A C   1 
ATOM   47   O  O   . LYS A 1 7   ? -11.250 5.963   11.290  1.00 10.15 ? 111 LYS A O   1 
ATOM   48   C  CB  . LYS A 1 7   ? -10.479 5.704   14.494  1.00 9.41  ? 111 LYS A CB  1 
ATOM   49   C  CG  . LYS A 1 7   ? -9.322  4.971   13.924  1.00 7.85  ? 111 LYS A CG  1 
ATOM   50   C  CD  . LYS A 1 7   ? -8.289  5.040   14.975  1.00 7.65  ? 111 LYS A CD  1 
ATOM   51   C  CE  . LYS A 1 7   ? -6.970  4.563   14.526  1.00 6.92  ? 111 LYS A CE  1 
ATOM   52   N  NZ  . LYS A 1 7   ? -6.221  4.164   15.757  1.00 5.25  ? 111 LYS A NZ  1 
ATOM   53   N  N   . HIS A 1 8   ? -11.560 7.915   12.418  1.00 12.36 ? 112 HIS A N   1 
ATOM   54   C  CA  . HIS A 1 8   ? -11.384 8.742   11.216  1.00 12.02 ? 112 HIS A CA  1 
ATOM   55   C  C   . HIS A 1 8   ? -9.992  9.255   10.994  1.00 10.30 ? 112 HIS A C   1 
ATOM   56   O  O   . HIS A 1 8   ? -9.536  9.376   9.869   1.00 9.54  ? 112 HIS A O   1 
ATOM   57   C  CB  . HIS A 1 8   ? -12.404 9.876   11.143  1.00 13.90 ? 112 HIS A CB  1 
ATOM   58   C  CG  . HIS A 1 8   ? -13.810 9.380   11.007  1.00 16.90 ? 112 HIS A CG  1 
ATOM   59   N  ND1 . HIS A 1 8   ? -14.159 8.385   10.113  1.00 20.00 ? 112 HIS A ND1 1 
ATOM   60   C  CD2 . HIS A 1 8   ? -14.944 9.698   11.686  1.00 21.36 ? 112 HIS A CD2 1 
ATOM   61   C  CE1 . HIS A 1 8   ? -15.454 8.124   10.230  1.00 22.63 ? 112 HIS A CE1 1 
ATOM   62   N  NE2 . HIS A 1 8   ? -15.956 8.909   11.178  1.00 21.46 ? 112 HIS A NE2 1 
ATOM   63   N  N   . TYR A 1 9   ? -9.286  9.534   12.061  1.00 9.27  ? 113 TYR A N   1 
ATOM   64   C  CA  . TYR A 1 9   ? -7.956  10.010  11.871  1.00 7.85  ? 113 TYR A CA  1 
ATOM   65   C  C   . TYR A 1 9   ? -7.093  8.768   11.988  1.00 7.08  ? 113 TYR A C   1 
ATOM   66   O  O   . TYR A 1 9   ? -7.033  8.169   13.059  1.00 6.08  ? 113 TYR A O   1 
ATOM   67   C  CB  . TYR A 1 9   ? -7.604  11.061  12.946  1.00 9.35  ? 113 TYR A CB  1 
ATOM   68   C  CG  . TYR A 1 9   ? -8.397  12.352  12.828  1.00 10.67 ? 113 TYR A CG  1 
ATOM   69   C  CD1 . TYR A 1 9   ? -9.587  12.550  13.574  1.00 8.48  ? 113 TYR A CD1 1 
ATOM   70   C  CD2 . TYR A 1 9   ? -7.959  13.386  11.955  1.00 11.21 ? 113 TYR A CD2 1 
ATOM   71   C  CE1 . TYR A 1 9   ? -10.356 13.744  13.421  1.00 10.11 ? 113 TYR A CE1 1 
ATOM   72   C  CE2 . TYR A 1 9   ? -8.724  14.617  11.789  1.00 13.78 ? 113 TYR A CE2 1 
ATOM   73   C  CZ  . TYR A 1 9   ? -9.933  14.773  12.553  1.00 12.90 ? 113 TYR A CZ  1 
ATOM   74   O  OH  . TYR A 1 9   ? -10.670 15.961  12.455  1.00 14.18 ? 113 TYR A OH  1 
ATOM   75   N  N   . ILE A 1 10  ? -6.394  8.438   10.889  1.00 7.38  ? 114 ILE A N   1 
ATOM   76   C  CA  . ILE A 1 10  ? -5.444  7.324   10.780  1.00 6.02  ? 114 ILE A CA  1 
ATOM   77   C  C   . ILE A 1 10  ? -4.052  7.897   10.537  1.00 5.90  ? 114 ILE A C   1 
ATOM   78   O  O   . ILE A 1 10  ? -3.911  8.861   9.815   1.00 6.41  ? 114 ILE A O   1 
ATOM   79   C  CB  . ILE A 1 10  ? -5.861  6.334   9.606   1.00 6.85  ? 114 ILE A CB  1 
ATOM   80   C  CG1 . ILE A 1 10  ? -7.349  5.983   9.666   1.00 8.85  ? 114 ILE A CG1 1 
ATOM   81   C  CG2 . ILE A 1 10  ? -5.009  5.045   9.536   1.00 7.02  ? 114 ILE A CG2 1 
ATOM   82   C  CD1 . ILE A 1 10  ? -7.678  4.927   10.726  1.00 10.93 ? 114 ILE A CD1 1 
ATOM   83   N  N   . THR A 1 11  ? -3.028  7.285   11.138  1.00 6.32  ? 115 THR A N   1 
ATOM   84   C  CA  . THR A 1 11  ? -1.659  7.696   11.042  1.00 5.69  ? 115 THR A CA  1 
ATOM   85   C  C   . THR A 1 11  ? -0.801  6.652   10.350  1.00 6.45  ? 115 THR A C   1 
ATOM   86   O  O   . THR A 1 11  ? -1.057  5.464   10.456  1.00 5.84  ? 115 THR A O   1 
ATOM   87   C  CB  . THR A 1 11  ? -1.017  7.876   12.444  1.00 6.08  ? 115 THR A CB  1 
ATOM   88   O  OG1 . THR A 1 11  ? -1.175  6.662   13.202  1.00 7.83  ? 115 THR A OG1 1 
ATOM   89   C  CG2 . THR A 1 11  ? -1.645  9.030   13.172  1.00 5.37  ? 115 THR A CG2 1 
ATOM   90   N  N   . TYR A 1 12  ? 0.219   7.109   9.633   1.00 5.92  ? 116 TYR A N   1 
ATOM   91   C  CA  . TYR A 1 12  ? 1.209   6.222   9.158   1.00 5.33  ? 116 TYR A CA  1 
ATOM   92   C  C   . TYR A 1 12  ? 2.601   6.710   9.500   1.00 6.36  ? 116 TYR A C   1 
ATOM   93   O  O   . TYR A 1 12  ? 2.828   7.859   9.916   1.00 7.09  ? 116 TYR A O   1 
ATOM   94   C  CB  . TYR A 1 12  ? 1.073   5.925   7.647   1.00 4.88  ? 116 TYR A CB  1 
ATOM   95   C  CG  . TYR A 1 12  ? 1.382   7.098   6.736   1.00 4.63  ? 116 TYR A CG  1 
ATOM   96   C  CD1 . TYR A 1 12  ? 2.648   7.240   6.149   1.00 2.00  ? 116 TYR A CD1 1 
ATOM   97   C  CD2 . TYR A 1 12  ? 0.370   8.043   6.427   1.00 2.84  ? 116 TYR A CD2 1 
ATOM   98   C  CE1 . TYR A 1 12  ? 2.902   8.283   5.354   1.00 2.00  ? 116 TYR A CE1 1 
ATOM   99   C  CE2 . TYR A 1 12  ? 0.610   9.120   5.634   1.00 2.00  ? 116 TYR A CE2 1 
ATOM   100  C  CZ  . TYR A 1 12  ? 1.869   9.222   5.063   1.00 2.00  ? 116 TYR A CZ  1 
ATOM   101  O  OH  . TYR A 1 12  ? 2.113   10.274  4.218   1.00 2.00  ? 116 TYR A OH  1 
ATOM   102  N  N   . ARG A 1 13  ? 3.542   5.793   9.336   1.00 6.66  ? 117 ARG A N   1 
ATOM   103  C  CA  . ARG A 1 13  ? 4.937   6.070   9.583   1.00 6.01  ? 117 ARG A CA  1 
ATOM   104  C  C   . ARG A 1 13  ? 5.694   5.299   8.568   1.00 4.64  ? 117 ARG A C   1 
ATOM   105  O  O   . ARG A 1 13  ? 5.490   4.114   8.401   1.00 5.18  ? 117 ARG A O   1 
ATOM   106  C  CB  . ARG A 1 13  ? 5.373   5.556   10.962  1.00 7.48  ? 117 ARG A CB  1 
ATOM   107  C  CG  . ARG A 1 13  ? 6.693   6.165   11.521  1.00 6.81  ? 117 ARG A CG  1 
ATOM   108  C  CD  . ARG A 1 13  ? 6.971   5.703   12.925  1.00 6.35  ? 117 ARG A CD  1 
ATOM   109  N  NE  . ARG A 1 13  ? 8.417   5.542   13.079  1.00 14.96 ? 117 ARG A NE  1 
ATOM   110  C  CZ  . ARG A 1 13  ? 9.047   5.347   14.229  1.00 14.23 ? 117 ARG A CZ  1 
ATOM   111  N  NH1 . ARG A 1 13  ? 8.380   5.240   15.365  1.00 14.70 ? 117 ARG A NH1 1 
ATOM   112  N  NH2 . ARG A 1 13  ? 10.360  5.263   14.238  1.00 17.57 ? 117 ARG A NH2 1 
ATOM   113  N  N   . ILE A 1 14  ? 6.641   5.963   7.950   1.00 5.98  ? 118 ILE A N   1 
ATOM   114  C  CA  . ILE A 1 14  ? 7.642   5.246   7.169   1.00 5.65  ? 118 ILE A CA  1 
ATOM   115  C  C   . ILE A 1 14  ? 8.802   4.768   8.108   1.00 6.23  ? 118 ILE A C   1 
ATOM   116  O  O   . ILE A 1 14  ? 9.582   5.554   8.655   1.00 4.59  ? 118 ILE A O   1 
ATOM   117  C  CB  . ILE A 1 14  ? 8.063   6.077   5.934   1.00 5.81  ? 118 ILE A CB  1 
ATOM   118  C  CG1 . ILE A 1 14  ? 6.794   6.442   5.158   1.00 3.52  ? 118 ILE A CG1 1 
ATOM   119  C  CG2 . ILE A 1 14  ? 9.135   5.341   5.109   1.00 5.94  ? 118 ILE A CG2 1 
ATOM   120  C  CD1 . ILE A 1 14  ? 7.008   7.274   3.927   1.00 3.28  ? 118 ILE A CD1 1 
ATOM   121  N  N   . ASN A 1 15  ? 8.889   3.456   8.287   1.00 6.33  ? 119 ASN A N   1 
ATOM   122  C  CA  . ASN A 1 15  ? 9.903   2.866   9.170   1.00 7.85  ? 119 ASN A CA  1 
ATOM   123  C  C   . ASN A 1 15  ? 11.324  3.056   8.683   1.00 8.35  ? 119 ASN A C   1 
ATOM   124  O  O   . ASN A 1 15  ? 12.249  3.328   9.477   1.00 7.65  ? 119 ASN A O   1 
ATOM   125  C  CB  . ASN A 1 15  ? 9.603   1.406   9.305   1.00 8.19  ? 119 ASN A CB  1 
ATOM   126  C  CG  . ASN A 1 15  ? 10.562  0.669   10.209  1.00 11.50 ? 119 ASN A CG  1 
ATOM   127  O  OD1 . ASN A 1 15  ? 10.452  0.753   11.433  1.00 17.10 ? 119 ASN A OD1 1 
ATOM   128  N  ND2 . ASN A 1 15  ? 11.419  -0.154  9.617   1.00 5.97  ? 119 ASN A ND2 1 
ATOM   129  N  N   . ASN A 1 16  ? 11.500  2.918   7.365   1.00 8.67  ? 120 ASN A N   1 
ATOM   130  C  CA  . ASN A 1 16  ? 12.811  3.011   6.741   1.00 7.80  ? 120 ASN A CA  1 
ATOM   131  C  C   . ASN A 1 16  ? 12.567  3.177   5.272   1.00 7.00  ? 120 ASN A C   1 
ATOM   132  O  O   . ASN A 1 16  ? 11.442  2.992   4.792   1.00 8.11  ? 120 ASN A O   1 
ATOM   133  C  CB  . ASN A 1 16  ? 13.632  1.736   6.976   1.00 7.29  ? 120 ASN A CB  1 
ATOM   134  C  CG  . ASN A 1 16  ? 13.030  0.507   6.332   1.00 7.67  ? 120 ASN A CG  1 
ATOM   135  O  OD1 . ASN A 1 16  ? 11.857  0.162   6.544   1.00 9.21  ? 120 ASN A OD1 1 
ATOM   136  N  ND2 . ASN A 1 16  ? 13.835  -0.187  5.556   1.00 3.78  ? 120 ASN A ND2 1 
ATOM   137  N  N   . TYR A 1 17  ? 13.631  3.468   4.555   1.00 7.27  ? 121 TYR A N   1 
ATOM   138  C  CA  . TYR A 1 17  ? 13.580  3.929   3.184   1.00 5.90  ? 121 TYR A CA  1 
ATOM   139  C  C   . TYR A 1 17  ? 14.391  3.055   2.262   1.00 5.43  ? 121 TYR A C   1 
ATOM   140  O  O   . TYR A 1 17  ? 15.548  2.725   2.545   1.00 6.23  ? 121 TYR A O   1 
ATOM   141  C  CB  . TYR A 1 17  ? 14.119  5.339   3.154   1.00 6.32  ? 121 TYR A CB  1 
ATOM   142  C  CG  . TYR A 1 17  ? 13.165  6.378   3.745   1.00 6.56  ? 121 TYR A CG  1 
ATOM   143  C  CD1 . TYR A 1 17  ? 12.383  7.154   2.901   1.00 6.45  ? 121 TYR A CD1 1 
ATOM   144  C  CD2 . TYR A 1 17  ? 13.031  6.549   5.143   1.00 2.36  ? 121 TYR A CD2 1 
ATOM   145  C  CE1 . TYR A 1 17  ? 11.523  8.130   3.407   1.00 8.35  ? 121 TYR A CE1 1 
ATOM   146  C  CE2 . TYR A 1 17  ? 12.165  7.541   5.675   1.00 11.34 ? 121 TYR A CE2 1 
ATOM   147  C  CZ  . TYR A 1 17  ? 11.410  8.326   4.772   1.00 8.76  ? 121 TYR A CZ  1 
ATOM   148  O  OH  . TYR A 1 17  ? 10.527  9.275   5.217   1.00 8.94  ? 121 TYR A OH  1 
ATOM   149  N  N   . THR A 1 18  ? 13.793  2.698   1.137   1.00 5.31  ? 122 THR A N   1 
ATOM   150  C  CA  . THR A 1 18  ? 14.484  1.962   0.091   1.00 3.64  ? 122 THR A CA  1 
ATOM   151  C  C   . THR A 1 18  ? 15.601  2.819   -0.483  1.00 3.22  ? 122 THR A C   1 
ATOM   152  O  O   . THR A 1 18  ? 15.374  3.958   -0.829  1.00 2.45  ? 122 THR A O   1 
ATOM   153  C  CB  . THR A 1 18  ? 13.515  1.556   -1.058  1.00 4.02  ? 122 THR A CB  1 
ATOM   154  O  OG1 . THR A 1 18  ? 14.204  0.814   -2.052  1.00 2.00  ? 122 THR A OG1 1 
ATOM   155  C  CG2 . THR A 1 18  ? 12.925  2.763   -1.747  1.00 3.95  ? 122 THR A CG2 1 
ATOM   156  N  N   . PRO A 1 19  ? 16.804  2.260   -0.588  1.00 3.31  ? 123 PRO A N   1 
ATOM   157  C  CA  . PRO A 1 19  ? 17.860  2.976   -1.275  1.00 3.69  ? 123 PRO A CA  1 
ATOM   158  C  C   . PRO A 1 19  ? 17.629  3.100   -2.831  1.00 4.32  ? 123 PRO A C   1 
ATOM   159  O  O   . PRO A 1 19  ? 18.422  3.759   -3.531  1.00 3.71  ? 123 PRO A O   1 
ATOM   160  C  CB  . PRO A 1 19  ? 19.100  2.109   -0.980  1.00 5.18  ? 123 PRO A CB  1 
ATOM   161  C  CG  . PRO A 1 19  ? 18.463  0.624   -0.833  1.00 3.43  ? 123 PRO A CG  1 
ATOM   162  C  CD  . PRO A 1 19  ? 17.234  0.929   -0.056  1.00 3.81  ? 123 PRO A CD  1 
ATOM   163  N  N   . ASP A 1 20  ? 16.572  2.497   -3.375  1.00 2.63  ? 124 ASP A N   1 
ATOM   164  C  CA  . ASP A 1 20  ? 16.334  2.531   -4.795  1.00 3.16  ? 124 ASP A CA  1 
ATOM   165  C  C   . ASP A 1 20  ? 15.869  3.924   -5.218  1.00 3.92  ? 124 ASP A C   1 
ATOM   166  O  O   . ASP A 1 20  ? 15.807  4.190   -6.385  1.00 4.95  ? 124 ASP A O   1 
ATOM   167  C  CB  . ASP A 1 20  ? 15.200  1.557   -5.179  1.00 3.09  ? 124 ASP A CB  1 
ATOM   168  C  CG  . ASP A 1 20  ? 15.422  0.158   -4.713  1.00 3.86  ? 124 ASP A CG  1 
ATOM   169  O  OD1 . ASP A 1 20  ? 16.555  -0.217  -4.359  1.00 2.00  ? 124 ASP A OD1 1 
ATOM   170  O  OD2 . ASP A 1 20  ? 14.426  -0.581  -4.709  1.00 6.33  ? 124 ASP A OD2 1 
ATOM   171  N  N   . MET A 1 21  ? 15.384  4.740   -4.278  1.00 3.52  ? 125 MET A N   1 
ATOM   172  C  CA  . MET A 1 21  ? 14.818  6.050   -4.611  1.00 4.07  ? 125 MET A CA  1 
ATOM   173  C  C   . MET A 1 21  ? 15.325  7.194   -3.762  1.00 3.15  ? 125 MET A C   1 
ATOM   174  O  O   . MET A 1 21  ? 15.892  6.993   -2.691  1.00 3.25  ? 125 MET A O   1 
ATOM   175  C  CB  . MET A 1 21  ? 13.295  6.002   -4.449  1.00 2.75  ? 125 MET A CB  1 
ATOM   176  C  CG  . MET A 1 21  ? 12.624  5.057   -5.441  1.00 4.87  ? 125 MET A CG  1 
ATOM   177  S  SD  . MET A 1 21  ? 10.953  4.617   -4.875  1.00 5.30  ? 125 MET A SD  1 
ATOM   178  C  CE  . MET A 1 21  ? 10.129  6.189   -5.051  1.00 2.00  ? 125 MET A CE  1 
ATOM   179  N  N   . ASN A 1 22  ? 15.064  8.411   -4.226  1.00 4.02  ? 126 ASN A N   1 
ATOM   180  C  CA  . ASN A 1 22  ? 15.270  9.583   -3.372  1.00 3.68  ? 126 ASN A CA  1 
ATOM   181  C  C   . ASN A 1 22  ? 14.298  9.513   -2.214  1.00 4.17  ? 126 ASN A C   1 
ATOM   182  O  O   . ASN A 1 22  ? 13.111  9.129   -2.415  1.00 4.20  ? 126 ASN A O   1 
ATOM   183  C  CB  . ASN A 1 22  ? 15.066  10.878  -4.156  1.00 2.39  ? 126 ASN A CB  1 
ATOM   184  C  CG  . ASN A 1 22  ? 16.034  10.975  -5.337  1.00 2.00  ? 126 ASN A CG  1 
ATOM   185  O  OD1 . ASN A 1 22  ? 17.192  10.745  -5.169  1.00 2.00  ? 126 ASN A OD1 1 
ATOM   186  N  ND2 . ASN A 1 22  ? 15.545  11.277  -6.495  1.00 2.00  ? 126 ASN A ND2 1 
ATOM   187  N  N   . ARG A 1 23  ? 14.746  9.954   -1.052  1.00 4.61  ? 127 ARG A N   1 
ATOM   188  C  CA  . ARG A 1 23  ? 13.847  10.030  0.118   1.00 6.56  ? 127 ARG A CA  1 
ATOM   189  C  C   . ARG A 1 23  ? 12.568  10.811  -0.117  1.00 6.50  ? 127 ARG A C   1 
ATOM   190  O  O   . ARG A 1 23  ? 11.516  10.321  0.251   1.00 6.30  ? 127 ARG A O   1 
ATOM   191  C  CB  . ARG A 1 23  ? 14.507  10.617  1.364   1.00 8.30  ? 127 ARG A CB  1 
ATOM   192  C  CG  . ARG A 1 23  ? 15.811  10.032  1.749   1.00 13.05 ? 127 ARG A CG  1 
ATOM   193  C  CD  . ARG A 1 23  ? 15.676  8.745   2.586   1.00 16.88 ? 127 ARG A CD  1 
ATOM   194  N  NE  . ARG A 1 23  ? 17.001  8.323   3.060   1.00 23.01 ? 127 ARG A NE  1 
ATOM   195  C  CZ  . ARG A 1 23  ? 17.772  7.453   2.417   1.00 22.91 ? 127 ARG A CZ  1 
ATOM   196  N  NH1 . ARG A 1 23  ? 18.978  7.129   2.904   1.00 22.40 ? 127 ARG A NH1 1 
ATOM   197  N  NH2 . ARG A 1 23  ? 17.317  6.899   1.299   1.00 20.38 ? 127 ARG A NH2 1 
ATOM   198  N  N   . GLU A 1 24  ? 12.649  12.024  -0.681  1.00 6.80  ? 128 GLU A N   1 
ATOM   199  C  CA  . GLU A 1 24  ? 11.467  12.851  -0.918  1.00 7.92  ? 128 GLU A CA  1 
ATOM   200  C  C   . GLU A 1 24  ? 10.467  12.107  -1.839  1.00 6.95  ? 128 GLU A C   1 
ATOM   201  O  O   . GLU A 1 24  ? 9.286   12.056  -1.574  1.00 8.29  ? 128 GLU A O   1 
ATOM   202  C  CB  . GLU A 1 24  ? 11.862  14.257  -1.447  1.00 8.44  ? 128 GLU A CB  1 
ATOM   203  C  CG  . GLU A 1 24  ? 12.246  14.210  -2.953  1.00 12.47 ? 128 GLU A CG  1 
ATOM   204  C  CD  . GLU A 1 24  ? 13.269  15.243  -3.458  1.00 14.64 ? 128 GLU A CD  1 
ATOM   205  O  OE1 . GLU A 1 24  ? 12.853  16.104  -4.297  1.00 22.11 ? 128 GLU A OE1 1 
ATOM   206  O  OE2 . GLU A 1 24  ? 14.479  15.170  -3.084  1.00 18.43 ? 128 GLU A OE2 1 
ATOM   207  N  N   . ASP A 1 25  ? 10.973  11.449  -2.883  1.00 6.56  ? 129 ASP A N   1 
ATOM   208  C  CA  . ASP A 1 25  ? 10.176  10.580  -3.724  1.00 5.08  ? 129 ASP A CA  1 
ATOM   209  C  C   . ASP A 1 25  ? 9.458   9.362   -2.996  1.00 4.49  ? 129 ASP A C   1 
ATOM   210  O  O   . ASP A 1 25  ? 8.335   8.947   -3.375  1.00 3.14  ? 129 ASP A O   1 
ATOM   211  C  CB  . ASP A 1 25  ? 11.061  10.056  -4.854  1.00 4.17  ? 129 ASP A CB  1 
ATOM   212  C  CG  . ASP A 1 25  ? 11.610  11.135  -5.760  1.00 5.08  ? 129 ASP A CG  1 
ATOM   213  O  OD1 . ASP A 1 25  ? 11.110  12.285  -5.760  1.00 2.00  ? 129 ASP A OD1 1 
ATOM   214  O  OD2 . ASP A 1 25  ? 12.542  10.768  -6.537  1.00 2.00  ? 129 ASP A OD2 1 
ATOM   215  N  N   . VAL A 1 26  ? 10.092  8.801   -1.967  1.00 3.25  ? 130 VAL A N   1 
ATOM   216  C  CA  . VAL A 1 26  ? 9.405   7.789   -1.144  1.00 2.31  ? 130 VAL A CA  1 
ATOM   217  C  C   . VAL A 1 26  ? 8.236   8.453   -0.391  1.00 2.54  ? 130 VAL A C   1 
ATOM   218  O  O   . VAL A 1 26  ? 7.083   7.973   -0.450  1.00 2.00  ? 130 VAL A O   1 
ATOM   219  C  CB  . VAL A 1 26  ? 10.389  6.955   -0.228  1.00 2.00  ? 130 VAL A CB  1 
ATOM   220  C  CG1 . VAL A 1 26  ? 9.623   5.977   0.754   1.00 2.00  ? 130 VAL A CG1 1 
ATOM   221  C  CG2 . VAL A 1 26  ? 11.397  6.196   -1.115  1.00 2.00  ? 130 VAL A CG2 1 
ATOM   222  N  N   . ASP A 1 27  ? 8.537   9.590   0.236   1.00 2.00  ? 131 ASP A N   1 
ATOM   223  C  CA  . ASP A 1 27  ? 7.549   10.352  0.998   1.00 3.78  ? 131 ASP A CA  1 
ATOM   224  C  C   . ASP A 1 27  ? 6.352   10.716  0.137   1.00 2.75  ? 131 ASP A C   1 
ATOM   225  O  O   . ASP A 1 27  ? 5.224   10.582  0.558   1.00 5.27  ? 131 ASP A O   1 
ATOM   226  C  CB  . ASP A 1 27  ? 8.208   11.634  1.524   1.00 2.27  ? 131 ASP A CB  1 
ATOM   227  C  CG  . ASP A 1 27  ? 9.043   11.393  2.740   1.00 6.42  ? 131 ASP A CG  1 
ATOM   228  O  OD1 . ASP A 1 27  ? 9.212   10.221  3.179   1.00 10.15 ? 131 ASP A OD1 1 
ATOM   229  O  OD2 . ASP A 1 27  ? 9.556   12.379  3.281   1.00 11.11 ? 131 ASP A OD2 1 
ATOM   230  N  N   . TYR A 1 28  ? 6.626   11.213  -1.062  1.00 4.62  ? 132 TYR A N   1 
ATOM   231  C  CA  . TYR A 1 28  ? 5.626   11.638  -2.027  1.00 3.86  ? 132 TYR A CA  1 
ATOM   232  C  C   . TYR A 1 28  ? 4.750   10.496  -2.576  1.00 2.90  ? 132 TYR A C   1 
ATOM   233  O  O   . TYR A 1 28  ? 3.527   10.651  -2.689  1.00 2.00  ? 132 TYR A O   1 
ATOM   234  C  CB  . TYR A 1 28  ? 6.267   12.414  -3.198  1.00 5.34  ? 132 TYR A CB  1 
ATOM   235  C  CG  . TYR A 1 28  ? 5.203   13.070  -4.025  1.00 7.46  ? 132 TYR A CG  1 
ATOM   236  C  CD1 . TYR A 1 28  ? 5.003   12.723  -5.365  1.00 4.49  ? 132 TYR A CD1 1 
ATOM   237  C  CD2 . TYR A 1 28  ? 4.331   14.012  -3.437  1.00 8.11  ? 132 TYR A CD2 1 
ATOM   238  C  CE1 . TYR A 1 28  ? 3.987   13.365  -6.119  1.00 7.13  ? 132 TYR A CE1 1 
ATOM   239  C  CE2 . TYR A 1 28  ? 3.338   14.642  -4.160  1.00 7.67  ? 132 TYR A CE2 1 
ATOM   240  C  CZ  . TYR A 1 28  ? 3.153   14.298  -5.498  1.00 10.77 ? 132 TYR A CZ  1 
ATOM   241  O  OH  . TYR A 1 28  ? 2.142   14.905  -6.230  1.00 13.92 ? 132 TYR A OH  1 
ATOM   242  N  N   . ALA A 1 29  ? 5.369   9.376   -2.896  1.00 2.42  ? 133 ALA A N   1 
ATOM   243  C  CA  . ALA A 1 29  ? 4.662   8.220   -3.440  1.00 2.06  ? 133 ALA A CA  1 
ATOM   244  C  C   . ALA A 1 29  ? 3.674   7.704   -2.441  1.00 2.66  ? 133 ALA A C   1 
ATOM   245  O  O   . ALA A 1 29  ? 2.565   7.371   -2.804  1.00 2.00  ? 133 ALA A O   1 
ATOM   246  C  CB  . ALA A 1 29  ? 5.631   7.099   -3.810  1.00 2.20  ? 133 ALA A CB  1 
ATOM   247  N  N   . ILE A 1 30  ? 4.093   7.625   -1.180  1.00 2.45  ? 134 ILE A N   1 
ATOM   248  C  CA  . ILE A 1 30  ? 3.251   7.028   -0.109  1.00 2.51  ? 134 ILE A CA  1 
ATOM   249  C  C   . ILE A 1 30  ? 2.195   8.046   0.250   1.00 3.07  ? 134 ILE A C   1 
ATOM   250  O  O   . ILE A 1 30  ? 1.042   7.714   0.360   1.00 3.74  ? 134 ILE A O   1 
ATOM   251  C  CB  . ILE A 1 30  ? 4.117   6.740   1.112   1.00 2.00  ? 134 ILE A CB  1 
ATOM   252  C  CG1 . ILE A 1 30  ? 5.207   5.705   0.751   1.00 2.00  ? 134 ILE A CG1 1 
ATOM   253  C  CG2 . ILE A 1 30  ? 3.302   6.321   2.372   1.00 2.00  ? 134 ILE A CG2 1 
ATOM   254  C  CD1 . ILE A 1 30  ? 4.759   4.243   0.660   1.00 2.00  ? 134 ILE A CD1 1 
ATOM   255  N  N   . ARG A 1 31  ? 2.596   9.303   0.406   1.00 2.82  ? 135 ARG A N   1 
ATOM   256  C  CA  . ARG A 1 31  ? 1.586   10.404  0.529   1.00 3.71  ? 135 ARG A CA  1 
ATOM   257  C  C   . ARG A 1 31  ? 0.434   10.350  -0.483  1.00 2.75  ? 135 ARG A C   1 
ATOM   258  O  O   . ARG A 1 31  ? -0.779  10.327  -0.119  1.00 2.41  ? 135 ARG A O   1 
ATOM   259  C  CB  . ARG A 1 31  ? 2.303   11.762  0.498   1.00 4.04  ? 135 ARG A CB  1 
ATOM   260  C  CG  . ARG A 1 31  ? 1.464   12.906  0.972   1.00 8.70  ? 135 ARG A CG  1 
ATOM   261  C  CD  . ARG A 1 31  ? 2.156   14.215  0.876   1.00 13.04 ? 135 ARG A CD  1 
ATOM   262  N  NE  . ARG A 1 31  ? 1.274   15.232  1.438   1.00 24.30 ? 135 ARG A NE  1 
ATOM   263  C  CZ  . ARG A 1 31  ? 1.426   15.781  2.641   1.00 28.28 ? 135 ARG A CZ  1 
ATOM   264  N  NH1 . ARG A 1 31  ? 2.446   15.417  3.429   1.00 31.39 ? 135 ARG A NH1 1 
ATOM   265  N  NH2 . ARG A 1 31  ? 0.570   16.718  3.055   1.00 30.00 ? 135 ARG A NH2 1 
ATOM   266  N  N   . LYS A 1 32  ? 0.822   10.347  -1.750  1.00 2.00  ? 136 LYS A N   1 
ATOM   267  C  CA  . LYS A 1 32  ? -0.076  10.293  -2.899  1.00 2.00  ? 136 LYS A CA  1 
ATOM   268  C  C   . LYS A 1 32  ? -0.989  9.054   -2.859  1.00 2.00  ? 136 LYS A C   1 
ATOM   269  O  O   . LYS A 1 32  ? -2.170  9.144   -3.154  1.00 2.36  ? 136 LYS A O   1 
ATOM   270  C  CB  . LYS A 1 32  ? 0.700   10.372  -4.234  1.00 2.00  ? 136 LYS A CB  1 
ATOM   271  C  CG  . LYS A 1 32  ? 1.122   11.726  -4.604  1.00 6.18  ? 136 LYS A CG  1 
ATOM   272  C  CD  . LYS A 1 32  ? -0.015  12.753  -4.528  1.00 13.21 ? 136 LYS A CD  1 
ATOM   273  C  CE  . LYS A 1 32  ? -0.806  12.857  -5.850  1.00 19.54 ? 136 LYS A CE  1 
ATOM   274  N  NZ  . LYS A 1 32  ? -1.140  11.505  -6.494  1.00 23.91 ? 136 LYS A NZ  1 
ATOM   275  N  N   . ALA A 1 33  ? -0.451  7.936   -2.458  1.00 2.00  ? 137 ALA A N   1 
ATOM   276  C  CA  . ALA A 1 33  ? -1.231  6.703   -2.370  1.00 2.49  ? 137 ALA A CA  1 
ATOM   277  C  C   . ALA A 1 33  ? -2.275  6.781   -1.248  1.00 2.19  ? 137 ALA A C   1 
ATOM   278  O  O   . ALA A 1 33  ? -3.344  6.219   -1.360  1.00 2.28  ? 137 ALA A O   1 
ATOM   279  C  CB  . ALA A 1 33  ? -0.260  5.518   -2.096  1.00 2.00  ? 137 ALA A CB  1 
ATOM   280  N  N   . PHE A 1 34  ? -1.952  7.458   -0.144  1.00 2.31  ? 138 PHE A N   1 
ATOM   281  C  CA  . PHE A 1 34  ? -2.938  7.586   0.894   1.00 3.78  ? 138 PHE A CA  1 
ATOM   282  C  C   . PHE A 1 34  ? -4.057  8.449   0.411   1.00 4.09  ? 138 PHE A C   1 
ATOM   283  O  O   . PHE A 1 34  ? -5.219  8.102   0.694   1.00 4.99  ? 138 PHE A O   1 
ATOM   284  C  CB  . PHE A 1 34  ? -2.388  8.080   2.261   1.00 4.58  ? 138 PHE A CB  1 
ATOM   285  C  CG  . PHE A 1 34  ? -1.791  6.999   3.079   1.00 4.46  ? 138 PHE A CG  1 
ATOM   286  C  CD1 . PHE A 1 34  ? -0.425  6.884   3.193   1.00 2.60  ? 138 PHE A CD1 1 
ATOM   287  C  CD2 . PHE A 1 34  ? -2.617  6.058   3.718   1.00 8.46  ? 138 PHE A CD2 1 
ATOM   288  C  CE1 . PHE A 1 34  ? 0.135   5.870   3.971   1.00 3.82  ? 138 PHE A CE1 1 
ATOM   289  C  CE2 . PHE A 1 34  ? -2.082  5.005   4.455   1.00 6.69  ? 138 PHE A CE2 1 
ATOM   290  C  CZ  . PHE A 1 34  ? -0.674  4.916   4.593   1.00 5.99  ? 138 PHE A CZ  1 
ATOM   291  N  N   . GLN A 1 35  ? -3.736  9.475   -0.394  1.00 2.44  ? 139 GLN A N   1 
ATOM   292  C  CA  . GLN A 1 35  ? -4.710  10.497  -0.856  1.00 2.18  ? 139 GLN A CA  1 
ATOM   293  C  C   . GLN A 1 35  ? -5.701  9.855   -1.798  1.00 2.92  ? 139 GLN A C   1 
ATOM   294  O  O   . GLN A 1 35  ? -6.856  10.226  -1.789  1.00 3.07  ? 139 GLN A O   1 
ATOM   295  C  CB  . GLN A 1 35  ? -4.044  11.690  -1.549  1.00 2.04  ? 139 GLN A CB  1 
ATOM   296  C  CG  . GLN A 1 35  ? -3.237  12.555  -0.545  1.00 3.66  ? 139 GLN A CG  1 
ATOM   297  C  CD  . GLN A 1 35  ? -2.392  13.578  -1.209  1.00 8.36  ? 139 GLN A CD  1 
ATOM   298  O  OE1 . GLN A 1 35  ? -2.237  13.572  -2.422  1.00 10.39 ? 139 GLN A OE1 1 
ATOM   299  N  NE2 . GLN A 1 35  ? -1.849  14.509  -0.409  1.00 13.41 ? 139 GLN A NE2 1 
ATOM   300  N  N   . VAL A 1 36  ? -5.256  8.858   -2.583  1.00 3.07  ? 140 VAL A N   1 
ATOM   301  C  CA  . VAL A 1 36  ? -6.164  8.084   -3.442  1.00 2.68  ? 140 VAL A CA  1 
ATOM   302  C  C   . VAL A 1 36  ? -7.356  7.575   -2.656  1.00 2.85  ? 140 VAL A C   1 
ATOM   303  O  O   . VAL A 1 36  ? -8.494  7.638   -3.100  1.00 2.97  ? 140 VAL A O   1 
ATOM   304  C  CB  . VAL A 1 36  ? -5.446  6.931   -4.128  1.00 3.00  ? 140 VAL A CB  1 
ATOM   305  C  CG1 . VAL A 1 36  ? -6.404  5.886   -4.598  1.00 6.42  ? 140 VAL A CG1 1 
ATOM   306  C  CG2 . VAL A 1 36  ? -4.633  7.446   -5.328  1.00 6.17  ? 140 VAL A CG2 1 
ATOM   307  N  N   . TRP A 1 37  ? -7.097  7.055   -1.476  1.00 2.00  ? 141 TRP A N   1 
ATOM   308  C  CA  . TRP A 1 37  ? -8.135  6.462   -0.690  1.00 2.00  ? 141 TRP A CA  1 
ATOM   309  C  C   . TRP A 1 37  ? -8.918  7.497   0.139   1.00 2.00  ? 141 TRP A C   1 
ATOM   310  O  O   . TRP A 1 37  ? -10.131 7.370   0.293   1.00 2.00  ? 141 TRP A O   1 
ATOM   311  C  CB  . TRP A 1 37  ? -7.536  5.348   0.196   1.00 2.00  ? 141 TRP A CB  1 
ATOM   312  C  CG  . TRP A 1 37  ? -7.039  4.159   -0.608  1.00 2.00  ? 141 TRP A CG  1 
ATOM   313  C  CD1 . TRP A 1 37  ? -5.758  3.756   -0.731  1.00 2.00  ? 141 TRP A CD1 1 
ATOM   314  C  CD2 . TRP A 1 37  ? -7.827  3.250   -1.406  1.00 2.00  ? 141 TRP A CD2 1 
ATOM   315  N  NE1 . TRP A 1 37  ? -5.672  2.642   -1.523  1.00 2.00  ? 141 TRP A NE1 1 
ATOM   316  C  CE2 . TRP A 1 37  ? -6.928  2.313   -1.961  1.00 2.88  ? 141 TRP A CE2 1 
ATOM   317  C  CE3 . TRP A 1 37  ? -9.205  3.134   -1.700  1.00 2.24  ? 141 TRP A CE3 1 
ATOM   318  C  CZ2 . TRP A 1 37  ? -7.343  1.277   -2.788  1.00 2.00  ? 141 TRP A CZ2 1 
ATOM   319  C  CZ3 . TRP A 1 37  ? -9.629  2.083   -2.566  1.00 2.00  ? 141 TRP A CZ3 1 
ATOM   320  C  CH2 . TRP A 1 37  ? -8.698  1.166   -3.069  1.00 3.23  ? 141 TRP A CH2 1 
ATOM   321  N  N   . SER A 1 38  ? -8.267  8.493   0.711   1.00 2.00  ? 142 SER A N   1 
ATOM   322  C  CA  . SER A 1 38  ? -9.078  9.457   1.447   1.00 2.98  ? 142 SER A CA  1 
ATOM   323  C  C   . SER A 1 38  ? -9.943  10.344  0.525   1.00 4.29  ? 142 SER A C   1 
ATOM   324  O  O   . SER A 1 38  ? -10.914 10.955  1.006   1.00 4.90  ? 142 SER A O   1 
ATOM   325  C  CB  . SER A 1 38  ? -8.256  10.285  2.409   1.00 3.49  ? 142 SER A CB  1 
ATOM   326  O  OG  . SER A 1 38  ? -7.383  11.098  1.663   1.00 6.04  ? 142 SER A OG  1 
ATOM   327  N  N   . ASN A 1 39  ? -9.643  10.366  -0.782  1.00 3.85  ? 143 ASN A N   1 
ATOM   328  C  CA  . ASN A 1 39  ? -10.440 11.125  -1.767  1.00 6.03  ? 143 ASN A CA  1 
ATOM   329  C  C   . ASN A 1 39  ? -11.824 10.496  -1.888  1.00 6.54  ? 143 ASN A C   1 
ATOM   330  O  O   . ASN A 1 39  ? -12.800 11.147  -2.356  1.00 6.64  ? 143 ASN A O   1 
ATOM   331  C  CB  . ASN A 1 39  ? -9.828  11.121  -3.175  1.00 6.65  ? 143 ASN A CB  1 
ATOM   332  C  CG  . ASN A 1 39  ? -8.521  11.826  -3.277  1.00 6.86  ? 143 ASN A CG  1 
ATOM   333  O  OD1 . ASN A 1 39  ? -8.214  12.805  -2.576  1.00 9.00  ? 143 ASN A OD1 1 
ATOM   334  N  ND2 . ASN A 1 39  ? -7.709  11.336  -4.193  1.00 11.06 ? 143 ASN A ND2 1 
ATOM   335  N  N   . VAL A 1 40  ? -11.924 9.221   -1.504  1.00 6.31  ? 144 VAL A N   1 
ATOM   336  C  CA  . VAL A 1 40  ? -13.207 8.499   -1.699  1.00 7.13  ? 144 VAL A CA  1 
ATOM   337  C  C   . VAL A 1 40  ? -13.816 7.981   -0.395  1.00 6.80  ? 144 VAL A C   1 
ATOM   338  O  O   . VAL A 1 40  ? -14.810 7.222   -0.399  1.00 8.32  ? 144 VAL A O   1 
ATOM   339  C  CB  . VAL A 1 40  ? -13.096 7.355   -2.814  1.00 6.19  ? 144 VAL A CB  1 
ATOM   340  C  CG1 . VAL A 1 40  ? -12.905 7.950   -4.181  1.00 8.33  ? 144 VAL A CG1 1 
ATOM   341  C  CG2 . VAL A 1 40  ? -11.869 6.426   -2.554  1.00 8.45  ? 144 VAL A CG2 1 
ATOM   342  N  N   . THR A 1 41  ? -13.255 8.378   0.754   1.00 5.51  ? 145 THR A N   1 
ATOM   343  C  CA  . THR A 1 41  ? -13.818 7.906   1.997   1.00 3.67  ? 145 THR A CA  1 
ATOM   344  C  C   . THR A 1 41  ? -13.808 9.050   3.030   1.00 2.58  ? 145 THR A C   1 
ATOM   345  O  O   . THR A 1 41  ? -13.268 10.117  2.751   1.00 3.30  ? 145 THR A O   1 
ATOM   346  C  CB  . THR A 1 41  ? -12.936 6.799   2.615   1.00 3.69  ? 145 THR A CB  1 
ATOM   347  O  OG1 . THR A 1 41  ? -11.689 7.391   2.920   1.00 4.35  ? 145 THR A OG1 1 
ATOM   348  C  CG2 . THR A 1 41  ? -12.739 5.550   1.716   1.00 2.00  ? 145 THR A CG2 1 
ATOM   349  N  N   . PRO A 1 42  ? -14.356 8.817   4.242   1.00 2.44  ? 146 PRO A N   1 
ATOM   350  C  CA  . PRO A 1 42  ? -14.202 9.914   5.211   1.00 2.28  ? 146 PRO A CA  1 
ATOM   351  C  C   . PRO A 1 42  ? -12.854 9.978   5.949   1.00 3.48  ? 146 PRO A C   1 
ATOM   352  O  O   . PRO A 1 42  ? -12.625 10.915  6.701   1.00 4.24  ? 146 PRO A O   1 
ATOM   353  C  CB  A PRO A 1 42  ? -15.377 9.684   6.204   0.50 2.00  ? 146 PRO A CB  1 
ATOM   354  C  CG  A PRO A 1 42  ? -15.995 8.371   5.827   0.50 2.00  ? 146 PRO A CG  1 
ATOM   355  C  CD  A PRO A 1 42  ? -15.106 7.690   4.836   0.50 2.00  ? 146 PRO A CD  1 
ATOM   356  N  N   . LEU A 1 43  ? -11.946 9.035   5.707   1.00 4.74  ? 147 LEU A N   1 
ATOM   357  C  CA  . LEU A 1 43  ? -10.718 8.910   6.501   1.00 3.00  ? 147 LEU A CA  1 
ATOM   358  C  C   . LEU A 1 43  ? -9.776  10.066  6.218   1.00 3.25  ? 147 LEU A C   1 
ATOM   359  O  O   . LEU A 1 43  ? -9.725  10.616  5.085   1.00 3.09  ? 147 LEU A O   1 
ATOM   360  C  CB  . LEU A 1 43  ? -9.971  7.626   6.139   1.00 3.90  ? 147 LEU A CB  1 
ATOM   361  C  CG  . LEU A 1 43  ? -10.869 6.423   6.185   1.00 3.46  ? 147 LEU A CG  1 
ATOM   362  C  CD1 . LEU A 1 43  ? -10.166 5.236   5.646   1.00 2.00  ? 147 LEU A CD1 1 
ATOM   363  C  CD2 . LEU A 1 43  ? -11.350 6.184   7.604   1.00 6.52  ? 147 LEU A CD2 1 
ATOM   364  N  N   . LYS A 1 44  ? -9.017  10.410  7.241   1.00 2.00  ? 148 LYS A N   1 
ATOM   365  C  CA  . LYS A 1 44  ? -7.924  11.365  7.082   1.00 4.75  ? 148 LYS A CA  1 
ATOM   366  C  C   . LYS A 1 44  ? -6.646  10.634  7.474   1.00 4.60  ? 148 LYS A C   1 
ATOM   367  O  O   . LYS A 1 44  ? -6.642  9.852   8.445   1.00 6.73  ? 148 LYS A O   1 
ATOM   368  C  CB  . LYS A 1 44  ? -8.110  12.657  7.921   1.00 4.74  ? 148 LYS A CB  1 
ATOM   369  C  CG  . LYS A 1 44  ? -9.133  13.663  7.402   1.00 3.55  ? 148 LYS A CG  1 
ATOM   370  C  CD  . LYS A 1 44  ? -8.738  14.414  6.057   1.00 2.00  ? 148 LYS A CD  1 
ATOM   371  C  CE  . LYS A 1 44  ? -7.960  15.631  6.337   1.00 3.19  ? 148 LYS A CE  1 
ATOM   372  N  NZ  . LYS A 1 44  ? -7.494  16.408  5.086   1.00 2.00  ? 148 LYS A NZ  1 
ATOM   373  N  N   . PHE A 1 45  ? -5.581  10.824  6.678   1.00 5.69  ? 149 PHE A N   1 
ATOM   374  C  CA  . PHE A 1 45  ? -4.276  10.152  6.951   1.00 3.61  ? 149 PHE A CA  1 
ATOM   375  C  C   . PHE A 1 45  ? -3.173  11.174  7.248   1.00 4.80  ? 149 PHE A C   1 
ATOM   376  O  O   . PHE A 1 45  ? -3.061  12.152  6.527   1.00 4.20  ? 149 PHE A O   1 
ATOM   377  C  CB  . PHE A 1 45  ? -3.824  9.303   5.777   1.00 5.02  ? 149 PHE A CB  1 
ATOM   378  C  CG  . PHE A 1 45  ? -4.767  8.240   5.397   1.00 3.42  ? 149 PHE A CG  1 
ATOM   379  C  CD1 . PHE A 1 45  ? -4.841  7.053   6.147   1.00 2.87  ? 149 PHE A CD1 1 
ATOM   380  C  CD2 . PHE A 1 45  ? -5.584  8.404   4.282   1.00 4.30  ? 149 PHE A CD2 1 
ATOM   381  C  CE1 . PHE A 1 45  ? -5.762  6.014   5.747   1.00 3.89  ? 149 PHE A CE1 1 
ATOM   382  C  CE2 . PHE A 1 45  ? -6.515  7.403   3.925   1.00 2.00  ? 149 PHE A CE2 1 
ATOM   383  C  CZ  . PHE A 1 45  ? -6.586  6.220   4.660   1.00 2.71  ? 149 PHE A CZ  1 
ATOM   384  N  N   . SER A 1 46  ? -2.392  10.950  8.314   1.00 4.30  ? 150 SER A N   1 
ATOM   385  C  CA  . SER A 1 46  ? -1.292  11.824  8.703   1.00 6.12  ? 150 SER A CA  1 
ATOM   386  C  C   . SER A 1 46  ? -0.020  10.991  8.955   1.00 6.62  ? 150 SER A C   1 
ATOM   387  O  O   . SER A 1 46  ? -0.046  9.903   9.533   1.00 6.25  ? 150 SER A O   1 
ATOM   388  C  CB  . SER A 1 46  ? -1.571  12.671  9.967   1.00 5.75  ? 150 SER A CB  1 
ATOM   389  O  OG  . SER A 1 46  ? -2.815  13.349  9.936   1.00 7.00  ? 150 SER A OG  1 
ATOM   390  N  N   . LYS A 1 47  ? 1.106   11.587  8.573   1.00 6.35  ? 151 LYS A N   1 
ATOM   391  C  CA  . LYS A 1 47  ? 2.397   10.957  8.659   1.00 6.24  ? 151 LYS A CA  1 
ATOM   392  C  C   . LYS A 1 47  ? 2.957   11.396  9.990   1.00 6.70  ? 151 LYS A C   1 
ATOM   393  O  O   . LYS A 1 47  ? 2.932   12.561  10.307  1.00 7.17  ? 151 LYS A O   1 
ATOM   394  C  CB  . LYS A 1 47  ? 3.248   11.492  7.512   1.00 5.67  ? 151 LYS A CB  1 
ATOM   395  C  CG  . LYS A 1 47  ? 4.589   10.846  7.391   1.00 6.91  ? 151 LYS A CG  1 
ATOM   396  C  CD  . LYS A 1 47  ? 5.457   11.679  6.416   1.00 9.15  ? 151 LYS A CD  1 
ATOM   397  C  CE  . LYS A 1 47  ? 6.772   10.976  6.154   1.00 4.95  ? 151 LYS A CE  1 
ATOM   398  N  NZ  . LYS A 1 47  ? 7.496   10.972  7.465   1.00 11.93 ? 151 LYS A NZ  1 
ATOM   399  N  N   . ILE A 1 48  ? 3.436   10.470  10.799  1.00 6.78  ? 152 ILE A N   1 
ATOM   400  C  CA  . ILE A 1 48  ? 4.044   10.823  12.090  1.00 5.82  ? 152 ILE A CA  1 
ATOM   401  C  C   . ILE A 1 48  ? 5.435   10.236  11.945  1.00 8.06  ? 152 ILE A C   1 
ATOM   402  O  O   . ILE A 1 48  ? 5.656   9.354   11.110  1.00 7.62  ? 152 ILE A O   1 
ATOM   403  C  CB  . ILE A 1 48  ? 3.259   10.192  13.311  1.00 5.37  ? 152 ILE A CB  1 
ATOM   404  C  CG1 . ILE A 1 48  ? 3.175   8.685   13.204  1.00 4.82  ? 152 ILE A CG1 1 
ATOM   405  C  CG2 . ILE A 1 48  ? 1.784   10.691  13.375  1.00 3.45  ? 152 ILE A CG2 1 
ATOM   406  C  CD1 . ILE A 1 48  ? 2.345   7.991   14.256  1.00 5.16  ? 152 ILE A CD1 1 
ATOM   407  N  N   . ASN A 1 49  ? 6.375   10.695  12.742  1.00 9.23  ? 153 ASN A N   1 
ATOM   408  C  CA  . ASN A 1 49  ? 7.758   10.334  12.578  1.00 10.43 ? 153 ASN A CA  1 
ATOM   409  C  C   . ASN A 1 49  ? 8.281   9.627   13.774  1.00 11.52 ? 153 ASN A C   1 
ATOM   410  O  O   . ASN A 1 49  ? 9.460   9.332   13.850  1.00 11.12 ? 153 ASN A O   1 
ATOM   411  C  CB  . ASN A 1 49  ? 8.592   11.590  12.428  1.00 11.50 ? 153 ASN A CB  1 
ATOM   412  C  CG  . ASN A 1 49  ? 8.314   12.306  11.144  1.00 14.10 ? 153 ASN A CG  1 
ATOM   413  O  OD1 . ASN A 1 49  ? 8.358   13.529  11.100  1.00 21.69 ? 153 ASN A OD1 1 
ATOM   414  N  ND2 . ASN A 1 49  ? 7.995   11.556  10.090  1.00 12.50 ? 153 ASN A ND2 1 
ATOM   415  N  N   . THR A 1 50  ? 7.418   9.374   14.726  1.00 12.34 ? 154 THR A N   1 
ATOM   416  C  CA  . THR A 1 50  ? 7.891   8.853   15.964  1.00 15.27 ? 154 THR A CA  1 
ATOM   417  C  C   . THR A 1 50  ? 6.763   8.083   16.563  1.00 16.02 ? 154 THR A C   1 
ATOM   418  O  O   . THR A 1 50  ? 5.588   8.404   16.297  1.00 15.19 ? 154 THR A O   1 
ATOM   419  C  CB  . THR A 1 50  ? 8.323   10.019  16.870  1.00 16.54 ? 154 THR A CB  1 
ATOM   420  O  OG1 . THR A 1 50  ? 9.320   9.564   17.777  1.00 20.82 ? 154 THR A OG1 1 
ATOM   421  C  CG2 . THR A 1 50  ? 7.173   10.660  17.587  1.00 17.53 ? 154 THR A CG2 1 
ATOM   422  N  N   . GLY A 1 51  ? 7.128   7.065   17.353  1.00 15.51 ? 155 GLY A N   1 
ATOM   423  C  CA  . GLY A 1 51  ? 6.158   6.214   18.006  1.00 16.81 ? 155 GLY A CA  1 
ATOM   424  C  C   . GLY A 1 51  ? 5.282   5.365   17.108  1.00 16.44 ? 155 GLY A C   1 
ATOM   425  O  O   . GLY A 1 51  ? 5.531   5.247   15.900  1.00 16.29 ? 155 GLY A O   1 
ATOM   426  N  N   . MET A 1 52  ? 4.253   4.775   17.735  1.00 16.43 ? 156 MET A N   1 
ATOM   427  C  CA  . MET A 1 52  ? 3.340   3.811   17.109  1.00 17.74 ? 156 MET A CA  1 
ATOM   428  C  C   . MET A 1 52  ? 2.337   4.428   16.102  1.00 15.41 ? 156 MET A C   1 
ATOM   429  O  O   . MET A 1 52  ? 1.442   5.175   16.480  1.00 15.57 ? 156 MET A O   1 
ATOM   430  C  CB  . MET A 1 52  ? 2.571   3.075   18.195  1.00 16.88 ? 156 MET A CB  1 
ATOM   431  C  CG  . MET A 1 52  ? 2.002   1.763   17.710  1.00 21.52 ? 156 MET A CG  1 
ATOM   432  S  SD  . MET A 1 52  ? 1.842   0.570   19.074  1.00 26.80 ? 156 MET A SD  1 
ATOM   433  C  CE  . MET A 1 52  ? 3.452   -0.295  18.950  1.00 28.74 ? 156 MET A CE  1 
ATOM   434  N  N   . ALA A 1 53  ? 2.493   4.080   14.827  1.00 13.60 ? 157 ALA A N   1 
ATOM   435  C  CA  . ALA A 1 53  ? 1.553   4.442   13.771  1.00 12.51 ? 157 ALA A CA  1 
ATOM   436  C  C   . ALA A 1 53  ? 0.508   3.328   13.584  1.00 11.29 ? 157 ALA A C   1 
ATOM   437  O  O   . ALA A 1 53  ? 0.754   2.168   13.969  1.00 12.97 ? 157 ALA A O   1 
ATOM   438  C  CB  . ALA A 1 53  ? 2.315   4.673   12.475  1.00 9.90  ? 157 ALA A CB  1 
ATOM   439  N  N   . ASP A 1 54  ? -0.644  3.658   12.995  1.00 9.48  ? 158 ASP A N   1 
ATOM   440  C  CA  . ASP A 1 54  ? -1.628  2.671   12.682  1.00 7.64  ? 158 ASP A CA  1 
ATOM   441  C  C   . ASP A 1 54  ? -1.082  1.834   11.555  1.00 7.99  ? 158 ASP A C   1 
ATOM   442  O  O   . ASP A 1 54  ? -1.063  0.606   11.656  1.00 8.29  ? 158 ASP A O   1 
ATOM   443  C  CB  . ASP A 1 54  ? -2.944  3.319   12.227  1.00 6.70  ? 158 ASP A CB  1 
ATOM   444  C  CG  . ASP A 1 54  ? -3.703  3.979   13.357  1.00 7.09  ? 158 ASP A CG  1 
ATOM   445  O  OD1 . ASP A 1 54  ? -4.193  5.097   13.110  1.00 4.98  ? 158 ASP A OD1 1 
ATOM   446  O  OD2 . ASP A 1 54  ? -3.835  3.396   14.476  1.00 3.57  ? 158 ASP A OD2 1 
ATOM   447  N  N   . ILE A 1 55  ? -0.605  2.489   10.490  1.00 6.07  ? 159 ILE A N   1 
ATOM   448  C  CA  . ILE A 1 55  ? -0.090  1.776   9.342   1.00 5.63  ? 159 ILE A CA  1 
ATOM   449  C  C   . ILE A 1 55  ? 1.443   1.971   9.294   1.00 5.79  ? 159 ILE A C   1 
ATOM   450  O  O   . ILE A 1 55  ? 1.892   3.063   9.013   1.00 6.59  ? 159 ILE A O   1 
ATOM   451  C  CB  . ILE A 1 55  ? -0.702  2.319   8.077   1.00 4.82  ? 159 ILE A CB  1 
ATOM   452  C  CG1 . ILE A 1 55  ? -2.240  2.117   8.105   1.00 8.52  ? 159 ILE A CG1 1 
ATOM   453  C  CG2 . ILE A 1 55  ? 0.035   1.698   6.831   1.00 5.30  ? 159 ILE A CG2 1 
ATOM   454  C  CD1 . ILE A 1 55  ? -3.051  2.555   6.848   1.00 4.30  ? 159 ILE A CD1 1 
ATOM   455  N  N   . LEU A 1 56  ? 2.214   0.960   9.665   1.00 5.80  ? 160 LEU A N   1 
ATOM   456  C  CA  . LEU A 1 56  ? 3.703   1.006   9.491   1.00 6.75  ? 160 LEU A CA  1 
ATOM   457  C  C   . LEU A 1 56  ? 4.122   0.538   8.089   1.00 7.66  ? 160 LEU A C   1 
ATOM   458  O  O   . LEU A 1 56  ? 3.858   -0.614  7.674   1.00 9.35  ? 160 LEU A O   1 
ATOM   459  C  CB  . LEU A 1 56  ? 4.445   0.170   10.550  1.00 6.91  ? 160 LEU A CB  1 
ATOM   460  C  CG  . LEU A 1 56  ? 5.950   0.452   10.792  1.00 6.14  ? 160 LEU A CG  1 
ATOM   461  C  CD1 . LEU A 1 56  ? 6.309   1.928   11.107  1.00 7.40  ? 160 LEU A CD1 1 
ATOM   462  C  CD2 . LEU A 1 56  ? 6.422   -0.424  11.934  1.00 5.81  ? 160 LEU A CD2 1 
ATOM   463  N  N   . VAL A 1 57  ? 4.795   1.452   7.377   1.00 7.85  ? 161 VAL A N   1 
ATOM   464  C  CA  . VAL A 1 57  ? 5.356   1.220   6.075   1.00 7.32  ? 161 VAL A CA  1 
ATOM   465  C  C   . VAL A 1 57  ? 6.820   0.767   6.220   1.00 5.93  ? 161 VAL A C   1 
ATOM   466  O  O   . VAL A 1 57  ? 7.656   1.508   6.750   1.00 5.87  ? 161 VAL A O   1 
ATOM   467  C  CB  . VAL A 1 57  ? 5.284   2.493   5.198   1.00 6.45  ? 161 VAL A CB  1 
ATOM   468  C  CG1 . VAL A 1 57  ? 6.026   2.221   3.851   1.00 7.05  ? 161 VAL A CG1 1 
ATOM   469  C  CG2 . VAL A 1 57  ? 3.832   2.885   4.973   1.00 3.96  ? 161 VAL A CG2 1 
ATOM   470  N  N   . VAL A 1 58  ? 7.122   -0.426  5.697   1.00 5.10  ? 162 VAL A N   1 
ATOM   471  C  CA  . VAL A 1 58  ? 8.414   -1.128  5.927   1.00 4.28  ? 162 VAL A CA  1 
ATOM   472  C  C   . VAL A 1 58  ? 9.021   -1.584  4.600   1.00 4.43  ? 162 VAL A C   1 
ATOM   473  O  O   . VAL A 1 58  ? 8.352   -2.166  3.778   1.00 6.82  ? 162 VAL A O   1 
ATOM   474  C  CB  . VAL A 1 58  ? 8.186   -2.301  6.906   1.00 2.94  ? 162 VAL A CB  1 
ATOM   475  C  CG1 . VAL A 1 58  ? 9.534   -3.106  7.253   1.00 2.67  ? 162 VAL A CG1 1 
ATOM   476  C  CG2 . VAL A 1 58  ? 7.532   -1.776  8.179   1.00 2.00  ? 162 VAL A CG2 1 
ATOM   477  N  N   . PHE A 1 59  ? 10.272  -1.247  4.311   1.00 5.71  ? 163 PHE A N   1 
ATOM   478  C  CA  . PHE A 1 59  ? 10.971  -1.962  3.219   1.00 4.66  ? 163 PHE A CA  1 
ATOM   479  C  C   . PHE A 1 59  ? 11.809  -3.072  3.876   1.00 6.03  ? 163 PHE A C   1 
ATOM   480  O  O   . PHE A 1 59  ? 12.651  -2.782  4.790   1.00 7.11  ? 163 PHE A O   1 
ATOM   481  C  CB  . PHE A 1 59  ? 11.859  -1.034  2.384   1.00 4.03  ? 163 PHE A CB  1 
ATOM   482  C  CG  . PHE A 1 59  ? 11.104  -0.020  1.594   1.00 2.00  ? 163 PHE A CG  1 
ATOM   483  C  CD1 . PHE A 1 59  ? 10.826  1.240   2.136   1.00 3.88  ? 163 PHE A CD1 1 
ATOM   484  C  CD2 . PHE A 1 59  ? 10.633  -0.314  0.323   1.00 5.28  ? 163 PHE A CD2 1 
ATOM   485  C  CE1 . PHE A 1 59  ? 10.100  2.204   1.438   1.00 2.00  ? 163 PHE A CE1 1 
ATOM   486  C  CE2 . PHE A 1 59  ? 9.923   0.656   -0.385  1.00 2.00  ? 163 PHE A CE2 1 
ATOM   487  C  CZ  . PHE A 1 59  ? 9.667   1.905   0.180   1.00 2.29  ? 163 PHE A CZ  1 
ATOM   488  N  N   . ALA A 1 60  ? 11.547  -4.312  3.471   1.00 6.83  ? 164 ALA A N   1 
ATOM   489  C  CA  . ALA A 1 60  ? 12.308  -5.499  3.970   1.00 7.38  ? 164 ALA A CA  1 
ATOM   490  C  C   . ALA A 1 60  ? 12.469  -6.553  2.888   1.00 7.96  ? 164 ALA A C   1 
ATOM   491  O  O   . ALA A 1 60  ? 11.767  -6.527  1.838   1.00 8.95  ? 164 ALA A O   1 
ATOM   492  C  CB  . ALA A 1 60  ? 11.639  -6.104  5.259   1.00 5.98  ? 164 ALA A CB  1 
ATOM   493  N  N   . ARG A 1 61  ? 13.413  -7.469  3.129   1.00 8.77  ? 165 ARG A N   1 
ATOM   494  C  CA  . ARG A 1 61  ? 13.695  -8.571  2.203   1.00 10.69 ? 165 ARG A CA  1 
ATOM   495  C  C   . ARG A 1 61  ? 13.708  -9.918  2.958   1.00 9.43  ? 165 ARG A C   1 
ATOM   496  O  O   . ARG A 1 61  ? 13.854  -9.939  4.169   1.00 9.55  ? 165 ARG A O   1 
ATOM   497  C  CB  . ARG A 1 61  ? 15.020  -8.327  1.414   1.00 10.67 ? 165 ARG A CB  1 
ATOM   498  C  CG  . ARG A 1 61  ? 16.291  -8.241  2.274   1.00 10.35 ? 165 ARG A CG  1 
ATOM   499  C  CD  . ARG A 1 61  ? 17.646  -8.300  1.382   1.00 13.53 ? 165 ARG A CD  1 
ATOM   500  N  NE  . ARG A 1 61  ? 17.531  -7.698  0.028   1.00 18.30 ? 165 ARG A NE  1 
ATOM   501  C  CZ  . ARG A 1 61  ? 17.899  -6.435  -0.322  1.00 18.99 ? 165 ARG A CZ  1 
ATOM   502  N  NH1 . ARG A 1 61  ? 18.463  -5.574  0.540   1.00 16.71 ? 165 ARG A NH1 1 
ATOM   503  N  NH2 . ARG A 1 61  ? 17.736  -6.037  -1.574  1.00 16.55 ? 165 ARG A NH2 1 
ATOM   504  N  N   . GLY A 1 62  ? 13.490  -11.019 2.224   1.00 10.10 ? 166 GLY A N   1 
ATOM   505  C  CA  . GLY A 1 62  ? 13.521  -12.411 2.772   1.00 9.31  ? 166 GLY A CA  1 
ATOM   506  C  C   . GLY A 1 62  ? 12.620  -12.535 3.963   1.00 9.17  ? 166 GLY A C   1 
ATOM   507  O  O   . GLY A 1 62  ? 11.518  -11.955 3.984   1.00 9.31  ? 166 GLY A O   1 
ATOM   508  N  N   . ALA A 1 63  ? 13.106  -13.233 4.975   1.00 10.36 ? 167 ALA A N   1 
ATOM   509  C  CA  . ALA A 1 63  ? 12.347  -13.498 6.187   1.00 10.65 ? 167 ALA A CA  1 
ATOM   510  C  C   . ALA A 1 63  ? 12.492  -12.251 7.012   1.00 10.71 ? 167 ALA A C   1 
ATOM   511  O  O   . ALA A 1 63  ? 13.631  -11.783 7.213   1.00 9.94  ? 167 ALA A O   1 
ATOM   512  C  CB  . ALA A 1 63  ? 12.958  -14.716 6.925   1.00 12.00 ? 167 ALA A CB  1 
ATOM   513  N  N   . HIS A 1 64  ? 11.385  -11.674 7.468   1.00 10.81 ? 168 HIS A N   1 
ATOM   514  C  CA  . HIS A 1 64  ? 11.474  -10.353 8.141   1.00 11.34 ? 168 HIS A CA  1 
ATOM   515  C  C   . HIS A 1 64  ? 10.588  -10.193 9.375   1.00 12.26 ? 168 HIS A C   1 
ATOM   516  O  O   . HIS A 1 64  ? 10.166  -9.088  9.730   1.00 12.15 ? 168 HIS A O   1 
ATOM   517  C  CB  . HIS A 1 64  ? 11.274  -9.187  7.146   1.00 11.08 ? 168 HIS A CB  1 
ATOM   518  C  CG  . HIS A 1 64  ? 10.012  -9.298  6.342   1.00 10.84 ? 168 HIS A CG  1 
ATOM   519  N  ND1 . HIS A 1 64  ? 9.929   -10.069 5.205   1.00 9.89  ? 168 HIS A ND1 1 
ATOM   520  C  CD2 . HIS A 1 64  ? 8.770   -8.790  6.545   1.00 10.70 ? 168 HIS A CD2 1 
ATOM   521  C  CE1 . HIS A 1 64  ? 8.701   -9.999  4.716   1.00 10.47 ? 168 HIS A CE1 1 
ATOM   522  N  NE2 . HIS A 1 64  ? 7.974   -9.239  5.519   1.00 8.29  ? 168 HIS A NE2 1 
ATOM   523  N  N   . GLY A 1 65  ? 10.315  -11.295 10.061  1.00 12.48 ? 169 GLY A N   1 
ATOM   524  C  CA  . GLY A 1 65  ? 9.792   -11.180 11.416  1.00 13.08 ? 169 GLY A CA  1 
ATOM   525  C  C   . GLY A 1 65  ? 8.277   -11.224 11.508  1.00 13.82 ? 169 GLY A C   1 
ATOM   526  O  O   . GLY A 1 65  ? 7.725   -11.042 12.602  1.00 15.04 ? 169 GLY A O   1 
ATOM   527  N  N   . ASP A 1 66  ? 7.621   -11.441 10.382  0.70 13.26 ? 170 ASP A N   1 
ATOM   528  C  CA  . ASP A 1 66  ? 6.238   -11.896 10.359  0.70 13.56 ? 170 ASP A CA  1 
ATOM   529  C  C   . ASP A 1 66  ? 6.308   -13.254 9.711   0.70 15.14 ? 170 ASP A C   1 
ATOM   530  O  O   . ASP A 1 66  ? 7.381   -13.770 9.454   0.70 16.24 ? 170 ASP A O   1 
ATOM   531  C  CB  . ASP A 1 66  ? 5.284   -10.919 9.625   0.70 12.74 ? 170 ASP A CB  1 
ATOM   532  C  CG  . ASP A 1 66  ? 5.735   -10.551 8.202   0.70 9.74  ? 170 ASP A CG  1 
ATOM   533  O  OD1 . ASP A 1 66  ? 5.603   -9.329  7.833   0.70 5.61  ? 170 ASP A OD1 1 
ATOM   534  O  OD2 . ASP A 1 66  ? 6.137   -11.472 7.438   0.70 2.00  ? 170 ASP A OD2 1 
ATOM   535  N  N   . ASP A 1 67  ? 5.202   -13.886 9.447   1.00 16.47 ? 171 ASP A N   1 
ATOM   536  C  CA  . ASP A 1 67  ? 5.343   -15.263 8.981   1.00 18.31 ? 171 ASP A CA  1 
ATOM   537  C  C   . ASP A 1 67  ? 5.231   -15.278 7.425   1.00 18.60 ? 171 ASP A C   1 
ATOM   538  O  O   . ASP A 1 67  ? 4.986   -16.304 6.791   1.00 19.91 ? 171 ASP A O   1 
ATOM   539  C  CB  . ASP A 1 67  ? 4.348   -16.151 9.762   1.00 18.85 ? 171 ASP A CB  1 
ATOM   540  C  CG  . ASP A 1 67  ? 4.458   -17.665 9.432   1.00 22.31 ? 171 ASP A CG  1 
ATOM   541  O  OD1 . ASP A 1 67  ? 5.596   -18.240 9.444   1.00 24.17 ? 171 ASP A OD1 1 
ATOM   542  O  OD2 . ASP A 1 67  ? 3.359   -18.294 9.208   1.00 26.86 ? 171 ASP A OD2 1 
ATOM   543  N  N   . HIS A 1 68  ? 5.468   -14.131 6.794   1.00 17.99 ? 172 HIS A N   1 
ATOM   544  C  CA  . HIS A 1 68  ? 5.303   -14.053 5.349   1.00 17.48 ? 172 HIS A CA  1 
ATOM   545  C  C   . HIS A 1 68  ? 6.573   -13.642 4.599   1.00 15.30 ? 172 HIS A C   1 
ATOM   546  O  O   . HIS A 1 68  ? 6.699   -12.500 4.120   1.00 15.56 ? 172 HIS A O   1 
ATOM   547  C  CB  . HIS A 1 68  ? 4.179   -13.059 4.979   1.00 18.16 ? 172 HIS A CB  1 
ATOM   548  C  CG  . HIS A 1 68  ? 2.836   -13.419 5.537   1.00 23.36 ? 172 HIS A CG  1 
ATOM   549  N  ND1 . HIS A 1 68  ? 1.661   -13.167 4.858   1.00 25.72 ? 172 HIS A ND1 1 
ATOM   550  C  CD2 . HIS A 1 68  ? 2.482   -14.012 6.704   1.00 24.64 ? 172 HIS A CD2 1 
ATOM   551  C  CE1 . HIS A 1 68  ? 0.642   -13.587 5.593   1.00 27.17 ? 172 HIS A CE1 1 
ATOM   552  N  NE2 . HIS A 1 68  ? 1.114   -14.092 6.720   1.00 25.10 ? 172 HIS A NE2 1 
ATOM   553  N  N   . ALA A 1 69  ? 7.467   -14.597 4.432   1.00 12.88 ? 173 ALA A N   1 
ATOM   554  C  CA  . ALA A 1 69  ? 8.797   -14.327 3.934   1.00 9.76  ? 173 ALA A CA  1 
ATOM   555  C  C   . ALA A 1 69  ? 8.696   -13.712 2.557   1.00 8.35  ? 173 ALA A C   1 
ATOM   556  O  O   . ALA A 1 69  ? 7.838   -14.126 1.762   1.00 5.94  ? 173 ALA A O   1 
ATOM   557  C  CB  . ALA A 1 69  ? 9.569   -15.657 3.858   1.00 9.58  ? 173 ALA A CB  1 
ATOM   558  N  N   . PHE A 1 70  ? 9.584   -12.751 2.235   1.00 5.77  ? 174 PHE A N   1 
ATOM   559  C  CA  . PHE A 1 70  ? 9.642   -12.295 0.847   1.00 4.30  ? 174 PHE A CA  1 
ATOM   560  C  C   . PHE A 1 70  ? 10.547  -13.278 0.041   1.00 5.60  ? 174 PHE A C   1 
ATOM   561  O  O   . PHE A 1 70  ? 11.306  -14.090 0.595   1.00 5.75  ? 174 PHE A O   1 
ATOM   562  C  CB  . PHE A 1 70  ? 10.110  -10.823 0.723   1.00 3.52  ? 174 PHE A CB  1 
ATOM   563  C  CG  . PHE A 1 70  ? 9.039   -9.787  1.043   1.00 3.03  ? 174 PHE A CG  1 
ATOM   564  C  CD1 . PHE A 1 70  ? 9.313   -8.705  1.878   1.00 2.89  ? 174 PHE A CD1 1 
ATOM   565  C  CD2 . PHE A 1 70  ? 7.764   -9.876  0.487   1.00 2.00  ? 174 PHE A CD2 1 
ATOM   566  C  CE1 . PHE A 1 70  ? 8.277   -7.735  2.184   1.00 2.26  ? 174 PHE A CE1 1 
ATOM   567  C  CE2 . PHE A 1 70  ? 6.731   -8.926  0.784   1.00 2.00  ? 174 PHE A CE2 1 
ATOM   568  C  CZ  . PHE A 1 70  ? 7.011   -7.848  1.647   1.00 2.00  ? 174 PHE A CZ  1 
ATOM   569  N  N   . ASP A 1 71  ? 10.437  -13.220 -1.271  1.00 7.06  ? 175 ASP A N   1 
ATOM   570  C  CA  . ASP A 1 71  ? 11.048  -14.224 -2.100  1.00 7.85  ? 175 ASP A CA  1 
ATOM   571  C  C   . ASP A 1 71  ? 12.054  -13.697 -3.120  1.00 8.31  ? 175 ASP A C   1 
ATOM   572  O  O   . ASP A 1 71  ? 12.155  -14.254 -4.198  1.00 8.70  ? 175 ASP A O   1 
ATOM   573  C  CB  . ASP A 1 71  ? 9.923   -14.872 -2.863  1.00 7.95  ? 175 ASP A CB  1 
ATOM   574  C  CG  . ASP A 1 71  ? 9.103   -13.860 -3.622  1.00 8.87  ? 175 ASP A CG  1 
ATOM   575  O  OD1 . ASP A 1 71  ? 8.180   -14.287 -4.313  1.00 5.87  ? 175 ASP A OD1 1 
ATOM   576  O  OD2 . ASP A 1 71  ? 9.365   -12.633 -3.538  1.00 7.31  ? 175 ASP A OD2 1 
ATOM   577  N  N   . GLY A 1 72  ? 12.763  -12.605 -2.821  1.00 9.15  ? 176 GLY A N   1 
ATOM   578  C  CA  . GLY A 1 72  ? 13.752  -12.096 -3.787  1.00 8.80  ? 176 GLY A CA  1 
ATOM   579  C  C   . GLY A 1 72  ? 13.101  -11.416 -4.961  1.00 8.72  ? 176 GLY A C   1 
ATOM   580  O  O   . GLY A 1 72  ? 11.919  -11.142 -4.941  1.00 8.41  ? 176 GLY A O   1 
ATOM   581  N  N   . LYS A 1 73  ? 13.851  -11.142 -6.015  1.00 9.20  ? 177 LYS A N   1 
ATOM   582  C  CA  . LYS A 1 73  ? 13.289  -10.257 -7.036  1.00 11.50 ? 177 LYS A CA  1 
ATOM   583  C  C   . LYS A 1 73  ? 12.155  -10.982 -7.798  1.00 11.06 ? 177 LYS A C   1 
ATOM   584  O  O   . LYS A 1 73  ? 12.235  -12.184 -8.009  1.00 10.53 ? 177 LYS A O   1 
ATOM   585  C  CB  . LYS A 1 73  ? 14.387  -9.693  -7.970  1.00 11.80 ? 177 LYS A CB  1 
ATOM   586  C  CG  . LYS A 1 73  ? 13.892  -8.582  -8.908  1.00 13.93 ? 177 LYS A CG  1 
ATOM   587  C  CD  . LYS A 1 73  ? 14.419  -8.759  -10.351 1.00 18.11 ? 177 LYS A CD  1 
ATOM   588  C  CE  . LYS A 1 73  ? 14.117  -7.580  -11.276 0.80 15.02 ? 177 LYS A CE  1 
ATOM   589  N  NZ  . LYS A 1 73  ? 14.771  -6.315  -10.796 0.80 17.46 ? 177 LYS A NZ  1 
ATOM   590  N  N   . GLY A 1 74  ? 11.080  -10.265 -8.136  1.00 11.08 ? 178 GLY A N   1 
ATOM   591  C  CA  . GLY A 1 74  ? 9.910   -10.866 -8.816  1.00 12.25 ? 178 GLY A CA  1 
ATOM   592  C  C   . GLY A 1 74  ? 8.871   -11.458 -7.861  1.00 12.00 ? 178 GLY A C   1 
ATOM   593  O  O   . GLY A 1 74  ? 9.005   -11.321 -6.643  1.00 13.51 ? 178 GLY A O   1 
ATOM   594  N  N   . GLY A 1 75  ? 7.841   -12.117 -8.410  1.00 11.41 ? 179 GLY A N   1 
ATOM   595  C  CA  . GLY A 1 75  ? 6.851   -12.790 -7.566  1.00 11.36 ? 179 GLY A CA  1 
ATOM   596  C  C   . GLY A 1 75  ? 6.086   -11.814 -6.664  1.00 10.36 ? 179 GLY A C   1 
ATOM   597  O  O   . GLY A 1 75  ? 5.389   -10.943 -7.153  1.00 11.37 ? 179 GLY A O   1 
ATOM   598  N  N   . ILE A 1 76  ? 6.231   -11.975 -5.360  1.00 9.44  ? 180 ILE A N   1 
ATOM   599  C  CA  . ILE A 1 76  ? 5.456   -11.211 -4.384  1.00 7.62  ? 180 ILE A CA  1 
ATOM   600  C  C   . ILE A 1 76  ? 6.160   -9.876  -4.238  1.00 6.07  ? 180 ILE A C   1 
ATOM   601  O  O   . ILE A 1 76  ? 7.337   -9.815  -3.813  1.00 5.50  ? 180 ILE A O   1 
ATOM   602  C  CB  . ILE A 1 76  ? 5.403   -11.905 -2.985  1.00 7.40  ? 180 ILE A CB  1 
ATOM   603  C  CG1 . ILE A 1 76  ? 4.560   -13.200 -2.944  1.00 7.98  ? 180 ILE A CG1 1 
ATOM   604  C  CG2 . ILE A 1 76  ? 4.912   -10.920 -1.899  1.00 6.92  ? 180 ILE A CG2 1 
ATOM   605  C  CD1 . ILE A 1 76  ? 3.172   -13.007 -3.472  1.00 15.34 ? 180 ILE A CD1 1 
ATOM   606  N  N   . LEU A 1 77  ? 5.448   -8.810  -4.580  1.00 4.75  ? 181 LEU A N   1 
ATOM   607  C  CA  . LEU A 1 77  ? 6.043   -7.450  -4.573  1.00 4.80  ? 181 LEU A CA  1 
ATOM   608  C  C   . LEU A 1 77  ? 5.999   -6.763  -3.209  1.00 4.41  ? 181 LEU A C   1 
ATOM   609  O  O   . LEU A 1 77  ? 6.908   -5.966  -2.866  1.00 5.66  ? 181 LEU A O   1 
ATOM   610  C  CB  . LEU A 1 77  ? 5.418   -6.579  -5.643  1.00 3.58  ? 181 LEU A CB  1 
ATOM   611  C  CG  . LEU A 1 77  ? 5.616   -7.047  -7.099  1.00 4.27  ? 181 LEU A CG  1 
ATOM   612  C  CD1 . LEU A 1 77  ? 4.794   -6.143  -7.988  1.00 2.68  ? 181 LEU A CD1 1 
ATOM   613  C  CD2 . LEU A 1 77  ? 7.053   -7.032  -7.578  1.00 2.00  ? 181 LEU A CD2 1 
ATOM   614  N  N   . ALA A 1 78  ? 4.968   -7.086  -2.422  1.00 3.89  ? 182 ALA A N   1 
ATOM   615  C  CA  . ALA A 1 78  ? 4.678   -6.406  -1.169  1.00 3.90  ? 182 ALA A CA  1 
ATOM   616  C  C   . ALA A 1 78  ? 3.523   -7.111  -0.559  1.00 3.82  ? 182 ALA A C   1 
ATOM   617  O  O   . ALA A 1 78  ? 2.831   -7.879  -1.266  1.00 6.20  ? 182 ALA A O   1 
ATOM   618  C  CB  . ALA A 1 78  ? 4.281   -4.922  -1.448  1.00 3.13  ? 182 ALA A CB  1 
ATOM   619  N  N   . HIS A 1 79  ? 3.282   -6.855  0.725   1.00 4.41  ? 183 HIS A N   1 
ATOM   620  C  CA  . HIS A 1 79  ? 2.061   -7.334  1.353   1.00 4.32  ? 183 HIS A CA  1 
ATOM   621  C  C   . HIS A 1 79  ? 1.709   -6.444  2.524   1.00 5.20  ? 183 HIS A C   1 
ATOM   622  O  O   . HIS A 1 79  ? 2.550   -5.617  2.968   1.00 6.16  ? 183 HIS A O   1 
ATOM   623  C  CB  . HIS A 1 79  ? 2.200   -8.778  1.820   1.00 4.77  ? 183 HIS A CB  1 
ATOM   624  C  CG  . HIS A 1 79  ? 3.267   -8.994  2.844   1.00 6.86  ? 183 HIS A CG  1 
ATOM   625  N  ND1 . HIS A 1 79  ? 4.149   -10.052 2.769   1.00 12.27 ? 183 HIS A ND1 1 
ATOM   626  C  CD2 . HIS A 1 79  ? 3.547   -8.356  4.006   1.00 13.13 ? 183 HIS A CD2 1 
ATOM   627  C  CE1 . HIS A 1 79  ? 4.968   -10.017 3.809   1.00 11.53 ? 183 HIS A CE1 1 
ATOM   628  N  NE2 . HIS A 1 79  ? 4.618   -9.006  4.585   1.00 7.56  ? 183 HIS A NE2 1 
ATOM   629  N  N   . ALA A 1 80  ? 0.477   -6.620  3.024   1.00 4.55  ? 184 ALA A N   1 
ATOM   630  C  CA  . ALA A 1 80  ? -0.138  -5.734  4.014   1.00 4.80  ? 184 ALA A CA  1 
ATOM   631  C  C   . ALA A 1 80  ? -1.159  -6.505  4.835   1.00 5.90  ? 184 ALA A C   1 
ATOM   632  O  O   . ALA A 1 80  ? -1.712  -7.555  4.357   1.00 8.16  ? 184 ALA A O   1 
ATOM   633  C  CB  . ALA A 1 80  ? -0.818  -4.555  3.337   1.00 4.59  ? 184 ALA A CB  1 
ATOM   634  N  N   . PHE A 1 81  ? -1.396  -6.016  6.042   1.00 5.48  ? 185 PHE A N   1 
ATOM   635  C  CA  . PHE A 1 81  ? -2.260  -6.675  7.018   1.00 6.42  ? 185 PHE A CA  1 
ATOM   636  C  C   . PHE A 1 81  ? -3.477  -5.832  7.153   1.00 6.40  ? 185 PHE A C   1 
ATOM   637  O  O   . PHE A 1 81  ? -3.366  -4.603  7.187   1.00 4.75  ? 185 PHE A O   1 
ATOM   638  C  CB  . PHE A 1 81  ? -1.551  -6.806  8.372   1.00 6.72  ? 185 PHE A CB  1 
ATOM   639  C  CG  . PHE A 1 81  ? -0.328  -7.667  8.307   1.00 8.82  ? 185 PHE A CG  1 
ATOM   640  C  CD1 . PHE A 1 81  ? -0.442  -9.061  8.469   1.00 11.87 ? 185 PHE A CD1 1 
ATOM   641  C  CD2 . PHE A 1 81  ? 0.932   -7.096  8.032   1.00 7.31  ? 185 PHE A CD2 1 
ATOM   642  C  CE1 . PHE A 1 81  ? 0.711   -9.886  8.348   1.00 14.38 ? 185 PHE A CE1 1 
ATOM   643  C  CE2 . PHE A 1 81  ? 2.065   -7.881  7.898   1.00 11.84 ? 185 PHE A CE2 1 
ATOM   644  C  CZ  . PHE A 1 81  ? 1.969   -9.285  8.065   1.00 13.16 ? 185 PHE A CZ  1 
ATOM   645  N  N   . GLY A 1 82  ? -4.642  -6.477  7.254   1.00 6.76  ? 186 GLY A N   1 
ATOM   646  C  CA  . GLY A 1 82  ? -5.908  -5.695  7.356   1.00 7.14  ? 186 GLY A CA  1 
ATOM   647  C  C   . GLY A 1 82  ? -5.992  -5.000  8.681   1.00 7.16  ? 186 GLY A C   1 
ATOM   648  O  O   . GLY A 1 82  ? -5.165  -5.234  9.596   1.00 7.70  ? 186 GLY A O   1 
ATOM   649  N  N   . PRO A 1 83  ? -7.017  -4.175  8.846   1.00 8.43  ? 187 PRO A N   1 
ATOM   650  C  CA  . PRO A 1 83  ? -7.122  -3.335  10.066  1.00 8.92  ? 187 PRO A CA  1 
ATOM   651  C  C   . PRO A 1 83  ? -7.036  -4.133  11.373  1.00 10.00 ? 187 PRO A C   1 
ATOM   652  O  O   . PRO A 1 83  ? -7.546  -5.266  11.477  1.00 11.60 ? 187 PRO A O   1 
ATOM   653  C  CB  . PRO A 1 83  ? -8.520  -2.687  9.921   1.00 8.31  ? 187 PRO A CB  1 
ATOM   654  C  CG  . PRO A 1 83  ? -8.732  -2.650  8.463   1.00 6.86  ? 187 PRO A CG  1 
ATOM   655  C  CD  . PRO A 1 83  ? -8.169  -3.980  7.956   1.00 6.37  ? 187 PRO A CD  1 
ATOM   656  N  N   . GLY A 1 84  ? -6.390  -3.551  12.370  1.00 11.29 ? 188 GLY A N   1 
ATOM   657  C  CA  . GLY A 1 84  ? -6.298  -4.198  13.678  1.00 10.26 ? 188 GLY A CA  1 
ATOM   658  C  C   . GLY A 1 84  ? -5.055  -3.701  14.378  1.00 12.00 ? 188 GLY A C   1 
ATOM   659  O  O   . GLY A 1 84  ? -4.242  -2.902  13.812  1.00 10.50 ? 188 GLY A O   1 
ATOM   660  N  N   . SER A 1 85  ? -4.861  -4.185  15.592  1.00 11.24 ? 189 SER A N   1 
ATOM   661  C  CA  . SER A 1 85  ? -3.795  -3.615  16.416  1.00 13.07 ? 189 SER A CA  1 
ATOM   662  C  C   . SER A 1 85  ? -2.433  -4.207  16.013  1.00 11.99 ? 189 SER A C   1 
ATOM   663  O  O   . SER A 1 85  ? -2.373  -5.121  15.179  1.00 12.54 ? 189 SER A O   1 
ATOM   664  C  CB  . SER A 1 85  ? -4.101  -3.870  17.913  1.00 12.34 ? 189 SER A CB  1 
ATOM   665  O  OG  . SER A 1 85  ? -4.113  -5.271  18.139  1.00 16.16 ? 189 SER A OG  1 
ATOM   666  N  N   . GLY A 1 86  ? -1.349  -3.674  16.567  1.00 9.90  ? 190 GLY A N   1 
ATOM   667  C  CA  . GLY A 1 86  ? -0.037  -4.240  16.290  1.00 9.98  ? 190 GLY A CA  1 
ATOM   668  C  C   . GLY A 1 86  ? 0.315   -4.153  14.805  1.00 9.37  ? 190 GLY A C   1 
ATOM   669  O  O   . GLY A 1 86  ? 0.284   -3.074  14.220  1.00 7.31  ? 190 GLY A O   1 
ATOM   670  N  N   . ILE A 1 87  ? 0.619   -5.298  14.209  1.00 9.70  ? 191 ILE A N   1 
ATOM   671  C  CA  . ILE A 1 87  ? 0.917   -5.375  12.785  1.00 9.05  ? 191 ILE A CA  1 
ATOM   672  C  C   . ILE A 1 87  ? -0.307  -5.210  11.881  1.00 8.95  ? 191 ILE A C   1 
ATOM   673  O  O   . ILE A 1 87  ? -0.140  -5.090  10.667  1.00 8.77  ? 191 ILE A O   1 
ATOM   674  C  CB  . ILE A 1 87  ? 1.647   -6.704  12.427  1.00 9.85  ? 191 ILE A CB  1 
ATOM   675  C  CG1 . ILE A 1 87  ? 0.617   -7.867  12.332  1.00 6.32  ? 191 ILE A CG1 1 
ATOM   676  C  CG2 . ILE A 1 87  ? 2.872   -6.919  13.417  1.00 12.65 ? 191 ILE A CG2 1 
ATOM   677  C  CD1 . ILE A 1 87  ? 1.084   -9.187  12.636  1.00 4.44  ? 191 ILE A CD1 1 
ATOM   678  N  N   . GLY A 1 88  ? -1.531  -5.255  12.438  1.00 8.61  ? 192 GLY A N   1 
ATOM   679  C  CA  . GLY A 1 88  ? -2.716  -4.878  11.674  1.00 7.77  ? 192 GLY A CA  1 
ATOM   680  C  C   . GLY A 1 88  ? -2.460  -3.533  11.033  1.00 8.00  ? 192 GLY A C   1 
ATOM   681  O  O   . GLY A 1 88  ? -1.931  -2.616  11.694  1.00 7.89  ? 192 GLY A O   1 
ATOM   682  N  N   . GLY A 1 89  ? -2.750  -3.456  9.730   1.00 7.23  ? 193 GLY A N   1 
ATOM   683  C  CA  . GLY A 1 89  ? -2.587  -2.235  8.951   1.00 6.19  ? 193 GLY A CA  1 
ATOM   684  C  C   . GLY A 1 89  ? -1.222  -2.112  8.283   1.00 5.70  ? 193 GLY A C   1 
ATOM   685  O  O   . GLY A 1 89  ? -1.068  -1.323  7.391   1.00 6.36  ? 193 GLY A O   1 
ATOM   686  N  N   . ASP A 1 90  ? -0.212  -2.844  8.729   1.00 3.24  ? 194 ASP A N   1 
ATOM   687  C  CA  . ASP A 1 90  ? 1.131   -2.539  8.243   1.00 3.16  ? 194 ASP A CA  1 
ATOM   688  C  C   . ASP A 1 90  ? 1.313   -2.970  6.820   1.00 2.00  ? 194 ASP A C   1 
ATOM   689  O  O   . ASP A 1 90  ? 0.711   -3.967  6.406   1.00 4.02  ? 194 ASP A O   1 
ATOM   690  C  CB  . ASP A 1 90  ? 2.173   -3.175  9.148   1.00 2.00  ? 194 ASP A CB  1 
ATOM   691  C  CG  . ASP A 1 90  ? 2.146   -2.609  10.535  1.00 6.19  ? 194 ASP A CG  1 
ATOM   692  O  OD1 . ASP A 1 90  ? 2.952   -3.117  11.392  1.00 2.91  ? 194 ASP A OD1 1 
ATOM   693  O  OD2 . ASP A 1 90  ? 1.390   -1.604  10.742  1.00 2.00  ? 194 ASP A OD2 1 
ATOM   694  N  N   . ALA A 1 91  ? 2.140   -2.255  6.072   1.00 3.15  ? 195 ALA A N   1 
ATOM   695  C  CA  . ALA A 1 91  ? 2.380   -2.526  4.658   1.00 2.77  ? 195 ALA A CA  1 
ATOM   696  C  C   . ALA A 1 91  ? 3.881   -2.640  4.461   1.00 4.07  ? 195 ALA A C   1 
ATOM   697  O  O   . ALA A 1 91  ? 4.646   -1.691  4.712   1.00 5.65  ? 195 ALA A O   1 
ATOM   698  C  CB  . ALA A 1 91  ? 1.742   -1.403  3.708   1.00 2.00  ? 195 ALA A CB  1 
ATOM   699  N  N   . HIS A 1 92  ? 4.294   -3.803  3.969   1.00 5.94  ? 196 HIS A N   1 
ATOM   700  C  CA  . HIS A 1 92  ? 5.709   -4.167  3.776   1.00 5.42  ? 196 HIS A CA  1 
ATOM   701  C  C   . HIS A 1 92  ? 5.971   -4.291  2.288   1.00 5.26  ? 196 HIS A C   1 
ATOM   702  O  O   . HIS A 1 92  ? 5.168   -4.898  1.576   1.00 5.39  ? 196 HIS A O   1 
ATOM   703  C  CB  . HIS A 1 92  ? 6.016   -5.505  4.511   1.00 5.65  ? 196 HIS A CB  1 
ATOM   704  C  CG  . HIS A 1 92  ? 5.776   -5.431  5.992   1.00 4.03  ? 196 HIS A CG  1 
ATOM   705  N  ND1 . HIS A 1 92  ? 5.824   -6.536  6.825   1.00 4.88  ? 196 HIS A ND1 1 
ATOM   706  C  CD2 . HIS A 1 92  ? 5.446   -4.376  6.789   1.00 8.51  ? 196 HIS A CD2 1 
ATOM   707  C  CE1 . HIS A 1 92  ? 5.582   -6.162  8.068   1.00 4.72  ? 196 HIS A CE1 1 
ATOM   708  N  NE2 . HIS A 1 92  ? 5.323   -4.856  8.075   1.00 6.88  ? 196 HIS A NE2 1 
ATOM   709  N  N   . PHE A 1 93  ? 7.101   -3.718  1.842   1.00 4.61  ? 197 PHE A N   1 
ATOM   710  C  CA  . PHE A 1 93  ? 7.528   -3.689  0.453   1.00 2.94  ? 197 PHE A CA  1 
ATOM   711  C  C   . PHE A 1 93  ? 8.828   -4.481  0.322   1.00 3.23  ? 197 PHE A C   1 
ATOM   712  O  O   . PHE A 1 93  ? 9.762   -4.233  1.059   1.00 2.00  ? 197 PHE A O   1 
ATOM   713  C  CB  . PHE A 1 93  ? 7.715   -2.217  0.015   1.00 2.06  ? 197 PHE A CB  1 
ATOM   714  C  CG  . PHE A 1 93  ? 6.369   -1.449  -0.016  1.00 2.90  ? 197 PHE A CG  1 
ATOM   715  C  CD1 . PHE A 1 93  ? 5.656   -1.313  -1.202  1.00 4.59  ? 197 PHE A CD1 1 
ATOM   716  C  CD2 . PHE A 1 93  ? 5.800   -0.965  1.164   1.00 2.00  ? 197 PHE A CD2 1 
ATOM   717  C  CE1 . PHE A 1 93  ? 4.401   -0.657  -1.224  1.00 2.00  ? 197 PHE A CE1 1 
ATOM   718  C  CE2 . PHE A 1 93  ? 4.523   -0.307  1.145   1.00 2.00  ? 197 PHE A CE2 1 
ATOM   719  C  CZ  . PHE A 1 93  ? 3.853   -0.168  -0.052  1.00 2.00  ? 197 PHE A CZ  1 
ATOM   720  N  N   . ASP A 1 94  ? 8.838   -5.438  -0.578  1.00 2.18  ? 198 ASP A N   1 
ATOM   721  C  CA  . ASP A 1 94  ? 10.032  -6.287  -0.844  1.00 3.63  ? 198 ASP A CA  1 
ATOM   722  C  C   . ASP A 1 94  ? 11.241  -5.430  -1.362  1.00 2.00  ? 198 ASP A C   1 
ATOM   723  O  O   . ASP A 1 94  ? 11.270  -4.980  -2.485  1.00 2.00  ? 198 ASP A O   1 
ATOM   724  C  CB  . ASP A 1 94  ? 9.659   -7.416  -1.840  1.00 2.85  ? 198 ASP A CB  1 
ATOM   725  C  CG  . ASP A 1 94  ? 10.731  -8.562  -1.927  1.00 5.65  ? 198 ASP A CG  1 
ATOM   726  O  OD1 . ASP A 1 94  ? 10.477  -9.548  -2.668  1.00 3.83  ? 198 ASP A OD1 1 
ATOM   727  O  OD2 . ASP A 1 94  ? 11.815  -8.482  -1.290  1.00 2.65  ? 198 ASP A OD2 1 
ATOM   728  N  N   . GLU A 1 95  ? 12.249  -5.276  -0.530  1.00 3.10  ? 199 GLU A N   1 
ATOM   729  C  CA  . GLU A 1 95  ? 13.372  -4.466  -0.885  1.00 4.53  ? 199 GLU A CA  1 
ATOM   730  C  C   . GLU A 1 95  ? 14.110  -5.087  -2.078  1.00 5.79  ? 199 GLU A C   1 
ATOM   731  O  O   . GLU A 1 95  ? 14.852  -4.355  -2.805  1.00 3.37  ? 199 GLU A O   1 
ATOM   732  C  CB  . GLU A 1 95  ? 14.309  -4.282  0.313   1.00 6.53  ? 199 GLU A CB  1 
ATOM   733  C  CG  . GLU A 1 95  ? 15.427  -3.295  0.123   1.00 5.38  ? 199 GLU A CG  1 
ATOM   734  C  CD  . GLU A 1 95  ? 14.883  -2.031  -0.491  1.00 11.40 ? 199 GLU A CD  1 
ATOM   735  O  OE1 . GLU A 1 95  ? 14.383  -1.264  0.330   1.00 14.76 ? 199 GLU A OE1 1 
ATOM   736  O  OE2 . GLU A 1 95  ? 14.926  -1.862  -1.769  1.00 9.09  ? 199 GLU A OE2 1 
ATOM   737  N  N   . ASP A 1 96  ? 13.908  -6.400  -2.285  1.00 5.85  ? 200 ASP A N   1 
ATOM   738  C  CA  . ASP A 1 96  ? 14.478  -7.102  -3.464  1.00 6.97  ? 200 ASP A CA  1 
ATOM   739  C  C   . ASP A 1 96  ? 13.901  -6.693  -4.804  1.00 7.58  ? 200 ASP A C   1 
ATOM   740  O  O   . ASP A 1 96  ? 14.484  -7.028  -5.872  1.00 9.10  ? 200 ASP A O   1 
ATOM   741  C  CB  . ASP A 1 96  ? 14.425  -8.633  -3.288  1.00 8.17  ? 200 ASP A CB  1 
ATOM   742  C  CG  . ASP A 1 96  ? 15.483  -9.135  -2.336  1.00 6.05  ? 200 ASP A CG  1 
ATOM   743  O  OD1 . ASP A 1 96  ? 15.339  -10.199 -1.764  1.00 10.26 ? 200 ASP A OD1 1 
ATOM   744  O  OD2 . ASP A 1 96  ? 16.466  -8.431  -2.129  1.00 11.08 ? 200 ASP A OD2 1 
ATOM   745  N  N   . GLU A 1 97  ? 12.763  -5.989  -4.792  1.00 6.45  ? 201 GLU A N   1 
ATOM   746  C  CA  . GLU A 1 97  ? 12.340  -5.277  -5.992  1.00 5.72  ? 201 GLU A CA  1 
ATOM   747  C  C   . GLU A 1 97  ? 13.101  -3.929  -6.175  1.00 5.09  ? 201 GLU A C   1 
ATOM   748  O  O   . GLU A 1 97  ? 13.734  -3.447  -5.242  1.00 5.53  ? 201 GLU A O   1 
ATOM   749  C  CB  . GLU A 1 97  ? 10.829  -5.001  -6.027  1.00 5.65  ? 201 GLU A CB  1 
ATOM   750  C  CG  . GLU A 1 97  ? 9.877   -6.111  -5.512  1.00 3.27  ? 201 GLU A CG  1 
ATOM   751  C  CD  . GLU A 1 97  ? 10.119  -7.471  -6.173  1.00 4.52  ? 201 GLU A CD  1 
ATOM   752  O  OE1 . GLU A 1 97  ? 10.429  -7.564  -7.375  1.00 4.67  ? 201 GLU A OE1 1 
ATOM   753  O  OE2 . GLU A 1 97  ? 10.049  -8.478  -5.450  1.00 12.72 ? 201 GLU A OE2 1 
ATOM   754  N  N   . PHE A 1 98  ? 12.999  -3.347  -7.363  1.00 4.51  ? 202 PHE A N   1 
ATOM   755  C  CA  . PHE A 1 98  ? 13.622  -2.068  -7.677  1.00 6.21  ? 202 PHE A CA  1 
ATOM   756  C  C   . PHE A 1 98  ? 12.512  -1.063  -7.755  1.00 5.02  ? 202 PHE A C   1 
ATOM   757  O  O   . PHE A 1 98  ? 11.751  -1.014  -8.732  1.00 4.53  ? 202 PHE A O   1 
ATOM   758  C  CB  . PHE A 1 98  ? 14.501  -2.060  -8.950  1.00 5.81  ? 202 PHE A CB  1 
ATOM   759  C  CG  . PHE A 1 98  ? 15.206  -0.708  -9.189  1.00 5.74  ? 202 PHE A CG  1 
ATOM   760  C  CD1 . PHE A 1 98  ? 16.223  -0.280  -8.310  1.00 2.00  ? 202 PHE A CD1 1 
ATOM   761  C  CD2 . PHE A 1 98  ? 14.801  0.138   -10.226 1.00 3.02  ? 202 PHE A CD2 1 
ATOM   762  C  CE1 . PHE A 1 98  ? 16.827  0.942   -8.452  1.00 4.72  ? 202 PHE A CE1 1 
ATOM   763  C  CE2 . PHE A 1 98  ? 15.417  1.407   -10.395 1.00 8.89  ? 202 PHE A CE2 1 
ATOM   764  C  CZ  . PHE A 1 98  ? 16.458  1.786   -9.495  1.00 5.57  ? 202 PHE A CZ  1 
ATOM   765  N  N   . TRP A 1 99  ? 12.400  -0.314  -6.666  1.00 4.09  ? 203 TRP A N   1 
ATOM   766  C  CA  . TRP A 1 99  ? 11.316  0.673   -6.476  1.00 5.06  ? 203 TRP A CA  1 
ATOM   767  C  C   . TRP A 1 99  ? 11.626  1.919   -7.281  1.00 5.18  ? 203 TRP A C   1 
ATOM   768  O  O   . TRP A 1 99  ? 12.757  2.373   -7.241  1.00 2.92  ? 203 TRP A O   1 
ATOM   769  C  CB  . TRP A 1 99  ? 11.102  0.962   -4.954  1.00 4.07  ? 203 TRP A CB  1 
ATOM   770  C  CG  . TRP A 1 99  ? 10.699  -0.309  -4.272  1.00 2.00  ? 203 TRP A CG  1 
ATOM   771  C  CD1 . TRP A 1 99  ? 11.428  -1.040  -3.404  1.00 3.64  ? 203 TRP A CD1 1 
ATOM   772  C  CD2 . TRP A 1 99  ? 9.471   -0.981  -4.438  1.00 2.00  ? 203 TRP A CD2 1 
ATOM   773  N  NE1 . TRP A 1 99  ? 10.759  -2.185  -3.042  1.00 3.40  ? 203 TRP A NE1 1 
ATOM   774  C  CE2 . TRP A 1 99  ? 9.533   -2.171  -3.666  1.00 3.86  ? 203 TRP A CE2 1 
ATOM   775  C  CE3 . TRP A 1 99  ? 8.298   -0.691  -5.151  1.00 2.00  ? 203 TRP A CE3 1 
ATOM   776  C  CZ2 . TRP A 1 99  ? 8.478   -3.080  -3.607  1.00 2.00  ? 203 TRP A CZ2 1 
ATOM   777  C  CZ3 . TRP A 1 99  ? 7.243   -1.609  -5.109  1.00 4.99  ? 203 TRP A CZ3 1 
ATOM   778  C  CH2 . TRP A 1 99  ? 7.336   -2.794  -4.348  1.00 3.34  ? 203 TRP A CH2 1 
ATOM   779  N  N   . THR A 1 100 ? 10.639  2.450   -8.041  1.00 5.62  ? 204 THR A N   1 
ATOM   780  C  CA  . THR A 1 100 ? 10.857  3.671   -8.819  1.00 6.52  ? 204 THR A CA  1 
ATOM   781  C  C   . THR A 1 100 ? 9.659   4.580   -8.785  1.00 7.68  ? 204 THR A C   1 
ATOM   782  O  O   . THR A 1 100 ? 8.504   4.140   -8.466  1.00 6.72  ? 204 THR A O   1 
ATOM   783  C  CB  . THR A 1 100 ? 11.086  3.382   -10.355 1.00 7.44  ? 204 THR A CB  1 
ATOM   784  O  OG1 . THR A 1 100 ? 9.822   3.149   -10.961 1.00 11.29 ? 204 THR A OG1 1 
ATOM   785  C  CG2 . THR A 1 100 ? 11.991  2.154   -10.581 1.00 7.77  ? 204 THR A CG2 1 
ATOM   786  N  N   . THR A 1 101 ? 9.906   5.846   -9.147  1.00 7.17  ? 205 THR A N   1 
ATOM   787  C  CA  . THR A 1 101 ? 8.841   6.832   -9.390  1.00 9.59  ? 205 THR A CA  1 
ATOM   788  C  C   . THR A 1 101 ? 8.141   6.694   -10.753 1.00 10.87 ? 205 THR A C   1 
ATOM   789  O  O   . THR A 1 101 ? 7.142   7.377   -11.022 1.00 11.32 ? 205 THR A O   1 
ATOM   790  C  CB  . THR A 1 101 ? 9.371   8.256   -9.309  1.00 8.50  ? 205 THR A CB  1 
ATOM   791  O  OG1 . THR A 1 101 ? 10.370  8.428   -10.329 1.00 12.50 ? 205 THR A OG1 1 
ATOM   792  C  CG2 . THR A 1 101 ? 9.996   8.484   -8.019  1.00 9.29  ? 205 THR A CG2 1 
ATOM   793  N  N   . HIS A 1 102 ? 8.652   5.840   -11.632 1.00 12.67 ? 206 HIS A N   1 
ATOM   794  C  CA  . HIS A 1 102 ? 8.096   5.737   -13.003 1.00 13.33 ? 206 HIS A CA  1 
ATOM   795  C  C   . HIS A 1 102 ? 7.821   4.276   -13.385 1.00 14.11 ? 206 HIS A C   1 
ATOM   796  O  O   . HIS A 1 102 ? 7.579   3.420   -12.508 1.00 14.52 ? 206 HIS A O   1 
ATOM   797  C  CB  . HIS A 1 102 ? 9.106   6.362   -13.963 1.00 13.88 ? 206 HIS A CB  1 
ATOM   798  C  CG  . HIS A 1 102 ? 10.492  5.800   -13.796 1.00 15.83 ? 206 HIS A CG  1 
ATOM   799  N  ND1 . HIS A 1 102 ? 11.484  6.436   -13.079 1.00 19.75 ? 206 HIS A ND1 1 
ATOM   800  C  CD2 . HIS A 1 102 ? 11.031  4.630   -14.217 1.00 16.60 ? 206 HIS A CD2 1 
ATOM   801  C  CE1 . HIS A 1 102 ? 12.575  5.691   -13.081 1.00 19.62 ? 206 HIS A CE1 1 
ATOM   802  N  NE2 . HIS A 1 102 ? 12.320  4.582   -13.757 1.00 16.54 ? 206 HIS A NE2 1 
ATOM   803  N  N   . SER A 1 103 ? 7.910   3.963   -14.681 1.00 14.31 ? 207 SER A N   1 
ATOM   804  C  CA  . SER A 1 103 ? 7.620   2.603   -15.177 1.00 14.75 ? 207 SER A CA  1 
ATOM   805  C  C   . SER A 1 103 ? 8.762   1.605   -15.109 1.00 14.80 ? 207 SER A C   1 
ATOM   806  O  O   . SER A 1 103 ? 8.543   0.401   -15.303 1.00 16.47 ? 207 SER A O   1 
ATOM   807  C  CB  . SER A 1 103 ? 7.095   2.651   -16.601 1.00 14.72 ? 207 SER A CB  1 
ATOM   808  O  OG  . SER A 1 103 ? 8.034   3.346   -17.410 1.00 14.84 ? 207 SER A OG  1 
ATOM   809  N  N   . GLY A 1 104 ? 9.980   2.050   -14.866 1.00 13.47 ? 208 GLY A N   1 
ATOM   810  C  CA  . GLY A 1 104 ? 11.068  1.093   -14.740 1.00 13.44 ? 208 GLY A CA  1 
ATOM   811  C  C   . GLY A 1 104 ? 10.833  0.420   -13.399 1.00 13.39 ? 208 GLY A C   1 
ATOM   812  O  O   . GLY A 1 104 ? 10.037  0.950   -12.572 1.00 14.29 ? 208 GLY A O   1 
ATOM   813  N  N   . GLY A 1 105 ? 11.520  -0.697  -13.160 1.00 11.87 ? 209 GLY A N   1 
ATOM   814  C  CA  . GLY A 1 105 ? 11.308  -1.549  -11.980 1.00 9.47  ? 209 GLY A CA  1 
ATOM   815  C  C   . GLY A 1 105 ? 9.861   -1.638  -11.570 1.00 8.57  ? 209 GLY A C   1 
ATOM   816  O  O   . GLY A 1 105 ? 8.985   -1.914  -12.422 1.00 8.25  ? 209 GLY A O   1 
ATOM   817  N  N   . THR A 1 106 ? 9.590   -1.373  -10.276 1.00 7.38  ? 210 THR A N   1 
ATOM   818  C  CA  . THR A 1 106 ? 8.217   -1.491  -9.720  1.00 5.61  ? 210 THR A CA  1 
ATOM   819  C  C   . THR A 1 106 ? 7.813   -0.120  -9.161  1.00 4.07  ? 210 THR A C   1 
ATOM   820  O  O   . THR A 1 106 ? 8.479   0.417   -8.298  1.00 3.36  ? 210 THR A O   1 
ATOM   821  C  CB  . THR A 1 106 ? 8.154   -2.560  -8.633  0.90 5.77  ? 210 THR A CB  1 
ATOM   822  O  OG1 . THR A 1 106 ? 8.600   -3.777  -9.213  0.90 7.14  ? 210 THR A OG1 1 
ATOM   823  C  CG2 . THR A 1 106 ? 6.682   -2.733  -8.062  0.90 2.38  ? 210 THR A CG2 1 
ATOM   824  N  N   . ASN A 1 107 ? 6.719   0.407   -9.687  1.00 3.79  ? 211 ASN A N   1 
ATOM   825  C  CA  . ASN A 1 107 ? 6.243   1.712   -9.336  1.00 3.63  ? 211 ASN A CA  1 
ATOM   826  C  C   . ASN A 1 107 ? 5.733   1.659   -7.890  1.00 3.96  ? 211 ASN A C   1 
ATOM   827  O  O   . ASN A 1 107 ? 4.804   0.935   -7.543  1.00 4.50  ? 211 ASN A O   1 
ATOM   828  C  CB  . ASN A 1 107 ? 5.163   2.192   -10.317 1.00 2.80  ? 211 ASN A CB  1 
ATOM   829  C  CG  . ASN A 1 107 ? 4.771   3.610   -10.051 1.00 2.64  ? 211 ASN A CG  1 
ATOM   830  O  OD1 . ASN A 1 107 ? 3.776   3.857   -9.324  1.00 5.25  ? 211 ASN A OD1 1 
ATOM   831  N  ND2 . ASN A 1 107 ? 5.587   4.539   -10.487 1.00 2.00  ? 211 ASN A ND2 1 
ATOM   832  N  N   . LEU A 1 108 ? 6.396   2.421   -7.048  1.00 4.27  ? 212 LEU A N   1 
ATOM   833  C  CA  . LEU A 1 108 ? 6.100   2.394   -5.625  1.00 2.64  ? 212 LEU A CA  1 
ATOM   834  C  C   . LEU A 1 108 ? 4.737   2.912   -5.307  1.00 3.05  ? 212 LEU A C   1 
ATOM   835  O  O   . LEU A 1 108 ? 4.021   2.344   -4.445  1.00 3.90  ? 212 LEU A O   1 
ATOM   836  C  CB  . LEU A 1 108 ? 7.144   3.186   -4.811  1.00 2.93  ? 212 LEU A CB  1 
ATOM   837  C  CG  . LEU A 1 108 ? 6.823   3.237   -3.269  1.00 2.00  ? 212 LEU A CG  1 
ATOM   838  C  CD1 . LEU A 1 108 ? 6.706   1.817   -2.718  1.00 2.00  ? 212 LEU A CD1 1 
ATOM   839  C  CD2 . LEU A 1 108 ? 7.804   4.085   -2.486  1.00 2.00  ? 212 LEU A CD2 1 
ATOM   840  N  N   . PHE A 1 109 ? 4.396   4.011   -5.973  1.00 3.79  ? 213 PHE A N   1 
ATOM   841  C  CA  . PHE A 1 109 ? 3.080   4.628   -5.824  1.00 3.94  ? 213 PHE A CA  1 
ATOM   842  C  C   . PHE A 1 109 ? 1.898   3.643   -6.072  1.00 2.32  ? 213 PHE A C   1 
ATOM   843  O  O   . PHE A 1 109 ? 1.008   3.532   -5.251  1.00 2.00  ? 213 PHE A O   1 
ATOM   844  C  CB  . PHE A 1 109 ? 2.928   5.869   -6.732  1.00 2.00  ? 213 PHE A CB  1 
ATOM   845  C  CG  . PHE A 1 109 ? 1.497   6.313   -6.877  1.00 4.11  ? 213 PHE A CG  1 
ATOM   846  C  CD1 . PHE A 1 109 ? 0.795   6.058   -8.063  1.00 2.14  ? 213 PHE A CD1 1 
ATOM   847  C  CD2 . PHE A 1 109 ? 0.814   6.911   -5.825  1.00 3.66  ? 213 PHE A CD2 1 
ATOM   848  C  CE1 . PHE A 1 109 ? -0.538  6.415   -8.178  1.00 5.43  ? 213 PHE A CE1 1 
ATOM   849  C  CE2 . PHE A 1 109 ? -0.533  7.312   -5.971  1.00 2.00  ? 213 PHE A CE2 1 
ATOM   850  C  CZ  . PHE A 1 109 ? -1.194  7.050   -7.121  1.00 3.35  ? 213 PHE A CZ  1 
ATOM   851  N  N   . LEU A 1 110 ? 1.899   3.037   -7.261  1.00 2.49  ? 214 LEU A N   1 
ATOM   852  C  CA  . LEU A 1 110 ? 0.909   2.029   -7.677  1.00 3.15  ? 214 LEU A CA  1 
ATOM   853  C  C   . LEU A 1 110 ? 0.803   0.864   -6.695  1.00 2.94  ? 214 LEU A C   1 
ATOM   854  O  O   . LEU A 1 110 ? -0.316  0.464   -6.328  1.00 2.09  ? 214 LEU A O   1 
ATOM   855  C  CB  . LEU A 1 110 ? 1.216   1.558   -9.112  1.00 2.00  ? 214 LEU A CB  1 
ATOM   856  C  CG  . LEU A 1 110 ? 0.695   2.597   -10.114 1.00 4.71  ? 214 LEU A CG  1 
ATOM   857  C  CD1 . LEU A 1 110 ? 0.988   2.218   -11.587 1.00 6.84  ? 214 LEU A CD1 1 
ATOM   858  C  CD2 . LEU A 1 110 ? -0.786  2.804   -9.900  1.00 7.60  ? 214 LEU A CD2 1 
ATOM   859  N  N   . THR A 1 111 ? 1.973   0.345   -6.251  1.00 4.01  ? 215 THR A N   1 
ATOM   860  C  CA  . THR A 1 111 ? 2.008   -0.813  -5.337  1.00 3.74  ? 215 THR A CA  1 
ATOM   861  C  C   . THR A 1 111 ? 1.473   -0.439  -3.954  1.00 4.70  ? 215 THR A C   1 
ATOM   862  O  O   . THR A 1 111 ? 0.732   -1.191  -3.320  1.00 5.62  ? 215 THR A O   1 
ATOM   863  C  CB  . THR A 1 111 ? 3.430   -1.477  -5.247  1.00 3.79  ? 215 THR A CB  1 
ATOM   864  O  OG1 . THR A 1 111 ? 3.966   -1.534  -6.574  1.00 2.36  ? 215 THR A OG1 1 
ATOM   865  C  CG2 . THR A 1 111 ? 3.334   -2.895  -4.705  1.00 2.00  ? 215 THR A CG2 1 
ATOM   866  N  N   . ALA A 1 112 ? 1.834   0.748   -3.498  1.00 3.78  ? 216 ALA A N   1 
ATOM   867  C  CA  . ALA A 1 112 ? 1.329   1.278   -2.259  1.00 4.14  ? 216 ALA A CA  1 
ATOM   868  C  C   . ALA A 1 112 ? -0.189  1.495   -2.268  1.00 3.44  ? 216 ALA A C   1 
ATOM   869  O  O   . ALA A 1 112 ? -0.850  1.320   -1.258  1.00 5.65  ? 216 ALA A O   1 
ATOM   870  C  CB  . ALA A 1 112 ? 2.072   2.625   -1.926  1.00 2.00  ? 216 ALA A CB  1 
ATOM   871  N  N   . VAL A 1 113 ? -0.738  1.937   -3.384  1.00 3.34  ? 217 VAL A N   1 
ATOM   872  C  CA  . VAL A 1 113 ? -2.211  2.181   -3.473  1.00 2.76  ? 217 VAL A CA  1 
ATOM   873  C  C   . VAL A 1 113 ? -2.842  0.817   -3.202  1.00 2.00  ? 217 VAL A C   1 
ATOM   874  O  O   . VAL A 1 113 ? -3.801  0.724   -2.460  1.00 2.00  ? 217 VAL A O   1 
ATOM   875  C  CB  . VAL A 1 113 ? -2.696  2.726   -4.868  1.00 2.00  ? 217 VAL A CB  1 
ATOM   876  C  CG1 . VAL A 1 113 ? -4.261  2.744   -4.992  1.00 4.63  ? 217 VAL A CG1 1 
ATOM   877  C  CG2 . VAL A 1 113 ? -2.247  4.200   -5.149  1.00 2.68  ? 217 VAL A CG2 1 
ATOM   878  N  N   . HIS A 1 114 ? -2.353  -0.212  -3.881  1.00 2.16  ? 218 HIS A N   1 
ATOM   879  C  CA  . HIS A 1 114 ? -2.930  -1.569  -3.730  1.00 2.00  ? 218 HIS A CA  1 
ATOM   880  C  C   . HIS A 1 114 ? -2.834  -2.111  -2.295  1.00 2.46  ? 218 HIS A C   1 
ATOM   881  O  O   . HIS A 1 114 ? -3.819  -2.658  -1.744  1.00 3.89  ? 218 HIS A O   1 
ATOM   882  C  CB  . HIS A 1 114 ? -2.248  -2.482  -4.736  1.00 2.00  ? 218 HIS A CB  1 
ATOM   883  C  CG  . HIS A 1 114 ? -2.638  -3.923  -4.630  1.00 2.20  ? 218 HIS A CG  1 
ATOM   884  N  ND1 . HIS A 1 114 ? -3.628  -4.488  -5.415  1.00 2.00  ? 218 HIS A ND1 1 
ATOM   885  C  CD2 . HIS A 1 114 ? -2.157  -4.918  -3.851  1.00 5.03  ? 218 HIS A CD2 1 
ATOM   886  C  CE1 . HIS A 1 114 ? -3.762  -5.770  -5.095  1.00 4.80  ? 218 HIS A CE1 1 
ATOM   887  N  NE2 . HIS A 1 114 ? -2.874  -6.062  -4.152  1.00 6.81  ? 218 HIS A NE2 1 
ATOM   888  N  N   . GLU A 1 115 ? -1.650  -1.965  -1.695  1.00 2.23  ? 219 GLU A N   1 
ATOM   889  C  CA  . GLU A 1 115 ? -1.329  -2.392  -0.329  1.00 3.44  ? 219 GLU A CA  1 
ATOM   890  C  C   . GLU A 1 115 ? -2.085  -1.612  0.762   1.00 3.53  ? 219 GLU A C   1 
ATOM   891  O  O   . GLU A 1 115 ? -2.573  -2.193  1.718   1.00 3.80  ? 219 GLU A O   1 
ATOM   892  C  CB  . GLU A 1 115 ? 0.184   -2.205  -0.071  1.00 2.37  ? 219 GLU A CB  1 
ATOM   893  C  CG  . GLU A 1 115 ? 1.108   -3.185  -0.813  1.00 6.67  ? 219 GLU A CG  1 
ATOM   894  C  CD  . GLU A 1 115 ? 0.516   -4.637  -0.977  1.00 5.00  ? 219 GLU A CD  1 
ATOM   895  O  OE1 . GLU A 1 115 ? 0.606   -5.189  -2.074  1.00 8.44  ? 219 GLU A OE1 1 
ATOM   896  O  OE2 . GLU A 1 115 ? -0.016  -5.228  -0.027  1.00 4.55  ? 219 GLU A OE2 1 
ATOM   897  N  N   . ILE A 1 116 ? -2.120  -0.287  0.680   1.00 4.11  ? 220 ILE A N   1 
ATOM   898  C  CA  . ILE A 1 116 ? -3.042  0.471   1.585   1.00 2.12  ? 220 ILE A CA  1 
ATOM   899  C  C   . ILE A 1 116 ? -4.510  0.086   1.412   1.00 2.00  ? 220 ILE A C   1 
ATOM   900  O  O   . ILE A 1 116 ? -5.305  0.139   2.353   1.00 2.00  ? 220 ILE A O   1 
ATOM   901  C  CB  . ILE A 1 116 ? -2.940  1.965   1.316   1.00 2.94  ? 220 ILE A CB  1 
ATOM   902  C  CG1 . ILE A 1 116 ? -1.483  2.378   1.467   1.00 2.00  ? 220 ILE A CG1 1 
ATOM   903  C  CG2 . ILE A 1 116 ? -3.927  2.772   2.241   1.00 2.00  ? 220 ILE A CG2 1 
ATOM   904  C  CD1 . ILE A 1 116 ? -1.233  3.821   1.032   1.00 6.26  ? 220 ILE A CD1 1 
ATOM   905  N  N   . GLY A 1 117 ? -4.884  -0.329  0.225   1.00 2.00  ? 221 GLY A N   1 
ATOM   906  C  CA  . GLY A 1 117 ? -6.218  -0.946  0.061   1.00 2.00  ? 221 GLY A CA  1 
ATOM   907  C  C   . GLY A 1 117 ? -6.369  -2.107  1.027   1.00 2.59  ? 221 GLY A C   1 
ATOM   908  O  O   . GLY A 1 117 ? -7.361  -2.221  1.741   1.00 4.42  ? 221 GLY A O   1 
ATOM   909  N  N   . HIS A 1 118 ? -5.361  -2.976  1.088   1.00 2.73  ? 222 HIS A N   1 
ATOM   910  C  CA  . HIS A 1 118 ? -5.377  -4.062  2.028   1.00 2.53  ? 222 HIS A CA  1 
ATOM   911  C  C   . HIS A 1 118 ? -5.289  -3.571  3.505   1.00 2.93  ? 222 HIS A C   1 
ATOM   912  O  O   . HIS A 1 118 ? -5.949  -4.153  4.384   1.00 2.35  ? 222 HIS A O   1 
ATOM   913  C  CB  . HIS A 1 118 ? -4.244  -5.061  1.739   1.00 2.00  ? 222 HIS A CB  1 
ATOM   914  C  CG  . HIS A 1 118 ? -4.364  -5.805  0.437   1.00 2.00  ? 222 HIS A CG  1 
ATOM   915  N  ND1 . HIS A 1 118 ? -5.534  -6.424  0.021   1.00 3.40  ? 222 HIS A ND1 1 
ATOM   916  C  CD2 . HIS A 1 118 ? -3.418  -6.123  -0.490  1.00 2.00  ? 222 HIS A CD2 1 
ATOM   917  C  CE1 . HIS A 1 118 ? -5.302  -7.049  -1.125  1.00 4.48  ? 222 HIS A CE1 1 
ATOM   918  N  NE2 . HIS A 1 118 ? -4.019  -6.932  -1.425  1.00 2.00  ? 222 HIS A NE2 1 
ATOM   919  N  N   . SER A 1 119 ? -4.536  -2.487  3.762   1.00 3.33  ? 223 SER A N   1 
ATOM   920  C  CA  . SER A 1 119 ? -4.393  -1.922  5.111   1.00 4.95  ? 223 SER A CA  1 
ATOM   921  C  C   . SER A 1 119 ? -5.726  -1.415  5.673   1.00 5.35  ? 223 SER A C   1 
ATOM   922  O  O   . SER A 1 119 ? -5.940  -1.307  6.920   1.00 5.62  ? 223 SER A O   1 
ATOM   923  C  CB  . SER A 1 119 ? -3.364  -0.767  5.133   1.00 4.58  ? 223 SER A CB  1 
ATOM   924  O  OG  . SER A 1 119 ? -2.118  -1.216  4.685   1.00 3.58  ? 223 SER A OG  1 
ATOM   925  N  N   . LEU A 1 120 ? -6.617  -1.101  4.741   1.00 6.01  ? 224 LEU A N   1 
ATOM   926  C  CA  . LEU A 1 120 ? -7.918  -0.503  5.015   1.00 5.84  ? 224 LEU A CA  1 
ATOM   927  C  C   . LEU A 1 120 ? -9.031  -1.588  5.028   1.00 5.54  ? 224 LEU A C   1 
ATOM   928  O  O   . LEU A 1 120 ? -10.131 -1.342  5.513   1.00 5.75  ? 224 LEU A O   1 
ATOM   929  C  CB  . LEU A 1 120 ? -8.171  0.585   3.973   1.00 5.63  ? 224 LEU A CB  1 
ATOM   930  C  CG  . LEU A 1 120 ? -7.267  1.832   3.857   1.00 3.85  ? 224 LEU A CG  1 
ATOM   931  C  CD1 . LEU A 1 120 ? -7.709  2.805   2.703   1.00 3.77  ? 224 LEU A CD1 1 
ATOM   932  C  CD2 . LEU A 1 120 ? -7.265  2.627   5.159   1.00 5.04  ? 224 LEU A CD2 1 
ATOM   933  N  N   . GLY A 1 121 ? -8.684  -2.802  4.582   1.00 6.02  ? 225 GLY A N   1 
ATOM   934  C  CA  . GLY A 1 121 ? -9.585  -3.980  4.630   1.00 5.00  ? 225 GLY A CA  1 
ATOM   935  C  C   . GLY A 1 121 ? -10.150 -4.470  3.299   1.00 5.70  ? 225 GLY A C   1 
ATOM   936  O  O   . GLY A 1 121 ? -11.062 -5.292  3.279   1.00 3.44  ? 225 GLY A O   1 
ATOM   937  N  N   . LEU A 1 122 ? -9.622  -3.977  2.176   1.00 6.58  ? 226 LEU A N   1 
ATOM   938  C  CA  . LEU A 1 122 ? -10.040 -4.491  0.908   1.00 9.29  ? 226 LEU A CA  1 
ATOM   939  C  C   . LEU A 1 122 ? -9.370  -5.864  0.585   1.00 9.67  ? 226 LEU A C   1 
ATOM   940  O  O   . LEU A 1 122 ? -8.224  -6.097  0.891   1.00 9.27  ? 226 LEU A O   1 
ATOM   941  C  CB  . LEU A 1 122 ? -9.759  -3.464  -0.201  1.00 11.06 ? 226 LEU A CB  1 
ATOM   942  C  CG  . LEU A 1 122 ? -10.721 -2.264  -0.335  1.00 12.48 ? 226 LEU A CG  1 
ATOM   943  C  CD1 . LEU A 1 122 ? -10.204 -1.281  -1.370  1.00 11.16 ? 226 LEU A CD1 1 
ATOM   944  C  CD2 . LEU A 1 122 ? -12.107 -2.708  -0.710  1.00 11.33 ? 226 LEU A CD2 1 
ATOM   945  N  N   . GLY A 1 123 ? -10.110 -6.782  -0.021  1.00 10.52 ? 227 GLY A N   1 
ATOM   946  C  CA  . GLY A 1 123 ? -9.485  -7.981  -0.580  1.00 9.35  ? 227 GLY A CA  1 
ATOM   947  C  C   . GLY A 1 123 ? -9.183  -7.716  -2.057  1.00 9.45  ? 227 GLY A C   1 
ATOM   948  O  O   . GLY A 1 123 ? -9.110  -6.559  -2.496  1.00 10.80 ? 227 GLY A O   1 
ATOM   949  N  N   . HIS A 1 124 ? -9.030  -8.775  -2.830  1.00 7.27  ? 228 HIS A N   1 
ATOM   950  C  CA  . HIS A 1 124 ? -8.715  -8.644  -4.238  1.00 6.78  ? 228 HIS A CA  1 
ATOM   951  C  C   . HIS A 1 124 ? -9.971  -8.594  -5.140  1.00 7.18  ? 228 HIS A C   1 
ATOM   952  O  O   . HIS A 1 124 ? -11.017 -9.096  -4.803  1.00 9.02  ? 228 HIS A O   1 
ATOM   953  C  CB  . HIS A 1 124 ? -7.831  -9.808  -4.666  1.00 5.99  ? 228 HIS A CB  1 
ATOM   954  C  CG  . HIS A 1 124 ? -6.385  -9.657  -4.302  1.00 5.59  ? 228 HIS A CG  1 
ATOM   955  N  ND1 . HIS A 1 124 ? -5.557  -10.733 -4.005  1.00 4.09  ? 228 HIS A ND1 1 
ATOM   956  C  CD2 . HIS A 1 124 ? -5.611  -8.544  -4.205  1.00 4.52  ? 228 HIS A CD2 1 
ATOM   957  C  CE1 . HIS A 1 124 ? -4.341  -10.279 -3.742  1.00 5.90  ? 228 HIS A CE1 1 
ATOM   958  N  NE2 . HIS A 1 124 ? -4.344  -8.956  -3.876  1.00 5.55  ? 228 HIS A NE2 1 
ATOM   959  N  N   . SER A 1 125 ? -9.831  -7.979  -6.292  1.00 7.61  ? 229 SER A N   1 
ATOM   960  C  CA  . SER A 1 125 ? -10.911 -7.774  -7.273  1.00 7.33  ? 229 SER A CA  1 
ATOM   961  C  C   . SER A 1 125 ? -10.589 -8.744  -8.405  1.00 8.10  ? 229 SER A C   1 
ATOM   962  O  O   . SER A 1 125 ? -9.415  -8.901  -8.726  1.00 7.99  ? 229 SER A O   1 
ATOM   963  C  CB  A SER A 1 125 ? -10.843 -6.330  -7.757  0.30 6.03  ? 229 SER A CB  1 
ATOM   964  O  OG  A SER A 1 125 ? -11.683 -6.122  -8.856  0.30 4.41  ? 229 SER A OG  1 
ATOM   965  N  N   . SER A 1 126 ? -11.608 -9.421  -8.966  1.00 9.59  ? 230 SER A N   1 
ATOM   966  C  CA  . SER A 1 126 ? -11.419 -10.245 -10.199 1.00 10.81 ? 230 SER A CA  1 
ATOM   967  C  C   . SER A 1 126 ? -11.290 -9.437  -11.516 1.00 10.78 ? 230 SER A C   1 
ATOM   968  O  O   . SER A 1 126 ? -10.833 -9.960  -12.538 1.00 9.46  ? 230 SER A O   1 
ATOM   969  C  CB  . SER A 1 126 ? -12.528 -11.301 -10.329 1.00 11.54 ? 230 SER A CB  1 
ATOM   970  O  OG  . SER A 1 126 ? -13.801 -10.721 -10.189 1.00 15.17 ? 230 SER A OG  1 
ATOM   971  N  N   . ASP A 1 127 ? -11.653 -8.151  -11.432 1.00 11.39 ? 231 ASP A N   1 
ATOM   972  C  CA  . ASP A 1 127 ? -11.649 -7.148  -12.521 1.00 12.89 ? 231 ASP A CA  1 
ATOM   973  C  C   . ASP A 1 127 ? -10.199 -6.706  -12.798 1.00 13.11 ? 231 ASP A C   1 
ATOM   974  O  O   . ASP A 1 127 ? -9.578  -6.065  -11.942 1.00 12.67 ? 231 ASP A O   1 
ATOM   975  C  CB  . ASP A 1 127 ? -12.525 -5.957  -12.056 1.00 12.73 ? 231 ASP A CB  1 
ATOM   976  C  CG  . ASP A 1 127 ? -12.883 -4.974  -13.180 1.00 16.51 ? 231 ASP A CG  1 
ATOM   977  O  OD1 . ASP A 1 127 ? -12.297 -5.094  -14.266 1.00 11.59 ? 231 ASP A OD1 1 
ATOM   978  O  OD2 . ASP A 1 127 ? -13.764 -4.076  -12.943 1.00 19.24 ? 231 ASP A OD2 1 
ATOM   979  N  N   . PRO A 1 128 ? -9.638  -7.079  -13.973 1.00 13.71 ? 232 PRO A N   1 
ATOM   980  C  CA  . PRO A 1 128 ? -8.271  -6.631  -14.311 1.00 14.36 ? 232 PRO A CA  1 
ATOM   981  C  C   . PRO A 1 128 ? -8.103  -5.138  -14.273 1.00 14.77 ? 232 PRO A C   1 
ATOM   982  O  O   . PRO A 1 128 ? -6.988  -4.651  -14.247 1.00 16.18 ? 232 PRO A O   1 
ATOM   983  C  CB  . PRO A 1 128 ? -8.062  -7.136  -15.749 1.00 12.83 ? 232 PRO A CB  1 
ATOM   984  C  CG  . PRO A 1 128 ? -8.922  -8.323  -15.828 1.00 14.33 ? 232 PRO A CG  1 
ATOM   985  C  CD  . PRO A 1 128 ? -10.176 -7.956  -15.036 1.00 14.18 ? 232 PRO A CD  1 
ATOM   986  N  N   . LYS A 1 129 ? -9.194  -4.402  -14.320 1.00 15.98 ? 233 LYS A N   1 
ATOM   987  C  CA  . LYS A 1 129 ? -9.063  -2.962  -14.417 1.00 17.04 ? 233 LYS A CA  1 
ATOM   988  C  C   . LYS A 1 129 ? -8.931  -2.295  -13.082 1.00 15.32 ? 233 LYS A C   1 
ATOM   989  O  O   . LYS A 1 129 ? -8.543  -1.119  -13.030 1.00 15.78 ? 233 LYS A O   1 
ATOM   990  C  CB  . LYS A 1 129 ? -10.213 -2.348  -15.249 1.00 17.75 ? 233 LYS A CB  1 
ATOM   991  C  CG  . LYS A 1 129 ? -9.952  -2.534  -16.788 1.00 18.93 ? 233 LYS A CG  1 
ATOM   992  C  CD  . LYS A 1 129 ? -11.223 -2.442  -17.638 1.00 21.76 ? 233 LYS A CD  1 
ATOM   993  C  CE  . LYS A 1 129 ? -10.892 -2.550  -19.168 1.00 24.00 ? 233 LYS A CE  1 
ATOM   994  N  NZ  . LYS A 1 129 ? -11.888 -1.748  -19.961 1.00 28.00 ? 233 LYS A NZ  1 
ATOM   995  N  N   . ALA A 1 130 ? -9.256  -3.046  -12.012 1.00 13.44 ? 234 ALA A N   1 
ATOM   996  C  CA  . ALA A 1 130 ? -9.238  -2.507  -10.656 1.00 10.89 ? 234 ALA A CA  1 
ATOM   997  C  C   . ALA A 1 130 ? -7.798  -2.501  -10.144 1.00 9.26  ? 234 ALA A C   1 
ATOM   998  O  O   . ALA A 1 130 ? -7.012  -3.375  -10.540 1.00 10.13 ? 234 ALA A O   1 
ATOM   999  C  CB  . ALA A 1 130 ? -10.201 -3.307  -9.719  1.00 8.60  ? 234 ALA A CB  1 
ATOM   1000 N  N   . VAL A 1 131 ? -7.444  -1.547  -9.280  1.00 6.53  ? 235 VAL A N   1 
ATOM   1001 C  CA  . VAL A 1 131 ? -6.091  -1.513  -8.683  1.00 6.05  ? 235 VAL A CA  1 
ATOM   1002 C  C   . VAL A 1 131 ? -5.848  -2.703  -7.696  1.00 5.62  ? 235 VAL A C   1 
ATOM   1003 O  O   . VAL A 1 131 ? -4.704  -3.078  -7.406  1.00 6.01  ? 235 VAL A O   1 
ATOM   1004 C  CB  . VAL A 1 131 ? -5.777  -0.132  -7.985  1.00 5.59  ? 235 VAL A CB  1 
ATOM   1005 C  CG1 . VAL A 1 131 ? -6.498  0.033   -6.652  1.00 2.00  ? 235 VAL A CG1 1 
ATOM   1006 C  CG2 . VAL A 1 131 ? -4.263  0.034   -7.764  1.00 7.00  ? 235 VAL A CG2 1 
ATOM   1007 N  N   . MET A 1 132 ? -6.963  -3.229  -7.187  1.00 6.80  ? 236 MET A N   1 
ATOM   1008 C  CA  . MET A 1 132 ? -7.045  -4.377  -6.258  1.00 7.15  ? 236 MET A CA  1 
ATOM   1009 C  C   . MET A 1 132 ? -7.043  -5.754  -6.982  1.00 7.64  ? 236 MET A C   1 
ATOM   1010 O  O   . MET A 1 132 ? -7.031  -6.837  -6.340  1.00 7.66  ? 236 MET A O   1 
ATOM   1011 C  CB  . MET A 1 132 ? -8.262  -4.209  -5.310  1.00 7.37  ? 236 MET A CB  1 
ATOM   1012 C  CG  . MET A 1 132 ? -8.216  -3.008  -4.315  1.00 4.53  ? 236 MET A CG  1 
ATOM   1013 S  SD  . MET A 1 132 ? -6.643  -2.854  -3.426  1.00 4.35  ? 236 MET A SD  1 
ATOM   1014 C  CE  . MET A 1 132 ? -6.520  -4.316  -2.456  1.00 2.00  ? 236 MET A CE  1 
ATOM   1015 N  N   . PHE A 1 133 ? -7.022  -5.725  -8.314  1.00 7.63  ? 237 PHE A N   1 
ATOM   1016 C  CA  . PHE A 1 133 ? -6.623  -6.932  -9.081  1.00 7.28  ? 237 PHE A CA  1 
ATOM   1017 C  C   . PHE A 1 133 ? -5.291  -7.396  -8.542  1.00 7.13  ? 237 PHE A C   1 
ATOM   1018 O  O   . PHE A 1 133 ? -4.428  -6.573  -8.258  1.00 8.56  ? 237 PHE A O   1 
ATOM   1019 C  CB  . PHE A 1 133 ? -6.448  -6.624  -10.544 1.00 6.71  ? 237 PHE A CB  1 
ATOM   1020 C  CG  . PHE A 1 133 ? -6.413  -7.846  -11.435 1.00 5.00  ? 237 PHE A CG  1 
ATOM   1021 C  CD1 . PHE A 1 133 ? -7.487  -8.745  -11.487 1.00 5.98  ? 237 PHE A CD1 1 
ATOM   1022 C  CD2 . PHE A 1 133 ? -5.346  -8.043  -12.277 1.00 5.20  ? 237 PHE A CD2 1 
ATOM   1023 C  CE1 . PHE A 1 133 ? -7.439  -9.800  -12.371 1.00 4.20  ? 237 PHE A CE1 1 
ATOM   1024 C  CE2 . PHE A 1 133 ? -5.305  -9.079  -13.124 1.00 5.78  ? 237 PHE A CE2 1 
ATOM   1025 C  CZ  . PHE A 1 133 ? -6.355  -9.965  -13.173 1.00 4.87  ? 237 PHE A CZ  1 
ATOM   1026 N  N   . PRO A 1 134 ? -5.144  -8.706  -8.314  1.00 8.13  ? 238 PRO A N   1 
ATOM   1027 C  CA  . PRO A 1 134 ? -3.905  -9.208  -7.762  1.00 8.10  ? 238 PRO A CA  1 
ATOM   1028 C  C   . PRO A 1 134 ? -2.617  -8.950  -8.527  1.00 10.70 ? 238 PRO A C   1 
ATOM   1029 O  O   . PRO A 1 134 ? -1.598  -8.854  -7.891  1.00 11.91 ? 238 PRO A O   1 
ATOM   1030 C  CB  . PRO A 1 134 ? -4.176  -10.710 -7.598  1.00 8.13  ? 238 PRO A CB  1 
ATOM   1031 C  CG  . PRO A 1 134 ? -5.641  -10.788 -7.421  1.00 7.07  ? 238 PRO A CG  1 
ATOM   1032 C  CD  . PRO A 1 134 ? -6.156  -9.778  -8.420  1.00 6.44  ? 238 PRO A CD  1 
ATOM   1033 N  N   . THR A 1 135 ? -2.632  -8.780  -9.851  1.00 12.72 ? 239 THR A N   1 
ATOM   1034 C  CA  . THR A 1 135 ? -1.372  -8.578  -10.572 1.00 14.14 ? 239 THR A CA  1 
ATOM   1035 C  C   . THR A 1 135 ? -1.006  -7.118  -10.926 1.00 14.40 ? 239 THR A C   1 
ATOM   1036 O  O   . THR A 1 135 ? -1.851  -6.342  -11.428 1.00 14.92 ? 239 THR A O   1 
ATOM   1037 C  CB  . THR A 1 135 ? -1.285  -9.503  -11.797 1.00 15.41 ? 239 THR A CB  1 
ATOM   1038 O  OG1 . THR A 1 135 ? -1.205  -10.855 -11.305 1.00 20.17 ? 239 THR A OG1 1 
ATOM   1039 C  CG2 . THR A 1 135 ? -0.036  -9.190  -12.619 1.00 16.88 ? 239 THR A CG2 1 
ATOM   1040 N  N   . TYR A 1 136 ? 0.261   -6.766  -10.644 1.00 14.44 ? 240 TYR A N   1 
ATOM   1041 C  CA  . TYR A 1 136 ? 0.824   -5.418  -10.876 1.00 14.69 ? 240 TYR A CA  1 
ATOM   1042 C  C   . TYR A 1 136 ? 0.804   -5.053  -12.389 1.00 16.00 ? 240 TYR A C   1 
ATOM   1043 O  O   . TYR A 1 136 ? 1.364   -5.803  -13.217 1.00 15.13 ? 240 TYR A O   1 
ATOM   1044 C  CB  . TYR A 1 136 ? 2.262   -5.309  -10.282 1.00 13.29 ? 240 TYR A CB  1 
ATOM   1045 C  CG  . TYR A 1 136 ? 3.007   -4.019  -10.698 1.00 12.11 ? 240 TYR A CG  1 
ATOM   1046 C  CD1 . TYR A 1 136 ? 2.923   -2.853  -9.931  1.00 10.69 ? 240 TYR A CD1 1 
ATOM   1047 C  CD2 . TYR A 1 136 ? 3.741   -3.970  -11.893 1.00 9.73  ? 240 TYR A CD2 1 
ATOM   1048 C  CE1 . TYR A 1 136 ? 3.568   -1.678  -10.326 1.00 11.24 ? 240 TYR A CE1 1 
ATOM   1049 C  CE2 . TYR A 1 136 ? 4.401   -2.815  -12.295 1.00 11.65 ? 240 TYR A CE2 1 
ATOM   1050 C  CZ  . TYR A 1 136 ? 4.303   -1.672  -11.523 1.00 9.26  ? 240 TYR A CZ  1 
ATOM   1051 O  OH  . TYR A 1 136 ? 4.943   -0.537  -11.942 1.00 10.55 ? 240 TYR A OH  1 
ATOM   1052 N  N   . LYS A 1 137 ? 0.127   -3.945  -12.724 1.00 16.77 ? 241 LYS A N   1 
ATOM   1053 C  CA  . LYS A 1 137 ? 0.161   -3.346  -14.074 1.00 18.82 ? 241 LYS A CA  1 
ATOM   1054 C  C   . LYS A 1 137 ? 0.639   -1.881  -14.010 1.00 19.14 ? 241 LYS A C   1 
ATOM   1055 O  O   . LYS A 1 137 ? 0.053   -1.086  -13.269 1.00 19.44 ? 241 LYS A O   1 
ATOM   1056 C  CB  . LYS A 1 137 ? -1.215  -3.377  -14.732 1.00 18.25 ? 241 LYS A CB  1 
ATOM   1057 C  CG  . LYS A 1 137 ? -1.103  -3.428  -16.249 1.00 21.95 ? 241 LYS A CG  1 
ATOM   1058 C  CD  . LYS A 1 137 ? -2.089  -2.523  -16.972 1.00 24.98 ? 241 LYS A CD  1 
ATOM   1059 C  CE  . LYS A 1 137 ? -1.496  -1.914  -18.270 1.00 28.42 ? 241 LYS A CE  1 
ATOM   1060 N  NZ  . LYS A 1 137 ? -1.196  -2.929  -19.348 1.00 29.86 ? 241 LYS A NZ  1 
ATOM   1061 N  N   . TYR A 1 138 ? 1.683   -1.513  -14.765 1.00 20.09 ? 242 TYR A N   1 
ATOM   1062 C  CA  . TYR A 1 138 ? 2.041   -0.081  -14.866 1.00 19.19 ? 242 TYR A CA  1 
ATOM   1063 C  C   . TYR A 1 138 ? 0.979   0.718   -15.620 1.00 19.37 ? 242 TYR A C   1 
ATOM   1064 O  O   . TYR A 1 138 ? 0.680   0.427   -16.769 1.00 20.85 ? 242 TYR A O   1 
ATOM   1065 C  CB  . TYR A 1 138 ? 3.443   0.208   -15.452 1.00 19.04 ? 242 TYR A CB  1 
ATOM   1066 C  CG  . TYR A 1 138 ? 3.710   1.700   -15.403 1.00 17.90 ? 242 TYR A CG  1 
ATOM   1067 C  CD1 . TYR A 1 138 ? 4.060   2.317   -14.193 1.00 18.75 ? 242 TYR A CD1 1 
ATOM   1068 C  CD2 . TYR A 1 138 ? 3.458   2.512   -16.508 1.00 17.82 ? 242 TYR A CD2 1 
ATOM   1069 C  CE1 . TYR A 1 138 ? 4.246   3.689   -14.118 1.00 16.77 ? 242 TYR A CE1 1 
ATOM   1070 C  CE2 . TYR A 1 138 ? 3.653   3.872   -16.461 1.00 15.78 ? 242 TYR A CE2 1 
ATOM   1071 C  CZ  . TYR A 1 138 ? 4.029   4.463   -15.262 1.00 17.91 ? 242 TYR A CZ  1 
ATOM   1072 O  OH  . TYR A 1 138 ? 4.200   5.821   -15.183 1.00 16.49 ? 242 TYR A OH  1 
ATOM   1073 N  N   . VAL A 1 139 ? 0.377   1.692   -14.955 1.00 18.71 ? 243 VAL A N   1 
ATOM   1074 C  CA  . VAL A 1 139 ? -0.393  2.720   -15.653 1.00 18.83 ? 243 VAL A CA  1 
ATOM   1075 C  C   . VAL A 1 139 ? 0.182   4.089   -15.307 1.00 17.99 ? 243 VAL A C   1 
ATOM   1076 O  O   . VAL A 1 139 ? 0.765   4.269   -14.240 1.00 18.03 ? 243 VAL A O   1 
ATOM   1077 C  CB  . VAL A 1 139 ? -1.929  2.663   -15.339 1.00 19.18 ? 243 VAL A CB  1 
ATOM   1078 C  CG1 . VAL A 1 139 ? -2.566  1.299   -15.831 1.00 18.51 ? 243 VAL A CG1 1 
ATOM   1079 C  CG2 . VAL A 1 139 ? -2.192  2.918   -13.860 1.00 17.93 ? 243 VAL A CG2 1 
ATOM   1080 N  N   . ASP A 1 140 ? 0.037   5.043   -16.216 1.00 18.00 ? 244 ASP A N   1 
ATOM   1081 C  CA  . ASP A 1 140 ? 0.544   6.391   -15.984 1.00 18.46 ? 244 ASP A CA  1 
ATOM   1082 C  C   . ASP A 1 140 ? 0.026   6.982   -14.677 1.00 17.80 ? 244 ASP A C   1 
ATOM   1083 O  O   . ASP A 1 140 ? -1.180  7.217   -14.495 1.00 18.18 ? 244 ASP A O   1 
ATOM   1084 C  CB  . ASP A 1 140 ? 0.209   7.310   -17.145 1.00 18.61 ? 244 ASP A CB  1 
ATOM   1085 C  CG  . ASP A 1 140 ? 0.892   8.658   -17.032 1.00 19.76 ? 244 ASP A CG  1 
ATOM   1086 O  OD1 . ASP A 1 140 ? 1.109   9.184   -15.910 1.00 21.67 ? 244 ASP A OD1 1 
ATOM   1087 O  OD2 . ASP A 1 140 ? 1.173   9.227   -18.094 1.00 22.36 ? 244 ASP A OD2 1 
ATOM   1088 N  N   . ILE A 1 141 ? 0.967   7.224   -13.786 1.00 17.30 ? 245 ILE A N   1 
ATOM   1089 C  CA  . ILE A 1 141 ? 0.685   7.621   -12.387 1.00 16.92 ? 245 ILE A CA  1 
ATOM   1090 C  C   . ILE A 1 141 ? 0.181   9.076   -12.266 1.00 17.93 ? 245 ILE A C   1 
ATOM   1091 O  O   . ILE A 1 141 ? -0.337  9.494   -11.209 1.00 17.39 ? 245 ILE A O   1 
ATOM   1092 C  CB  . ILE A 1 141 ? 1.979   7.414   -11.498 1.00 16.47 ? 245 ILE A CB  1 
ATOM   1093 C  CG1 . ILE A 1 141 ? 3.187   8.129   -12.131 1.00 17.59 ? 245 ILE A CG1 1 
ATOM   1094 C  CG2 . ILE A 1 141 ? 2.313   5.915   -11.378 1.00 12.91 ? 245 ILE A CG2 1 
ATOM   1095 C  CD1 . ILE A 1 141 ? 4.138   8.868   -11.106 1.00 21.60 ? 245 ILE A CD1 1 
ATOM   1096 N  N   . ASN A 1 142 ? 0.344   9.847   -13.340 1.00 18.09 ? 246 ASN A N   1 
ATOM   1097 C  CA  . ASN A 1 142 ? -0.022  11.257  -13.321 1.00 19.23 ? 246 ASN A CA  1 
ATOM   1098 C  C   . ASN A 1 142 ? -1.485  11.372  -13.708 1.00 19.31 ? 246 ASN A C   1 
ATOM   1099 O  O   . ASN A 1 142 ? -2.131  12.396  -13.427 1.00 19.61 ? 246 ASN A O   1 
ATOM   1100 C  CB  . ASN A 1 142 ? 0.848   12.061  -14.298 1.00 19.93 ? 246 ASN A CB  1 
ATOM   1101 C  CG  . ASN A 1 142 ? 2.328   11.801  -14.108 1.00 21.87 ? 246 ASN A CG  1 
ATOM   1102 O  OD1 . ASN A 1 142 ? 2.921   12.301  -13.153 1.00 21.81 ? 246 ASN A OD1 1 
ATOM   1103 N  ND2 . ASN A 1 142 ? 2.937   11.006  -15.017 1.00 21.00 ? 246 ASN A ND2 1 
ATOM   1104 N  N   . THR A 1 143 ? -1.991  10.327  -14.370 1.00 18.58 ? 247 THR A N   1 
ATOM   1105 C  CA  . THR A 1 143 ? -3.410  10.227  -14.819 1.00 17.30 ? 247 THR A CA  1 
ATOM   1106 C  C   . THR A 1 143 ? -4.097  8.987   -14.219 1.00 17.72 ? 247 THR A C   1 
ATOM   1107 O  O   . THR A 1 143 ? -5.061  8.467   -14.786 1.00 17.85 ? 247 THR A O   1 
ATOM   1108 C  CB  . THR A 1 143 ? -3.497  10.120  -16.370 1.00 18.28 ? 247 THR A CB  1 
ATOM   1109 O  OG1 . THR A 1 143 ? -2.937  8.866   -16.835 1.00 11.24 ? 247 THR A OG1 1 
ATOM   1110 C  CG2 . THR A 1 143 ? -2.747  11.323  -17.057 1.00 18.77 ? 247 THR A CG2 1 
ATOM   1111 N  N   . PHE A 1 144 ? -3.565  8.473   -13.101 1.00 17.52 ? 248 PHE A N   1 
ATOM   1112 C  CA  . PHE A 1 144 ? -4.151  7.305   -12.423 1.00 17.27 ? 248 PHE A CA  1 
ATOM   1113 C  C   . PHE A 1 144 ? -5.493  7.671   -11.784 1.00 17.19 ? 248 PHE A C   1 
ATOM   1114 O  O   . PHE A 1 144 ? -5.642  8.727   -11.164 1.00 16.74 ? 248 PHE A O   1 
ATOM   1115 C  CB  . PHE A 1 144 ? -3.217  6.699   -11.332 1.00 16.70 ? 248 PHE A CB  1 
ATOM   1116 C  CG  . PHE A 1 144 ? -3.925  5.728   -10.426 1.00 15.32 ? 248 PHE A CG  1 
ATOM   1117 C  CD1 . PHE A 1 144 ? -4.041  4.379   -10.792 1.00 10.97 ? 248 PHE A CD1 1 
ATOM   1118 C  CD2 . PHE A 1 144 ? -4.561  6.175   -9.254  1.00 14.41 ? 248 PHE A CD2 1 
ATOM   1119 C  CE1 . PHE A 1 144 ? -4.735  3.463   -10.027 1.00 14.47 ? 248 PHE A CE1 1 
ATOM   1120 C  CE2 . PHE A 1 144 ? -5.299  5.239   -8.432  1.00 16.47 ? 248 PHE A CE2 1 
ATOM   1121 C  CZ  . PHE A 1 144 ? -5.375  3.864   -8.848  1.00 16.21 ? 248 PHE A CZ  1 
ATOM   1122 N  N   . ARG A 1 145 ? -6.455  6.766   -11.910 1.00 17.72 ? 249 ARG A N   1 
ATOM   1123 C  CA  . ARG A 1 145 ? -7.728  6.922   -11.212 1.00 18.55 ? 249 ARG A CA  1 
ATOM   1124 C  C   . ARG A 1 145 ? -8.274  5.558   -10.807 1.00 18.29 ? 249 ARG A C   1 
ATOM   1125 O  O   . ARG A 1 145 ? -8.179  4.613   -11.603 1.00 17.19 ? 249 ARG A O   1 
ATOM   1126 C  CB  . ARG A 1 145 ? -8.711  7.741   -12.070 1.00 18.79 ? 249 ARG A CB  1 
ATOM   1127 C  CG  . ARG A 1 145 ? -8.191  9.180   -12.313 1.00 20.55 ? 249 ARG A CG  1 
ATOM   1128 C  CD  . ARG A 1 145 ? -8.692  9.785   -13.565 1.00 20.05 ? 249 ARG A CD  1 
ATOM   1129 N  NE  . ARG A 1 145 ? -10.119 9.931   -13.448 1.00 25.50 ? 249 ARG A NE  1 
ATOM   1130 C  CZ  . ARG A 1 145 ? -10.856 10.797  -14.142 1.00 26.45 ? 249 ARG A CZ  1 
ATOM   1131 N  NH1 . ARG A 1 145 ? -12.162 10.836  -13.926 1.00 28.88 ? 249 ARG A NH1 1 
ATOM   1132 N  NH2 . ARG A 1 145 ? -10.303 11.630  -15.033 1.00 29.60 ? 249 ARG A NH2 1 
ATOM   1133 N  N   . LEU A 1 146 ? -8.811  5.460   -9.562  1.00 17.72 ? 250 LEU A N   1 
ATOM   1134 C  CA  . LEU A 1 146 ? -9.426  4.209   -9.030  1.00 17.53 ? 250 LEU A CA  1 
ATOM   1135 C  C   . LEU A 1 146 ? -10.498 3.788   -9.966  1.00 17.34 ? 250 LEU A C   1 
ATOM   1136 O  O   . LEU A 1 146 ? -11.224 4.665   -10.447 1.00 18.78 ? 250 LEU A O   1 
ATOM   1137 C  CB  . LEU A 1 146 ? -10.107 4.401   -7.679  1.00 16.15 ? 250 LEU A CB  1 
ATOM   1138 C  CG  . LEU A 1 146 ? -9.292  4.601   -6.436  1.00 14.51 ? 250 LEU A CG  1 
ATOM   1139 C  CD1 . LEU A 1 146 ? -10.248 4.903   -5.253  1.00 6.09  ? 250 LEU A CD1 1 
ATOM   1140 C  CD2 . LEU A 1 146 ? -8.286  3.420   -6.135  1.00 7.75  ? 250 LEU A CD2 1 
ATOM   1141 N  N   . SER A 1 147 ? -10.617 2.476   -10.209 1.00 17.14 ? 251 SER A N   1 
ATOM   1142 C  CA  . SER A 1 147 ? -11.660 1.955   -11.091 1.00 18.24 ? 251 SER A CA  1 
ATOM   1143 C  C   . SER A 1 147 ? -12.995 2.000   -10.319 1.00 18.59 ? 251 SER A C   1 
ATOM   1144 O  O   . SER A 1 147 ? -13.001 2.192   -9.094  1.00 17.80 ? 251 SER A O   1 
ATOM   1145 C  CB  . SER A 1 147 ? -11.316 0.540   -11.581 1.00 18.50 ? 251 SER A CB  1 
ATOM   1146 O  OG  . SER A 1 147 ? -11.787 -0.474  -10.682 1.00 19.59 ? 251 SER A OG  1 
ATOM   1147 N  N   . ALA A 1 148 ? -14.115 1.864   -11.030 1.00 18.93 ? 252 ALA A N   1 
ATOM   1148 C  CA  . ALA A 1 148 ? -15.467 1.785   -10.399 1.00 18.38 ? 252 ALA A CA  1 
ATOM   1149 C  C   . ALA A 1 148 ? -15.577 0.771   -9.245  1.00 17.21 ? 252 ALA A C   1 
ATOM   1150 O  O   . ALA A 1 148 ? -16.060 1.091   -8.166  1.00 18.52 ? 252 ALA A O   1 
ATOM   1151 C  CB  . ALA A 1 148 ? -16.538 1.464   -11.488 1.00 19.51 ? 252 ALA A CB  1 
ATOM   1152 N  N   . ASP A 1 149 ? -15.155 -0.457  -9.513  1.00 16.43 ? 253 ASP A N   1 
ATOM   1153 C  CA  . ASP A 1 149 ? -15.053 -1.577  -8.552  1.00 16.07 ? 253 ASP A CA  1 
ATOM   1154 C  C   . ASP A 1 149 ? -14.218 -1.258  -7.258  1.00 14.43 ? 253 ASP A C   1 
ATOM   1155 O  O   . ASP A 1 149 ? -14.634 -1.585  -6.133  1.00 13.17 ? 253 ASP A O   1 
ATOM   1156 C  CB  . ASP A 1 149 ? -14.531 -2.789  -9.352  1.00 17.40 ? 253 ASP A CB  1 
ATOM   1157 C  CG  . ASP A 1 149 ? -14.478 -4.062  -8.558  1.00 22.00 ? 253 ASP A CG  1 
ATOM   1158 O  OD1 . ASP A 1 149 ? -13.333 -4.509  -8.326  1.00 26.31 ? 253 ASP A OD1 1 
ATOM   1159 O  OD2 . ASP A 1 149 ? -15.540 -4.646  -8.179  1.00 24.79 ? 253 ASP A OD2 1 
ATOM   1160 N  N   . ASP A 1 150 ? -13.073 -0.581  -7.409  1.00 12.91 ? 254 ASP A N   1 
ATOM   1161 C  CA  . ASP A 1 150 ? -12.277 -0.127  -6.238  1.00 11.62 ? 254 ASP A CA  1 
ATOM   1162 C  C   . ASP A 1 150 ? -13.099 0.780   -5.293  1.00 10.64 ? 254 ASP A C   1 
ATOM   1163 O  O   . ASP A 1 150 ? -13.111 0.591   -4.067  1.00 9.51  ? 254 ASP A O   1 
ATOM   1164 C  CB  . ASP A 1 150 ? -11.049 0.623   -6.713  1.00 10.67 ? 254 ASP A CB  1 
ATOM   1165 C  CG  . ASP A 1 150 ? -10.070 -0.266  -7.445  1.00 13.38 ? 254 ASP A CG  1 
ATOM   1166 O  OD1 . ASP A 1 150 ? -9.692  0.153   -8.548  1.00 9.35  ? 254 ASP A OD1 1 
ATOM   1167 O  OD2 . ASP A 1 150 ? -9.666  -1.363  -6.917  1.00 7.34  ? 254 ASP A OD2 1 
ATOM   1168 N  N   . ILE A 1 151 ? -13.771 1.752   -5.914  1.00 9.90  ? 255 ILE A N   1 
ATOM   1169 C  CA  . ILE A 1 151 ? -14.701 2.697   -5.283  1.00 9.82  ? 255 ILE A CA  1 
ATOM   1170 C  C   . ILE A 1 151 ? -15.912 1.983   -4.662  1.00 9.96  ? 255 ILE A C   1 
ATOM   1171 O  O   . ILE A 1 151 ? -16.212 2.246   -3.501  1.00 8.94  ? 255 ILE A O   1 
ATOM   1172 C  CB  . ILE A 1 151 ? -15.206 3.720   -6.311  1.00 9.44  ? 255 ILE A CB  1 
ATOM   1173 C  CG1 . ILE A 1 151 ? -14.032 4.329   -7.059  1.00 9.82  ? 255 ILE A CG1 1 
ATOM   1174 C  CG2 . ILE A 1 151 ? -16.132 4.791   -5.653  1.00 11.45 ? 255 ILE A CG2 1 
ATOM   1175 C  CD1 . ILE A 1 151 ? -13.979 5.838   -7.025  1.00 9.25  ? 255 ILE A CD1 1 
ATOM   1176 N  N   . ARG A 1 152 ? -16.610 1.101   -5.403  1.00 11.23 ? 256 ARG A N   1 
ATOM   1177 C  CA  . ARG A 1 152 ? -17.690 0.317   -4.728  1.00 13.44 ? 256 ARG A CA  1 
ATOM   1178 C  C   . ARG A 1 152 ? -17.151 -0.421  -3.484  1.00 12.74 ? 256 ARG A C   1 
ATOM   1179 O  O   . ARG A 1 152 ? -17.714 -0.275  -2.405  1.00 12.42 ? 256 ARG A O   1 
ATOM   1180 C  CB  . ARG A 1 152 ? -18.472 -0.622  -5.659  1.00 13.10 ? 256 ARG A CB  1 
ATOM   1181 C  CG  . ARG A 1 152 ? -17.695 -1.937  -6.025  1.00 17.70 ? 256 ARG A CG  1 
ATOM   1182 C  CD  . ARG A 1 152 ? -18.580 -3.203  -6.205  1.00 17.64 ? 256 ARG A CD  1 
ATOM   1183 N  NE  . ARG A 1 152 ? -18.265 -3.885  -7.470  1.00 24.79 ? 256 ARG A NE  1 
ATOM   1184 C  CZ  . ARG A 1 152 ? -18.418 -3.346  -8.699  1.00 28.86 ? 256 ARG A CZ  1 
ATOM   1185 N  NH1 . ARG A 1 152 ? -18.077 -4.065  -9.780  1.00 29.40 ? 256 ARG A NH1 1 
ATOM   1186 N  NH2 . ARG A 1 152 ? -18.869 -2.082  -8.874  1.00 30.64 ? 256 ARG A NH2 1 
ATOM   1187 N  N   . GLY A 1 153 ? -16.038 -1.152  -3.634  1.00 11.90 ? 257 GLY A N   1 
ATOM   1188 C  CA  . GLY A 1 153 ? -15.393 -1.834  -2.508  1.00 11.57 ? 257 GLY A CA  1 
ATOM   1189 C  C   . GLY A 1 153 ? -15.001 -1.031  -1.268  1.00 11.42 ? 257 GLY A C   1 
ATOM   1190 O  O   . GLY A 1 153 ? -15.372 -1.429  -0.145  1.00 11.55 ? 257 GLY A O   1 
ATOM   1191 N  N   . ILE A 1 154 ? -14.240 0.077   -1.424  1.00 10.22 ? 258 ILE A N   1 
ATOM   1192 C  CA  . ILE A 1 154 ? -13.912 0.916   -0.239  1.00 9.86  ? 258 ILE A CA  1 
ATOM   1193 C  C   . ILE A 1 154 ? -15.151 1.601   0.343   1.00 10.80 ? 258 ILE A C   1 
ATOM   1194 O  O   . ILE A 1 154 ? -15.281 1.711   1.553   1.00 9.86  ? 258 ILE A O   1 
ATOM   1195 C  CB  . ILE A 1 154 ? -12.761 1.946   -0.485  1.00 9.14  ? 258 ILE A CB  1 
ATOM   1196 C  CG1 . ILE A 1 154 ? -11.937 2.207   0.803   1.00 7.40  ? 258 ILE A CG1 1 
ATOM   1197 C  CG2 . ILE A 1 154 ? -13.281 3.247   -1.175  1.00 9.22  ? 258 ILE A CG2 1 
ATOM   1198 C  CD1 . ILE A 1 154 ? -11.045 1.040   1.323   1.00 2.00  ? 258 ILE A CD1 1 
ATOM   1199 N  N   . GLN A 1 155 ? -16.078 2.014   -0.525  1.00 12.49 ? 259 GLN A N   1 
ATOM   1200 C  CA  . GLN A 1 155 ? -17.331 2.649   -0.076  1.00 13.45 ? 259 GLN A CA  1 
ATOM   1201 C  C   . GLN A 1 155 ? -18.230 1.739   0.778   1.00 13.33 ? 259 GLN A C   1 
ATOM   1202 O  O   . GLN A 1 155 ? -18.861 2.197   1.729   1.00 13.89 ? 259 GLN A O   1 
ATOM   1203 C  CB  . GLN A 1 155 ? -18.079 3.273   -1.268  1.00 13.96 ? 259 GLN A CB  1 
ATOM   1204 C  CG  . GLN A 1 155 ? -17.174 4.325   -1.970  1.00 15.56 ? 259 GLN A CG  1 
ATOM   1205 C  CD  . GLN A 1 155 ? -17.907 5.514   -2.543  1.00 17.44 ? 259 GLN A CD  1 
ATOM   1206 O  OE1 . GLN A 1 155 ? -17.600 6.667   -2.191  1.00 19.06 ? 259 GLN A OE1 1 
ATOM   1207 N  NE2 . GLN A 1 155 ? -18.839 5.260   -3.479  1.00 17.99 ? 259 GLN A NE2 1 
ATOM   1208 N  N   . SER A 1 156 ? -18.249 0.446   0.482   1.00 13.60 ? 260 SER A N   1 
ATOM   1209 C  CA  . SER A 1 156 ? -19.050 -0.466  1.278   1.00 13.73 ? 260 SER A CA  1 
ATOM   1210 C  C   . SER A 1 156 ? -18.386 -0.820  2.616   1.00 12.82 ? 260 SER A C   1 
ATOM   1211 O  O   . SER A 1 156 ? -19.095 -1.235  3.549   1.00 12.03 ? 260 SER A O   1 
ATOM   1212 C  CB  . SER A 1 156 ? -19.323 -1.720  0.488   1.00 14.89 ? 260 SER A CB  1 
ATOM   1213 O  OG  . SER A 1 156 ? -18.166 -1.988  -0.262  1.00 18.38 ? 260 SER A OG  1 
ATOM   1214 N  N   . LEU A 1 157 ? -17.059 -0.614  2.726   1.00 9.42  ? 261 LEU A N   1 
ATOM   1215 C  CA  . LEU A 1 157 ? -16.408 -0.618  4.017   1.00 9.49  ? 261 LEU A CA  1 
ATOM   1216 C  C   . LEU A 1 157 ? -16.541 0.686   4.865   1.00 8.93  ? 261 LEU A C   1 
ATOM   1217 O  O   . LEU A 1 157 ? -16.687 0.627   6.086   1.00 8.26  ? 261 LEU A O   1 
ATOM   1218 C  CB  . LEU A 1 157 ? -14.926 -0.982  3.848   1.00 8.90  ? 261 LEU A CB  1 
ATOM   1219 C  CG  . LEU A 1 157 ? -14.611 -2.370  3.299   1.00 8.18  ? 261 LEU A CG  1 
ATOM   1220 C  CD1 . LEU A 1 157 ? -13.031 -2.578  3.070   1.00 2.00  ? 261 LEU A CD1 1 
ATOM   1221 C  CD2 . LEU A 1 157 ? -15.250 -3.410  4.235   1.00 5.69  ? 261 LEU A CD2 1 
ATOM   1222 N  N   . TYR A 1 158 ? -16.454 1.837   4.212   1.00 10.10 ? 262 TYR A N   1 
ATOM   1223 C  CA  . TYR A 1 158 ? -16.438 3.140   4.895   1.00 11.72 ? 262 TYR A CA  1 
ATOM   1224 C  C   . TYR A 1 158 ? -17.419 4.112   4.246   1.00 14.40 ? 262 TYR A C   1 
ATOM   1225 O  O   . TYR A 1 158 ? -17.804 3.967   3.065   1.00 16.36 ? 262 TYR A O   1 
ATOM   1226 C  CB  . TYR A 1 158 ? -15.023 3.768   4.809   1.00 9.93  ? 262 TYR A CB  1 
ATOM   1227 C  CG  . TYR A 1 158 ? -13.919 2.925   5.399   1.00 10.37 ? 262 TYR A CG  1 
ATOM   1228 C  CD1 . TYR A 1 158 ? -13.565 3.055   6.761   1.00 8.52  ? 262 TYR A CD1 1 
ATOM   1229 C  CD2 . TYR A 1 158 ? -13.232 1.997   4.615   1.00 5.92  ? 262 TYR A CD2 1 
ATOM   1230 C  CE1 . TYR A 1 158 ? -12.587 2.288   7.312   1.00 8.05  ? 262 TYR A CE1 1 
ATOM   1231 C  CE2 . TYR A 1 158 ? -12.235 1.251   5.154   1.00 2.52  ? 262 TYR A CE2 1 
ATOM   1232 C  CZ  . TYR A 1 158 ? -11.928 1.374   6.503   1.00 6.30  ? 262 TYR A CZ  1 
ATOM   1233 O  OH  . TYR A 1 158 ? -10.930 0.600   7.064   1.00 4.86  ? 262 TYR A OH  1 
ATOM   1234 N  N   . GLY A 1 159 ? -17.765 5.175   4.935   1.00 16.28 ? 263 GLY A N   1 
ATOM   1235 C  CA  . GLY A 1 159 ? -18.626 6.168   4.258   1.00 18.52 ? 263 GLY A CA  1 
ATOM   1236 C  C   . GLY A 1 159 ? -20.029 5.702   3.855   1.00 20.07 ? 263 GLY A C   1 
ATOM   1237 O  O   . GLY A 1 159 ? -20.607 6.225   2.885   1.00 20.75 ? 263 GLY A O   1 
ATOM   1238 O  OXT . GLY A 1 159 ? -20.643 4.804   4.466   1.00 21.13 ? 263 GLY A OXT 1 
ATOM   1239 N  N   . GLN B 2 2   ? -4.073  -10.122 0.543   1.00 35.59 ? 205 GLN Y N   1 
ATOM   1240 C  CA  . GLN B 2 2   ? -2.745  -10.787 0.321   1.00 36.26 ? 205 GLN Y CA  1 
ATOM   1241 C  C   . GLN B 2 2   ? -1.523  -9.803  0.560   1.00 36.17 ? 205 GLN Y C   1 
ATOM   1242 O  O   . GLN B 2 2   ? -1.657  -8.812  1.295   1.00 35.48 ? 205 GLN Y O   1 
ATOM   1243 C  CB  . GLN B 2 2   ? -2.718  -11.527 -1.055  1.00 36.69 ? 205 GLN Y CB  1 
ATOM   1244 C  CG  . GLN B 2 2   ? -3.776  -12.695 -1.254  1.00 36.19 ? 205 GLN Y CG  1 
ATOM   1245 C  CD  . GLN B 2 2   ? -3.278  -13.853 -2.139  1.00 35.99 ? 205 GLN Y CD  1 
ATOM   1246 O  OE1 . GLN B 2 2   ? -2.231  -13.740 -2.763  1.00 34.82 ? 205 GLN Y OE1 1 
ATOM   1247 N  NE2 . GLN B 2 2   ? -4.038  -14.974 -2.188  1.00 34.51 ? 205 GLN Y NE2 1 
ATOM   1248 N  N   . GLY B 2 3   ? -0.365  -9.999  -0.078  1.00 35.70 ? 206 GLY Y N   1 
ATOM   1249 C  CA  . GLY B 2 3   ? -0.164  -10.826 -1.256  1.00 35.21 ? 206 GLY Y CA  1 
ATOM   1250 C  C   . GLY B 2 3   ? -0.113  -9.894  -2.438  1.00 34.76 ? 206 GLY Y C   1 
ATOM   1251 O  O   . GLY B 2 3   ? 0.896   -9.876  -3.157  1.00 34.46 ? 206 GLY Y O   1 
ATOM   1252 O  OXT . GLY B 2 3   ? -1.086  -9.139  -2.653  1.00 33.62 ? 206 GLY Y OXT 1 
ATOM   1253 N  N   . ILE C 3 1   ? 0.850   -6.473  -3.889  1.00 19.74 ? 207 ILE X N   1 
ATOM   1254 C  CA  . ILE C 3 1   ? 0.560   -6.941  -5.272  1.00 17.58 ? 207 ILE X CA  1 
ATOM   1255 C  C   . ILE C 3 1   ? 1.661   -7.904  -5.807  1.00 18.00 ? 207 ILE X C   1 
ATOM   1256 O  O   . ILE C 3 1   ? 2.692   -8.082  -5.168  1.00 17.18 ? 207 ILE X O   1 
ATOM   1257 C  CB  . ILE C 3 1   ? 0.308   -5.714  -6.133  1.00 17.55 ? 207 ILE X CB  1 
ATOM   1258 C  CG1 . ILE C 3 1   ? -0.858  -5.946  -7.081  1.00 16.69 ? 207 ILE X CG1 1 
ATOM   1259 C  CG2 . ILE C 3 1   ? 1.574   -5.230  -6.724  1.00 19.25 ? 207 ILE X CG2 1 
ATOM   1260 C  CD1 . ILE C 3 1   ? -1.292  -4.699  -7.844  1.00 14.35 ? 207 ILE X CD1 1 
ATOM   1261 N  N   . ALA C 3 2   ? 1.403   -8.534  -6.969  1.00 17.34 ? 208 ALA X N   1 
ATOM   1262 C  CA  . ALA C 3 2   ? 2.245   -9.625  -7.519  1.00 16.93 ? 208 ALA X CA  1 
ATOM   1263 C  C   . ALA C 3 2   ? 2.829   -9.277  -8.912  1.00 16.20 ? 208 ALA X C   1 
ATOM   1264 O  O   . ALA C 3 2   ? 2.155   -8.647  -9.761  1.00 16.37 ? 208 ALA X O   1 
ATOM   1265 C  CB  . ALA C 3 2   ? 1.406   -10.900 -7.585  1.00 16.47 ? 208 ALA X CB  1 
ATOM   1266 N  N   . GLY C 3 3   ? 4.068   -9.682  -9.152  1.00 16.15 ? 209 GLY X N   1 
ATOM   1267 C  CA  . GLY C 3 3   ? 4.801   -9.278  -10.366 1.00 16.56 ? 209 GLY X CA  1 
ATOM   1268 C  C   . GLY C 3 3   ? 4.187   -9.911  -11.585 1.00 18.01 ? 209 GLY X C   1 
ATOM   1269 O  O   . GLY C 3 3   ? 3.986   -11.128 -11.606 1.00 18.83 ? 209 GLY X O   1 
HETATM 1270 ZN ZN  . ZN  D 4 .   ? -3.002  -7.781  -2.929  1.00 3.50  ? 264 ZN  A ZN  1 
HETATM 1271 ZN ZN  . ZN  E 4 .   ? 5.939   -8.603  6.008   1.00 3.57  ? 265 ZN  A ZN  1 
HETATM 1272 CA CA  . CA  F 5 .   ? -0.180  -1.198  12.848  1.00 0.67  ? 266 CA  A CA  1 
HETATM 1273 CA CA  . CA  G 5 .   ? 15.427  -2.512  -3.903  1.00 1.69  ? 267 CA  A CA  1 
HETATM 1274 CA CA  . CA  H 5 .   ? 9.624   -10.387 -4.521  1.00 2.90  ? 268 CA  A CA  1 
HETATM 1275 O  O   . HOH I 6 .   ? 13.312  8.241   -6.479  1.00 3.00  ? 269 HOH A O   1 
HETATM 1276 O  O   . HOH I 6 .   ? 14.825  6.738   0.038   1.00 4.93  ? 270 HOH A O   1 
HETATM 1277 O  O   . HOH I 6 .   ? -9.940  1.537   14.801  1.00 2.63  ? 271 HOH A O   1 
HETATM 1278 O  O   . HOH I 6 .   ? 13.129  -10.692 -0.656  1.00 2.00  ? 272 HOH A O   1 
HETATM 1279 O  O   . HOH I 6 .   ? 16.568  7.346   6.199   1.00 4.60  ? 273 HOH A O   1 
HETATM 1280 O  O   . HOH I 6 .   ? 14.391  4.361   -8.511  1.00 2.00  ? 274 HOH A O   1 
HETATM 1281 O  O   . HOH I 6 .   ? -8.042  13.421  -0.166  0.50 2.00  ? 275 HOH A O   1 
HETATM 1282 O  O   . HOH I 6 .   ? -9.212  8.583   -5.732  1.00 2.00  ? 276 HOH A O   1 
HETATM 1283 O  O   . HOH I 6 .   ? 4.642   10.666  3.205   1.00 3.82  ? 277 HOH A O   1 
HETATM 1284 O  O   . HOH I 6 .   ? -6.143  14.032  -3.277  0.50 9.80  ? 278 HOH A O   1 
HETATM 1285 O  O   . HOH I 6 .   ? -4.763  7.222   14.497  1.00 2.64  ? 279 HOH A O   1 
HETATM 1286 O  O   . HOH I 6 .   ? 7.179   8.537   8.891   1.00 5.69  ? 280 HOH A O   1 
HETATM 1287 O  O   . HOH I 6 .   ? -5.576  12.400  4.176   1.00 9.32  ? 281 HOH A O   1 
HETATM 1288 O  O   . HOH I 6 .   ? 14.758  -7.058  5.648   1.00 7.40  ? 282 HOH A O   1 
HETATM 1289 O  O   . HOH I 6 .   ? 15.067  4.848   -11.023 1.00 11.05 ? 283 HOH A O   1 
HETATM 1290 O  O   . HOH I 6 .   ? 5.173   -4.337  10.704  1.00 6.84  ? 284 HOH A O   1 
HETATM 1291 O  O   . HOH I 6 .   ? 11.247  -4.766  -9.345  1.00 8.81  ? 285 HOH A O   1 
HETATM 1292 O  O   . HOH I 6 .   ? 7.283   9.945   -5.873  1.00 7.83  ? 286 HOH A O   1 
HETATM 1293 O  O   . HOH I 6 .   ? 10.780  -15.370 -7.087  1.00 15.72 ? 287 HOH A O   1 
HETATM 1294 O  O   . HOH I 6 .   ? 17.740  -3.314  -2.791  1.00 5.31  ? 288 HOH A O   1 
HETATM 1295 O  O   . HOH I 6 .   ? 8.162   12.471  -6.386  1.00 10.60 ? 289 HOH A O   1 
HETATM 1296 O  O   . HOH I 6 .   ? -0.606  6.360   15.801  1.00 13.73 ? 290 HOH A O   1 
HETATM 1297 O  O   . HOH I 6 .   ? 5.121   -14.458 1.977   1.00 3.61  ? 291 HOH A O   1 
HETATM 1298 O  O   . HOH I 6 .   ? 8.751   -12.338 7.221   1.00 3.84  ? 292 HOH A O   1 
HETATM 1299 O  O   . HOH I 6 .   ? 5.711   12.931  14.541  1.00 14.87 ? 293 HOH A O   1 
HETATM 1300 O  O   . HOH I 6 .   ? 11.151  -14.029 10.032  1.00 12.27 ? 294 HOH A O   1 
HETATM 1301 O  O   . HOH I 6 .   ? -2.976  0.955   15.491  1.00 8.60  ? 295 HOH A O   1 
HETATM 1302 O  O   . HOH I 6 .   ? 5.480   14.302  0.426   1.00 15.42 ? 296 HOH A O   1 
HETATM 1303 O  O   . HOH I 6 .   ? -7.028  -6.527  4.042   1.00 6.19  ? 297 HOH A O   1 
HETATM 1304 O  O   . HOH I 6 .   ? 15.013  13.338  -1.461  1.00 8.57  ? 298 HOH A O   1 
HETATM 1305 O  O   . HOH I 6 .   ? -2.365  -1.074  14.231  1.00 5.79  ? 299 HOH A O   1 
HETATM 1306 O  O   . HOH I 6 .   ? 19.138  10.558  -3.044  1.00 7.49  ? 300 HOH A O   1 
HETATM 1307 O  O   . HOH I 6 .   ? -0.348  -1.874  -7.754  1.00 5.27  ? 301 HOH A O   1 
HETATM 1308 O  O   . HOH I 6 .   ? 16.627  -3.417  -6.077  1.00 14.51 ? 302 HOH A O   1 
HETATM 1309 O  O   . HOH I 6 .   ? 12.750  6.509   -8.934  1.00 4.18  ? 303 HOH A O   1 
HETATM 1310 O  O   . HOH I 6 .   ? -12.932 12.580  8.941   1.00 10.88 ? 304 HOH A O   1 
HETATM 1311 O  O   . HOH I 6 .   ? 6.281   5.621   -7.260  1.00 5.74  ? 305 HOH A O   1 
HETATM 1312 O  O   . HOH I 6 .   ? 6.846   -1.159  -13.654 1.00 13.94 ? 306 HOH A O   1 
HETATM 1313 O  O   . HOH I 6 .   ? 19.488  5.681   0.362   0.50 17.41 ? 307 HOH A O   1 
HETATM 1314 O  O   . HOH I 6 .   ? 5.280   13.339  3.352   1.00 13.43 ? 308 HOH A O   1 
HETATM 1315 O  O   . HOH I 6 .   ? 18.432  7.239   -2.207  1.00 11.70 ? 309 HOH A O   1 
HETATM 1316 O  O   . HOH I 6 .   ? 15.697  -14.127 4.842   1.00 20.82 ? 310 HOH A O   1 
HETATM 1317 O  O   . HOH I 6 .   ? 5.948   -2.213  -15.927 1.00 12.77 ? 311 HOH A O   1 
HETATM 1318 O  O   . HOH I 6 .   ? 17.504  11.496  -0.827  1.00 9.23  ? 312 HOH A O   1 
HETATM 1319 O  O   . HOH I 6 .   ? -9.504  -1.646  14.001  1.00 23.25 ? 313 HOH A O   1 
HETATM 1320 O  O   . HOH I 6 .   ? -11.449 -3.415  -6.080  1.00 15.28 ? 314 HOH A O   1 
HETATM 1321 O  O   . HOH I 6 .   ? 16.381  -11.061 5.577   1.00 13.56 ? 315 HOH A O   1 
HETATM 1322 O  O   . HOH I 6 .   ? 12.908  10.723  -9.277  1.00 13.18 ? 316 HOH A O   1 
HETATM 1323 O  O   . HOH I 6 .   ? 16.399  0.927   4.322   1.00 7.37  ? 317 HOH A O   1 
HETATM 1324 O  O   . HOH I 6 .   ? -4.997  11.710  10.450  1.00 10.79 ? 318 HOH A O   1 
HETATM 1325 O  O   . HOH I 6 .   ? -7.659  14.252  2.987   1.00 13.01 ? 319 HOH A O   1 
HETATM 1326 O  O   . HOH I 6 .   ? -16.409 11.321  3.071   1.00 7.57  ? 320 HOH A O   1 
HETATM 1327 O  O   . HOH I 6 .   ? 15.985  -5.183  -7.635  1.00 8.63  ? 321 HOH A O   1 
HETATM 1328 O  O   . HOH I 6 .   ? 7.921   14.801  -0.398  1.00 12.87 ? 322 HOH A O   1 
HETATM 1329 O  O   . HOH I 6 .   ? -16.888 2.484   7.979   1.00 23.85 ? 323 HOH A O   1 
HETATM 1330 O  O   . HOH I 6 .   ? 14.381  -1.011  10.855  1.00 18.79 ? 324 HOH A O   1 
HETATM 1331 O  O   . HOH I 6 .   ? 9.289   -15.094 7.986   1.00 13.67 ? 325 HOH A O   1 
HETATM 1332 O  O   . HOH I 6 .   ? 12.179  5.811   11.776  1.00 18.16 ? 326 HOH A O   1 
HETATM 1333 O  O   . HOH I 6 .   ? -15.561 -5.284  15.974  1.00 19.24 ? 327 HOH A O   1 
HETATM 1334 O  O   . HOH I 6 .   ? 3.657   -2.988  -16.099 1.00 15.80 ? 328 HOH A O   1 
HETATM 1335 O  O   . HOH I 6 .   ? 5.469   -9.687  13.081  1.00 16.37 ? 329 HOH A O   1 
HETATM 1336 O  O   . HOH I 6 .   ? 7.798   13.520  16.584  1.00 19.61 ? 330 HOH A O   1 
HETATM 1337 O  O   . HOH I 6 .   ? -16.899 -8.297  9.391   1.00 14.66 ? 331 HOH A O   1 
HETATM 1338 O  O   . HOH I 6 .   ? 10.270  -6.021  8.865   1.00 18.88 ? 332 HOH A O   1 
HETATM 1339 O  O   . HOH I 6 .   ? -3.750  11.794  12.512  1.00 17.03 ? 333 HOH A O   1 
HETATM 1340 O  O   . HOH I 6 .   ? -11.340 -6.628  6.047   1.00 19.45 ? 334 HOH A O   1 
HETATM 1341 O  O   . HOH I 6 .   ? 19.039  -3.028  -0.574  1.00 17.82 ? 335 HOH A O   1 
HETATM 1342 O  O   . HOH I 6 .   ? -11.550 -5.265  -16.840 1.00 27.74 ? 336 HOH A O   1 
HETATM 1343 O  O   . HOH I 6 .   ? 6.971   -14.597 12.956  1.00 30.70 ? 337 HOH A O   1 
HETATM 1344 O  O   . HOH I 6 .   ? 1.871   19.246  4.205   1.00 20.62 ? 338 HOH A O   1 
HETATM 1345 O  O   . HOH I 6 .   ? -18.066 2.765   -8.504  1.00 19.99 ? 339 HOH A O   1 
HETATM 1346 O  O   . HOH I 6 .   ? -20.392 1.823   -8.986  1.00 14.23 ? 340 HOH A O   1 
HETATM 1347 O  O   . HOH I 6 .   ? 9.557   5.293   17.709  1.00 23.45 ? 341 HOH A O   1 
HETATM 1348 O  O   . HOH I 6 .   ? -2.820  10.164  -7.548  1.00 13.60 ? 342 HOH A O   1 
HETATM 1349 O  O   . HOH I 6 .   ? -4.982  -3.448  -12.369 1.00 12.19 ? 343 HOH A O   1 
HETATM 1350 O  O   . HOH I 6 .   ? 9.716   9.652   7.486   1.00 22.36 ? 344 HOH A O   1 
HETATM 1351 O  O   . HOH I 6 .   ? 0.015   15.780  -2.728  1.00 19.40 ? 345 HOH A O   1 
HETATM 1352 O  O   . HOH I 6 .   ? -17.449 5.430   -9.708  1.00 22.26 ? 346 HOH A O   1 
HETATM 1353 O  O   . HOH I 6 .   ? 16.965  -14.536 2.686   1.00 14.34 ? 347 HOH A O   1 
HETATM 1354 O  O   . HOH I 6 .   ? 13.072  3.674   12.196  1.00 14.95 ? 348 HOH A O   1 
HETATM 1355 O  O   . HOH I 6 .   ? 9.953   5.762   20.641  0.50 12.65 ? 349 HOH A O   1 
HETATM 1356 O  O   . HOH I 6 .   ? 8.982   0.756   14.035  1.00 21.59 ? 350 HOH A O   1 
HETATM 1357 O  O   . HOH I 6 .   ? -14.198 -1.538  -11.990 1.00 15.96 ? 351 HOH A O   1 
HETATM 1358 O  O   . HOH I 6 .   ? 13.566  -3.862  7.979   1.00 20.67 ? 352 HOH A O   1 
HETATM 1359 O  O   . HOH I 6 .   ? -16.807 5.392   7.580   1.00 15.02 ? 353 HOH A O   1 
HETATM 1360 O  O   . HOH I 6 .   ? -7.336  1.944   17.037  1.00 14.47 ? 354 HOH A O   1 
HETATM 1361 O  O   . HOH I 6 .   ? 15.836  -1.451  3.000   1.00 14.97 ? 355 HOH A O   1 
HETATM 1362 O  O   . HOH I 6 .   ? -3.375  10.950  -5.115  1.00 19.14 ? 356 HOH A O   1 
HETATM 1363 O  O   . HOH I 6 .   ? -15.529 7.102   12.998  1.00 20.14 ? 357 HOH A O   1 
HETATM 1364 O  O   . HOH I 6 .   ? 13.310  6.324   8.787   1.00 14.59 ? 358 HOH A O   1 
HETATM 1365 O  O   . HOH I 6 .   ? -2.516  -0.049  -12.117 1.00 24.74 ? 359 HOH A O   1 
HETATM 1366 O  O   . HOH I 6 .   ? -5.999  11.541  -5.998  1.00 18.86 ? 360 HOH A O   1 
HETATM 1367 O  O   . HOH I 6 .   ? 1.035   -0.178  13.868  1.00 8.36  ? 361 HOH A O   1 
HETATM 1368 O  O   . HOH I 6 .   ? -16.824 -1.148  12.160  1.00 19.06 ? 362 HOH A O   1 
HETATM 1369 O  O   . HOH I 6 .   ? 18.280  12.248  1.332   1.00 22.77 ? 363 HOH A O   1 
HETATM 1370 O  O   . HOH I 6 .   ? 3.508   -8.084  10.518  1.00 53.27 ? 364 HOH A O   1 
HETATM 1371 O  O   . HOH I 6 .   ? -17.507 -2.702  17.194  1.00 25.37 ? 365 HOH A O   1 
HETATM 1372 O  O   . HOH I 6 .   ? -13.000 12.745  0.467   1.00 19.83 ? 366 HOH A O   1 
HETATM 1373 O  O   . HOH I 6 .   ? -3.797  -7.421  14.358  1.00 16.18 ? 367 HOH A O   1 
HETATM 1374 O  O   . HOH I 6 .   ? -7.780  8.279   -8.069  1.00 23.46 ? 368 HOH A O   1 
HETATM 1375 O  O   . HOH I 6 .   ? -1.474  -2.954  -21.879 1.00 26.70 ? 369 HOH A O   1 
HETATM 1376 O  O   . HOH I 6 .   ? -14.044 -9.443  -7.790  1.00 19.30 ? 370 HOH A O   1 
HETATM 1377 O  O   . HOH I 6 .   ? -0.880  2.149   17.112  1.00 29.28 ? 371 HOH A O   1 
HETATM 1378 O  O   . HOH I 6 .   ? 5.186   13.410  -13.001 1.00 20.22 ? 372 HOH A O   1 
HETATM 1379 O  O   . HOH I 6 .   ? -5.589  -0.017  16.697  1.00 16.31 ? 373 HOH A O   1 
HETATM 1380 O  O   . HOH J 6 .   ? -0.487  -7.325  -1.720  1.00 18.27 ? 120 HOH Y O   1 
HETATM 1381 O  O   . HOH J 6 .   ? -5.597  -15.464 -0.351  1.00 21.14 ? 121 HOH Y O   1 
# 
loop_
_atom_site_anisotrop.id 
_atom_site_anisotrop.type_symbol 
_atom_site_anisotrop.pdbx_label_atom_id 
_atom_site_anisotrop.pdbx_label_alt_id 
_atom_site_anisotrop.pdbx_label_comp_id 
_atom_site_anisotrop.pdbx_label_asym_id 
_atom_site_anisotrop.pdbx_label_seq_id 
_atom_site_anisotrop.pdbx_PDB_ins_code 
_atom_site_anisotrop.U[1][1] 
_atom_site_anisotrop.U[2][2] 
_atom_site_anisotrop.U[3][3] 
_atom_site_anisotrop.U[1][2] 
_atom_site_anisotrop.U[1][3] 
_atom_site_anisotrop.U[2][3] 
_atom_site_anisotrop.pdbx_auth_seq_id 
_atom_site_anisotrop.pdbx_auth_comp_id 
_atom_site_anisotrop.pdbx_auth_asym_id 
_atom_site_anisotrop.pdbx_auth_atom_id 
1261 N  N  . ALA C 2 ? 0.2393 0.2030 0.2163 0.0001  0.0062 -0.0157 208 ALA X N  
1262 C  CA . ALA C 2 ? 0.2326 0.1926 0.2180 -0.0077 0.0043 -0.0155 208 ALA X CA 
1263 C  C  . ALA C 2 ? 0.2229 0.1825 0.2099 -0.0138 0.0057 -0.0228 208 ALA X C  
1264 O  O  . ALA C 2 ? 0.2383 0.1766 0.2068 -0.0268 0.0119 -0.0276 208 ALA X O  
1265 C  CB . ALA C 2 ? 0.2222 0.1719 0.2316 -0.0022 0.0065 -0.0112 208 ALA X CB 
1266 N  N  . GLY C 3 ? 0.2253 0.1790 0.2089 -0.0146 0.0003 -0.0264 209 GLY X N  
1267 C  CA . GLY C 3 ? 0.2374 0.1859 0.2060 -0.0176 0.0006 -0.0196 209 GLY X CA 
1268 C  C  . GLY C 3 ? 0.2617 0.2019 0.2205 -0.0160 0.0131 -0.0202 209 GLY X C  
1269 O  O  . GLY C 3 ? 0.2724 0.2102 0.2329 -0.0309 0.0171 -0.0162 209 GLY X O  
1270 ZN ZN . ZN  D . ? 0.0950 0.0135 0.0242 -0.0359 0.0480 -0.0181 264 ZN  A ZN 
1271 ZN ZN . ZN  E . ? 0.0971 0.0138 0.0248 -0.0367 0.0490 -0.0185 265 ZN  A ZN 
1272 CA CA . CA  F . ? 0.0181 0.0026 0.0046 -0.0068 0.0091 -0.0035 266 CA  A CA 
1273 CA CA . CA  G . ? 0.0460 0.0066 0.0117 -0.0174 0.0232 -0.0088 267 CA  A CA 
1274 CA CA . CA  H . ? 0.0788 0.0112 0.0201 -0.0297 0.0398 -0.0150 268 CA  A CA 
# 
loop_
_pdbx_poly_seq_scheme.asym_id 
_pdbx_poly_seq_scheme.entity_id 
_pdbx_poly_seq_scheme.seq_id 
_pdbx_poly_seq_scheme.mon_id 
_pdbx_poly_seq_scheme.ndb_seq_num 
_pdbx_poly_seq_scheme.pdb_seq_num 
_pdbx_poly_seq_scheme.auth_seq_num 
_pdbx_poly_seq_scheme.pdb_mon_id 
_pdbx_poly_seq_scheme.auth_mon_id 
_pdbx_poly_seq_scheme.pdb_strand_id 
_pdbx_poly_seq_scheme.pdb_ins_code 
_pdbx_poly_seq_scheme.hetero 
A 1 1   MET 1   105 ?   ?   ?   A . n 
A 1 2   GLY 2   106 106 GLY GLY A . n 
A 1 3   PRO 3   107 107 PRO PRO A . n 
A 1 4   VAL 4   108 108 VAL VAL A . n 
A 1 5   TRP 5   109 109 TRP TRP A . n 
A 1 6   ARG 6   110 110 ARG ARG A . n 
A 1 7   LYS 7   111 111 LYS LYS A . n 
A 1 8   HIS 8   112 112 HIS HIS A . n 
A 1 9   TYR 9   113 113 TYR TYR A . n 
A 1 10  ILE 10  114 114 ILE ILE A . n 
A 1 11  THR 11  115 115 THR THR A . n 
A 1 12  TYR 12  116 116 TYR TYR A . n 
A 1 13  ARG 13  117 117 ARG ARG A . n 
A 1 14  ILE 14  118 118 ILE ILE A . n 
A 1 15  ASN 15  119 119 ASN ASN A . n 
A 1 16  ASN 16  120 120 ASN ASN A . n 
A 1 17  TYR 17  121 121 TYR TYR A . n 
A 1 18  THR 18  122 122 THR THR A . n 
A 1 19  PRO 19  123 123 PRO PRO A . n 
A 1 20  ASP 20  124 124 ASP ASP A . n 
A 1 21  MET 21  125 125 MET MET A . n 
A 1 22  ASN 22  126 126 ASN ASN A . n 
A 1 23  ARG 23  127 127 ARG ARG A . n 
A 1 24  GLU 24  128 128 GLU GLU A . n 
A 1 25  ASP 25  129 129 ASP ASP A . n 
A 1 26  VAL 26  130 130 VAL VAL A . n 
A 1 27  ASP 27  131 131 ASP ASP A . n 
A 1 28  TYR 28  132 132 TYR TYR A . n 
A 1 29  ALA 29  133 133 ALA ALA A . n 
A 1 30  ILE 30  134 134 ILE ILE A . n 
A 1 31  ARG 31  135 135 ARG ARG A . n 
A 1 32  LYS 32  136 136 LYS LYS A . n 
A 1 33  ALA 33  137 137 ALA ALA A . n 
A 1 34  PHE 34  138 138 PHE PHE A . n 
A 1 35  GLN 35  139 139 GLN GLN A . n 
A 1 36  VAL 36  140 140 VAL VAL A . n 
A 1 37  TRP 37  141 141 TRP TRP A . n 
A 1 38  SER 38  142 142 SER SER A . n 
A 1 39  ASN 39  143 143 ASN ASN A . n 
A 1 40  VAL 40  144 144 VAL VAL A . n 
A 1 41  THR 41  145 145 THR THR A . n 
A 1 42  PRO 42  146 146 PRO PRO A . n 
A 1 43  LEU 43  147 147 LEU LEU A . n 
A 1 44  LYS 44  148 148 LYS LYS A . n 
A 1 45  PHE 45  149 149 PHE PHE A . n 
A 1 46  SER 46  150 150 SER SER A . n 
A 1 47  LYS 47  151 151 LYS LYS A . n 
A 1 48  ILE 48  152 152 ILE ILE A . n 
A 1 49  ASN 49  153 153 ASN ASN A . n 
A 1 50  THR 50  154 154 THR THR A . n 
A 1 51  GLY 51  155 155 GLY GLY A . n 
A 1 52  MET 52  156 156 MET MET A . n 
A 1 53  ALA 53  157 157 ALA ALA A . n 
A 1 54  ASP 54  158 158 ASP ASP A . n 
A 1 55  ILE 55  159 159 ILE ILE A . n 
A 1 56  LEU 56  160 160 LEU LEU A . n 
A 1 57  VAL 57  161 161 VAL VAL A . n 
A 1 58  VAL 58  162 162 VAL VAL A . n 
A 1 59  PHE 59  163 163 PHE PHE A . n 
A 1 60  ALA 60  164 164 ALA ALA A . n 
A 1 61  ARG 61  165 165 ARG ARG A . n 
A 1 62  GLY 62  166 166 GLY GLY A . n 
A 1 63  ALA 63  167 167 ALA ALA A . n 
A 1 64  HIS 64  168 168 HIS HIS A . n 
A 1 65  GLY 65  169 169 GLY GLY A . n 
A 1 66  ASP 66  170 170 ASP ASP A . n 
A 1 67  ASP 67  171 171 ASP ASP A . n 
A 1 68  HIS 68  172 172 HIS HIS A . n 
A 1 69  ALA 69  173 173 ALA ALA A . n 
A 1 70  PHE 70  174 174 PHE PHE A . n 
A 1 71  ASP 71  175 175 ASP ASP A . n 
A 1 72  GLY 72  176 176 GLY GLY A . n 
A 1 73  LYS 73  177 177 LYS LYS A . n 
A 1 74  GLY 74  178 178 GLY GLY A . n 
A 1 75  GLY 75  179 179 GLY GLY A . n 
A 1 76  ILE 76  180 180 ILE ILE A . n 
A 1 77  LEU 77  181 181 LEU LEU A . n 
A 1 78  ALA 78  182 182 ALA ALA A . n 
A 1 79  HIS 79  183 183 HIS HIS A . n 
A 1 80  ALA 80  184 184 ALA ALA A . n 
A 1 81  PHE 81  185 185 PHE PHE A . n 
A 1 82  GLY 82  186 186 GLY GLY A . n 
A 1 83  PRO 83  187 187 PRO PRO A . n 
A 1 84  GLY 84  188 188 GLY GLY A . n 
A 1 85  SER 85  189 189 SER SER A . n 
A 1 86  GLY 86  190 190 GLY GLY A . n 
A 1 87  ILE 87  191 191 ILE ILE A . n 
A 1 88  GLY 88  192 192 GLY GLY A . n 
A 1 89  GLY 89  193 193 GLY GLY A . n 
A 1 90  ASP 90  194 194 ASP ASP A . n 
A 1 91  ALA 91  195 195 ALA ALA A . n 
A 1 92  HIS 92  196 196 HIS HIS A . n 
A 1 93  PHE 93  197 197 PHE PHE A . n 
A 1 94  ASP 94  198 198 ASP ASP A . n 
A 1 95  GLU 95  199 199 GLU GLU A . n 
A 1 96  ASP 96  200 200 ASP ASP A . n 
A 1 97  GLU 97  201 201 GLU GLU A . n 
A 1 98  PHE 98  202 202 PHE PHE A . n 
A 1 99  TRP 99  203 203 TRP TRP A . n 
A 1 100 THR 100 204 204 THR THR A . n 
A 1 101 THR 101 205 205 THR THR A . n 
A 1 102 HIS 102 206 206 HIS HIS A . n 
A 1 103 SER 103 207 207 SER SER A . n 
A 1 104 GLY 104 208 208 GLY GLY A . n 
A 1 105 GLY 105 209 209 GLY GLY A . n 
A 1 106 THR 106 210 210 THR THR A . n 
A 1 107 ASN 107 211 211 ASN ASN A . n 
A 1 108 LEU 108 212 212 LEU LEU A . n 
A 1 109 PHE 109 213 213 PHE PHE A . n 
A 1 110 LEU 110 214 214 LEU LEU A . n 
A 1 111 THR 111 215 215 THR THR A . n 
A 1 112 ALA 112 216 216 ALA ALA A . n 
A 1 113 VAL 113 217 217 VAL VAL A . n 
A 1 114 HIS 114 218 218 HIS HIS A . n 
A 1 115 GLU 115 219 219 GLU GLU A . n 
A 1 116 ILE 116 220 220 ILE ILE A . n 
A 1 117 GLY 117 221 221 GLY GLY A . n 
A 1 118 HIS 118 222 222 HIS HIS A . n 
A 1 119 SER 119 223 223 SER SER A . n 
A 1 120 LEU 120 224 224 LEU LEU A . n 
A 1 121 GLY 121 225 225 GLY GLY A . n 
A 1 122 LEU 122 226 226 LEU LEU A . n 
A 1 123 GLY 123 227 227 GLY GLY A . n 
A 1 124 HIS 124 228 228 HIS HIS A . n 
A 1 125 SER 125 229 229 SER SER A . n 
A 1 126 SER 126 230 230 SER SER A . n 
A 1 127 ASP 127 231 231 ASP ASP A . n 
A 1 128 PRO 128 232 232 PRO PRO A . n 
A 1 129 LYS 129 233 233 LYS LYS A . n 
A 1 130 ALA 130 234 234 ALA ALA A . n 
A 1 131 VAL 131 235 235 VAL VAL A . n 
A 1 132 MET 132 236 236 MET MET A . n 
A 1 133 PHE 133 237 237 PHE PHE A . n 
A 1 134 PRO 134 238 238 PRO PRO A . n 
A 1 135 THR 135 239 239 THR THR A . n 
A 1 136 TYR 136 240 240 TYR TYR A . n 
A 1 137 LYS 137 241 241 LYS LYS A . n 
A 1 138 TYR 138 242 242 TYR TYR A . n 
A 1 139 VAL 139 243 243 VAL VAL A . n 
A 1 140 ASP 140 244 244 ASP ASP A . n 
A 1 141 ILE 141 245 245 ILE ILE A . n 
A 1 142 ASN 142 246 246 ASN ASN A . n 
A 1 143 THR 143 247 247 THR THR A . n 
A 1 144 PHE 144 248 248 PHE PHE A . n 
A 1 145 ARG 145 249 249 ARG ARG A . n 
A 1 146 LEU 146 250 250 LEU LEU A . n 
A 1 147 SER 147 251 251 SER SER A . n 
A 1 148 ALA 148 252 252 ALA ALA A . n 
A 1 149 ASP 149 253 253 ASP ASP A . n 
A 1 150 ASP 150 254 254 ASP ASP A . n 
A 1 151 ILE 151 255 255 ILE ILE A . n 
A 1 152 ARG 152 256 256 ARG ARG A . n 
A 1 153 GLY 153 257 257 GLY GLY A . n 
A 1 154 ILE 154 258 258 ILE ILE A . n 
A 1 155 GLN 155 259 259 GLN GLN A . n 
A 1 156 SER 156 260 260 SER SER A . n 
A 1 157 LEU 157 261 261 LEU LEU A . n 
A 1 158 TYR 158 262 262 TYR TYR A . n 
A 1 159 GLY 159 263 263 GLY GLY A . n 
B 2 1   PRO 1   204 ?   ?   ?   Y . n 
B 2 2   GLN 2   205 205 GLN GLN Y . n 
B 2 3   GLY 3   206 206 GLY GLY Y . n 
C 3 1   ILE 1   207 207 ILE ILE X . n 
C 3 2   ALA 2   208 208 ALA ALA X . n 
C 3 3   GLY 3   209 209 GLY GLY X . n 
# 
loop_
_pdbx_nonpoly_scheme.asym_id 
_pdbx_nonpoly_scheme.entity_id 
_pdbx_nonpoly_scheme.mon_id 
_pdbx_nonpoly_scheme.ndb_seq_num 
_pdbx_nonpoly_scheme.pdb_seq_num 
_pdbx_nonpoly_scheme.auth_seq_num 
_pdbx_nonpoly_scheme.pdb_mon_id 
_pdbx_nonpoly_scheme.auth_mon_id 
_pdbx_nonpoly_scheme.pdb_strand_id 
_pdbx_nonpoly_scheme.pdb_ins_code 
D 4 ZN  1   264 264 ZN  ZN  A . 
E 4 ZN  1   265 265 ZN  ZN  A . 
F 5 CA  1   266 266 CA  CA  A . 
G 5 CA  1   267 267 CA  CA  A . 
H 5 CA  1   268 268 CA  CA  A . 
I 6 HOH 1   269 1   HOH HOH A . 
I 6 HOH 2   270 2   HOH HOH A . 
I 6 HOH 3   271 3   HOH HOH A . 
I 6 HOH 4   272 4   HOH HOH A . 
I 6 HOH 5   273 5   HOH HOH A . 
I 6 HOH 6   274 6   HOH HOH A . 
I 6 HOH 7   275 7   HOH HOH A . 
I 6 HOH 8   276 8   HOH HOH A . 
I 6 HOH 9   277 9   HOH HOH A . 
I 6 HOH 10  278 11  HOH HOH A . 
I 6 HOH 11  279 12  HOH HOH A . 
I 6 HOH 12  280 13  HOH HOH A . 
I 6 HOH 13  281 14  HOH HOH A . 
I 6 HOH 14  282 15  HOH HOH A . 
I 6 HOH 15  283 16  HOH HOH A . 
I 6 HOH 16  284 17  HOH HOH A . 
I 6 HOH 17  285 19  HOH HOH A . 
I 6 HOH 18  286 20  HOH HOH A . 
I 6 HOH 19  287 21  HOH HOH A . 
I 6 HOH 20  288 22  HOH HOH A . 
I 6 HOH 21  289 24  HOH HOH A . 
I 6 HOH 22  290 25  HOH HOH A . 
I 6 HOH 23  291 26  HOH HOH A . 
I 6 HOH 24  292 28  HOH HOH A . 
I 6 HOH 25  293 29  HOH HOH A . 
I 6 HOH 26  294 30  HOH HOH A . 
I 6 HOH 27  295 31  HOH HOH A . 
I 6 HOH 28  296 32  HOH HOH A . 
I 6 HOH 29  297 33  HOH HOH A . 
I 6 HOH 30  298 34  HOH HOH A . 
I 6 HOH 31  299 36  HOH HOH A . 
I 6 HOH 32  300 38  HOH HOH A . 
I 6 HOH 33  301 39  HOH HOH A . 
I 6 HOH 34  302 40  HOH HOH A . 
I 6 HOH 35  303 41  HOH HOH A . 
I 6 HOH 36  304 42  HOH HOH A . 
I 6 HOH 37  305 43  HOH HOH A . 
I 6 HOH 38  306 44  HOH HOH A . 
I 6 HOH 39  307 45  HOH HOH A . 
I 6 HOH 40  308 46  HOH HOH A . 
I 6 HOH 41  309 48  HOH HOH A . 
I 6 HOH 42  310 49  HOH HOH A . 
I 6 HOH 43  311 50  HOH HOH A . 
I 6 HOH 44  312 51  HOH HOH A . 
I 6 HOH 45  313 52  HOH HOH A . 
I 6 HOH 46  314 54  HOH HOH A . 
I 6 HOH 47  315 55  HOH HOH A . 
I 6 HOH 48  316 56  HOH HOH A . 
I 6 HOH 49  317 57  HOH HOH A . 
I 6 HOH 50  318 60  HOH HOH A . 
I 6 HOH 51  319 61  HOH HOH A . 
I 6 HOH 52  320 62  HOH HOH A . 
I 6 HOH 53  321 63  HOH HOH A . 
I 6 HOH 54  322 65  HOH HOH A . 
I 6 HOH 55  323 66  HOH HOH A . 
I 6 HOH 56  324 67  HOH HOH A . 
I 6 HOH 57  325 68  HOH HOH A . 
I 6 HOH 58  326 69  HOH HOH A . 
I 6 HOH 59  327 70  HOH HOH A . 
I 6 HOH 60  328 71  HOH HOH A . 
I 6 HOH 61  329 72  HOH HOH A . 
I 6 HOH 62  330 73  HOH HOH A . 
I 6 HOH 63  331 74  HOH HOH A . 
I 6 HOH 64  332 75  HOH HOH A . 
I 6 HOH 65  333 76  HOH HOH A . 
I 6 HOH 66  334 77  HOH HOH A . 
I 6 HOH 67  335 78  HOH HOH A . 
I 6 HOH 68  336 79  HOH HOH A . 
I 6 HOH 69  337 80  HOH HOH A . 
I 6 HOH 70  338 81  HOH HOH A . 
I 6 HOH 71  339 82  HOH HOH A . 
I 6 HOH 72  340 83  HOH HOH A . 
I 6 HOH 73  341 84  HOH HOH A . 
I 6 HOH 74  342 85  HOH HOH A . 
I 6 HOH 75  343 86  HOH HOH A . 
I 6 HOH 76  344 87  HOH HOH A . 
I 6 HOH 77  345 88  HOH HOH A . 
I 6 HOH 78  346 89  HOH HOH A . 
I 6 HOH 79  347 90  HOH HOH A . 
I 6 HOH 80  348 91  HOH HOH A . 
I 6 HOH 81  349 92  HOH HOH A . 
I 6 HOH 82  350 93  HOH HOH A . 
I 6 HOH 83  351 95  HOH HOH A . 
I 6 HOH 84  352 96  HOH HOH A . 
I 6 HOH 85  353 97  HOH HOH A . 
I 6 HOH 86  354 99  HOH HOH A . 
I 6 HOH 87  355 100 HOH HOH A . 
I 6 HOH 88  356 101 HOH HOH A . 
I 6 HOH 89  357 102 HOH HOH A . 
I 6 HOH 90  358 103 HOH HOH A . 
I 6 HOH 91  359 104 HOH HOH A . 
I 6 HOH 92  360 105 HOH HOH A . 
I 6 HOH 93  361 106 HOH HOH A . 
I 6 HOH 94  362 107 HOH HOH A . 
I 6 HOH 95  363 108 HOH HOH A . 
I 6 HOH 96  364 109 HOH HOH A . 
I 6 HOH 97  365 110 HOH HOH A . 
I 6 HOH 98  366 111 HOH HOH A . 
I 6 HOH 99  367 112 HOH HOH A . 
I 6 HOH 100 368 113 HOH HOH A . 
I 6 HOH 101 369 115 HOH HOH A . 
I 6 HOH 102 370 116 HOH HOH A . 
I 6 HOH 103 371 117 HOH HOH A . 
I 6 HOH 104 372 118 HOH HOH A . 
I 6 HOH 105 373 119 HOH HOH A . 
J 6 HOH 1   120 120 HOH HOH Y . 
J 6 HOH 2   121 121 HOH HOH Y . 
# 
_pdbx_struct_assembly.id                   1 
_pdbx_struct_assembly.details              author_and_software_defined_assembly 
_pdbx_struct_assembly.method_details       PISA 
_pdbx_struct_assembly.oligomeric_details   trimeric 
_pdbx_struct_assembly.oligomeric_count     3 
# 
_pdbx_struct_assembly_gen.assembly_id       1 
_pdbx_struct_assembly_gen.oper_expression   1 
_pdbx_struct_assembly_gen.asym_id_list      A,B,C,D,E,F,G,H,I,J 
# 
loop_
_pdbx_struct_assembly_prop.biol_id 
_pdbx_struct_assembly_prop.type 
_pdbx_struct_assembly_prop.value 
_pdbx_struct_assembly_prop.details 
1 'ABSA (A^2)' 1190 ? 
1 MORE         -65  ? 
1 'SSA (A^2)'  8180 ? 
# 
_pdbx_struct_oper_list.id                   1 
_pdbx_struct_oper_list.type                 'identity operation' 
_pdbx_struct_oper_list.name                 1_555 
_pdbx_struct_oper_list.symmetry_operation   x,y,z 
_pdbx_struct_oper_list.matrix[1][1]         1.0000000000 
_pdbx_struct_oper_list.matrix[1][2]         0.0000000000 
_pdbx_struct_oper_list.matrix[1][3]         0.0000000000 
_pdbx_struct_oper_list.vector[1]            0.0000000000 
_pdbx_struct_oper_list.matrix[2][1]         0.0000000000 
_pdbx_struct_oper_list.matrix[2][2]         1.0000000000 
_pdbx_struct_oper_list.matrix[2][3]         0.0000000000 
_pdbx_struct_oper_list.vector[2]            0.0000000000 
_pdbx_struct_oper_list.matrix[3][1]         0.0000000000 
_pdbx_struct_oper_list.matrix[3][2]         0.0000000000 
_pdbx_struct_oper_list.matrix[3][3]         1.0000000000 
_pdbx_struct_oper_list.vector[3]            0.0000000000 
# 
loop_
_pdbx_struct_special_symmetry.id 
_pdbx_struct_special_symmetry.PDB_model_num 
_pdbx_struct_special_symmetry.auth_asym_id 
_pdbx_struct_special_symmetry.auth_comp_id 
_pdbx_struct_special_symmetry.auth_seq_id 
_pdbx_struct_special_symmetry.PDB_ins_code 
_pdbx_struct_special_symmetry.label_asym_id 
_pdbx_struct_special_symmetry.label_comp_id 
_pdbx_struct_special_symmetry.label_seq_id 
1 1 A HOH 278 ? I HOH . 
2 1 A HOH 307 ? I HOH . 
# 
loop_
_pdbx_struct_conn_angle.id 
_pdbx_struct_conn_angle.ptnr1_label_atom_id 
_pdbx_struct_conn_angle.ptnr1_label_alt_id 
_pdbx_struct_conn_angle.ptnr1_label_asym_id 
_pdbx_struct_conn_angle.ptnr1_label_comp_id 
_pdbx_struct_conn_angle.ptnr1_label_seq_id 
_pdbx_struct_conn_angle.ptnr1_auth_atom_id 
_pdbx_struct_conn_angle.ptnr1_auth_asym_id 
_pdbx_struct_conn_angle.ptnr1_auth_comp_id 
_pdbx_struct_conn_angle.ptnr1_auth_seq_id 
_pdbx_struct_conn_angle.ptnr1_PDB_ins_code 
_pdbx_struct_conn_angle.ptnr1_symmetry 
_pdbx_struct_conn_angle.ptnr2_label_atom_id 
_pdbx_struct_conn_angle.ptnr2_label_alt_id 
_pdbx_struct_conn_angle.ptnr2_label_asym_id 
_pdbx_struct_conn_angle.ptnr2_label_comp_id 
_pdbx_struct_conn_angle.ptnr2_label_seq_id 
_pdbx_struct_conn_angle.ptnr2_auth_atom_id 
_pdbx_struct_conn_angle.ptnr2_auth_asym_id 
_pdbx_struct_conn_angle.ptnr2_auth_comp_id 
_pdbx_struct_conn_angle.ptnr2_auth_seq_id 
_pdbx_struct_conn_angle.ptnr2_PDB_ins_code 
_pdbx_struct_conn_angle.ptnr2_symmetry 
_pdbx_struct_conn_angle.ptnr3_label_atom_id 
_pdbx_struct_conn_angle.ptnr3_label_alt_id 
_pdbx_struct_conn_angle.ptnr3_label_asym_id 
_pdbx_struct_conn_angle.ptnr3_label_comp_id 
_pdbx_struct_conn_angle.ptnr3_label_seq_id 
_pdbx_struct_conn_angle.ptnr3_auth_atom_id 
_pdbx_struct_conn_angle.ptnr3_auth_asym_id 
_pdbx_struct_conn_angle.ptnr3_auth_comp_id 
_pdbx_struct_conn_angle.ptnr3_auth_seq_id 
_pdbx_struct_conn_angle.ptnr3_PDB_ins_code 
_pdbx_struct_conn_angle.ptnr3_symmetry 
_pdbx_struct_conn_angle.value 
_pdbx_struct_conn_angle.value_esd 
1  OD1 ? A ASP 20  ? A ASP 124 ? 1_555 CA ? G CA . ? A CA 267 ? 1_555 OD2 ? A ASP 20  ? A ASP 124 ? 1_555 52.5  ? 
2  OD1 ? A ASP 20  ? A ASP 124 ? 1_555 CA ? G CA . ? A CA 267 ? 1_555 O   ? A GLU 95  ? A GLU 199 ? 1_555 158.8 ? 
3  OD2 ? A ASP 20  ? A ASP 124 ? 1_555 CA ? G CA . ? A CA 267 ? 1_555 O   ? A GLU 95  ? A GLU 199 ? 1_555 138.7 ? 
4  OD1 ? A ASP 20  ? A ASP 124 ? 1_555 CA ? G CA . ? A CA 267 ? 1_555 OE2 ? A GLU 95  ? A GLU 199 ? 1_555 90.5  ? 
5  OD2 ? A ASP 20  ? A ASP 124 ? 1_555 CA ? G CA . ? A CA 267 ? 1_555 OE2 ? A GLU 95  ? A GLU 199 ? 1_555 89.6  ? 
6  O   ? A GLU 95  ? A GLU 199 ? 1_555 CA ? G CA . ? A CA 267 ? 1_555 OE2 ? A GLU 95  ? A GLU 199 ? 1_555 73.6  ? 
7  OD1 ? A ASP 20  ? A ASP 124 ? 1_555 CA ? G CA . ? A CA 267 ? 1_555 O   ? A GLU 97  ? A GLU 201 ? 1_555 124.3 ? 
8  OD2 ? A ASP 20  ? A ASP 124 ? 1_555 CA ? G CA . ? A CA 267 ? 1_555 O   ? A GLU 97  ? A GLU 201 ? 1_555 79.8  ? 
9  O   ? A GLU 95  ? A GLU 199 ? 1_555 CA ? G CA . ? A CA 267 ? 1_555 O   ? A GLU 97  ? A GLU 201 ? 1_555 76.4  ? 
10 OE2 ? A GLU 95  ? A GLU 199 ? 1_555 CA ? G CA . ? A CA 267 ? 1_555 O   ? A GLU 97  ? A GLU 201 ? 1_555 119.1 ? 
11 OD1 ? A ASP 20  ? A ASP 124 ? 1_555 CA ? G CA . ? A CA 267 ? 1_555 O   ? I HOH .   ? A HOH 288 ? 1_555 87.8  ? 
12 OD2 ? A ASP 20  ? A ASP 124 ? 1_555 CA ? G CA . ? A CA 267 ? 1_555 O   ? I HOH .   ? A HOH 288 ? 1_555 139.7 ? 
13 O   ? A GLU 95  ? A GLU 199 ? 1_555 CA ? G CA . ? A CA 267 ? 1_555 O   ? I HOH .   ? A HOH 288 ? 1_555 76.7  ? 
14 OE2 ? A GLU 95  ? A GLU 199 ? 1_555 CA ? G CA . ? A CA 267 ? 1_555 O   ? I HOH .   ? A HOH 288 ? 1_555 83.5  ? 
15 O   ? A GLU 97  ? A GLU 201 ? 1_555 CA ? G CA . ? A CA 267 ? 1_555 O   ? I HOH .   ? A HOH 288 ? 1_555 137.4 ? 
16 OD1 ? A ASP 20  ? A ASP 124 ? 1_555 CA ? G CA . ? A CA 267 ? 1_555 O   ? I HOH .   ? A HOH 302 ? 1_555 87.8  ? 
17 OD2 ? A ASP 20  ? A ASP 124 ? 1_555 CA ? G CA . ? A CA 267 ? 1_555 O   ? I HOH .   ? A HOH 302 ? 1_555 101.3 ? 
18 O   ? A GLU 95  ? A GLU 199 ? 1_555 CA ? G CA . ? A CA 267 ? 1_555 O   ? I HOH .   ? A HOH 302 ? 1_555 103.9 ? 
19 OE2 ? A GLU 95  ? A GLU 199 ? 1_555 CA ? G CA . ? A CA 267 ? 1_555 O   ? I HOH .   ? A HOH 302 ? 1_555 164.7 ? 
20 O   ? A GLU 97  ? A GLU 201 ? 1_555 CA ? G CA . ? A CA 267 ? 1_555 O   ? I HOH .   ? A HOH 302 ? 1_555 73.9  ? 
21 O   ? I HOH .   ? A HOH 288 ? 1_555 CA ? G CA . ? A CA 267 ? 1_555 O   ? I HOH .   ? A HOH 302 ? 1_555 81.2  ? 
22 O   ? A ASP 54  ? A ASP 158 ? 1_555 CA ? F CA . ? A CA 266 ? 1_555 O   ? A GLY 86  ? A GLY 190 ? 1_555 168.8 ? 
23 O   ? A ASP 54  ? A ASP 158 ? 1_555 CA ? F CA . ? A CA 266 ? 1_555 O   ? A GLY 88  ? A GLY 192 ? 1_555 86.5  ? 
24 O   ? A GLY 86  ? A GLY 190 ? 1_555 CA ? F CA . ? A CA 266 ? 1_555 O   ? A GLY 88  ? A GLY 192 ? 1_555 87.5  ? 
25 O   ? A ASP 54  ? A ASP 158 ? 1_555 CA ? F CA . ? A CA 266 ? 1_555 OD2 ? A ASP 90  ? A ASP 194 ? 1_555 86.4  ? 
26 O   ? A GLY 86  ? A GLY 190 ? 1_555 CA ? F CA . ? A CA 266 ? 1_555 OD2 ? A ASP 90  ? A ASP 194 ? 1_555 102.9 ? 
27 O   ? A GLY 88  ? A GLY 192 ? 1_555 CA ? F CA . ? A CA 266 ? 1_555 OD2 ? A ASP 90  ? A ASP 194 ? 1_555 87.8  ? 
28 O   ? A ASP 54  ? A ASP 158 ? 1_555 CA ? F CA . ? A CA 266 ? 1_555 O   ? I HOH .   ? A HOH 299 ? 1_555 85.2  ? 
29 O   ? A GLY 86  ? A GLY 190 ? 1_555 CA ? F CA . ? A CA 266 ? 1_555 O   ? I HOH .   ? A HOH 299 ? 1_555 83.9  ? 
30 O   ? A GLY 88  ? A GLY 192 ? 1_555 CA ? F CA . ? A CA 266 ? 1_555 O   ? I HOH .   ? A HOH 299 ? 1_555 71.7  ? 
31 OD2 ? A ASP 90  ? A ASP 194 ? 1_555 CA ? F CA . ? A CA 266 ? 1_555 O   ? I HOH .   ? A HOH 299 ? 1_555 158.3 ? 
32 O   ? A ASP 54  ? A ASP 158 ? 1_555 CA ? F CA . ? A CA 266 ? 1_555 O   ? I HOH .   ? A HOH 361 ? 1_555 95.8  ? 
33 O   ? A GLY 86  ? A GLY 190 ? 1_555 CA ? F CA . ? A CA 266 ? 1_555 O   ? I HOH .   ? A HOH 361 ? 1_555 89.3  ? 
34 O   ? A GLY 88  ? A GLY 192 ? 1_555 CA ? F CA . ? A CA 266 ? 1_555 O   ? I HOH .   ? A HOH 361 ? 1_555 174.3 ? 
35 OD2 ? A ASP 90  ? A ASP 194 ? 1_555 CA ? F CA . ? A CA 266 ? 1_555 O   ? I HOH .   ? A HOH 361 ? 1_555 97.5  ? 
36 O   ? I HOH .   ? A HOH 299 ? 1_555 CA ? F CA . ? A CA 266 ? 1_555 O   ? I HOH .   ? A HOH 361 ? 1_555 103.2 ? 
37 NE2 ? A HIS 64  ? A HIS 168 ? 1_555 ZN ? E ZN . ? A ZN 265 ? 1_555 OD1 ? A ASP 66  ? A ASP 170 ? 1_555 104.8 ? 
38 NE2 ? A HIS 64  ? A HIS 168 ? 1_555 ZN ? E ZN . ? A ZN 265 ? 1_555 NE2 ? A HIS 79  ? A HIS 183 ? 1_555 113.6 ? 
39 OD1 ? A ASP 66  ? A ASP 170 ? 1_555 ZN ? E ZN . ? A ZN 265 ? 1_555 NE2 ? A HIS 79  ? A HIS 183 ? 1_555 118.0 ? 
40 NE2 ? A HIS 64  ? A HIS 168 ? 1_555 ZN ? E ZN . ? A ZN 265 ? 1_555 ND1 ? A HIS 92  ? A HIS 196 ? 1_555 113.6 ? 
41 OD1 ? A ASP 66  ? A ASP 170 ? 1_555 ZN ? E ZN . ? A ZN 265 ? 1_555 ND1 ? A HIS 92  ? A HIS 196 ? 1_555 89.6  ? 
42 NE2 ? A HIS 79  ? A HIS 183 ? 1_555 ZN ? E ZN . ? A ZN 265 ? 1_555 ND1 ? A HIS 92  ? A HIS 196 ? 1_555 114.7 ? 
43 OD2 ? A ASP 71  ? A ASP 175 ? 1_555 CA ? H CA . ? A CA 268 ? 1_555 O   ? A GLY 72  ? A GLY 176 ? 1_555 83.5  ? 
44 OD2 ? A ASP 71  ? A ASP 175 ? 1_555 CA ? H CA . ? A CA 268 ? 1_555 O   ? A GLY 74  ? A GLY 178 ? 1_555 88.3  ? 
45 O   ? A GLY 72  ? A GLY 176 ? 1_555 CA ? H CA . ? A CA 268 ? 1_555 O   ? A GLY 74  ? A GLY 178 ? 1_555 88.3  ? 
46 OD2 ? A ASP 71  ? A ASP 175 ? 1_555 CA ? H CA . ? A CA 268 ? 1_555 O   ? A ILE 76  ? A ILE 180 ? 1_555 89.9  ? 
47 O   ? A GLY 72  ? A GLY 176 ? 1_555 CA ? H CA . ? A CA 268 ? 1_555 O   ? A ILE 76  ? A ILE 180 ? 1_555 172.0 ? 
48 O   ? A GLY 74  ? A GLY 178 ? 1_555 CA ? H CA . ? A CA 268 ? 1_555 O   ? A ILE 76  ? A ILE 180 ? 1_555 96.0  ? 
49 OD2 ? A ASP 71  ? A ASP 175 ? 1_555 CA ? H CA . ? A CA 268 ? 1_555 OD1 ? A ASP 94  ? A ASP 198 ? 1_555 93.0  ? 
50 O   ? A GLY 72  ? A GLY 176 ? 1_555 CA ? H CA . ? A CA 268 ? 1_555 OD1 ? A ASP 94  ? A ASP 198 ? 1_555 84.2  ? 
51 O   ? A GLY 74  ? A GLY 178 ? 1_555 CA ? H CA . ? A CA 268 ? 1_555 OD1 ? A ASP 94  ? A ASP 198 ? 1_555 172.2 ? 
52 O   ? A ILE 76  ? A ILE 180 ? 1_555 CA ? H CA . ? A CA 268 ? 1_555 OD1 ? A ASP 94  ? A ASP 198 ? 1_555 91.7  ? 
53 OD2 ? A ASP 71  ? A ASP 175 ? 1_555 CA ? H CA . ? A CA 268 ? 1_555 OE2 ? A GLU 97  ? A GLU 201 ? 1_555 174.2 ? 
54 O   ? A GLY 72  ? A GLY 176 ? 1_555 CA ? H CA . ? A CA 268 ? 1_555 OE2 ? A GLU 97  ? A GLU 201 ? 1_555 90.8  ? 
55 O   ? A GLY 74  ? A GLY 178 ? 1_555 CA ? H CA . ? A CA 268 ? 1_555 OE2 ? A GLU 97  ? A GLU 201 ? 1_555 90.8  ? 
56 O   ? A ILE 76  ? A ILE 180 ? 1_555 CA ? H CA . ? A CA 268 ? 1_555 OE2 ? A GLU 97  ? A GLU 201 ? 1_555 95.8  ? 
57 OD1 ? A ASP 94  ? A ASP 198 ? 1_555 CA ? H CA . ? A CA 268 ? 1_555 OE2 ? A GLU 97  ? A GLU 201 ? 1_555 87.1  ? 
58 NE2 ? A HIS 114 ? A HIS 218 ? 1_555 ZN ? D ZN . ? A ZN 264 ? 1_555 NE2 ? A HIS 118 ? A HIS 222 ? 1_555 96.9  ? 
59 NE2 ? A HIS 114 ? A HIS 218 ? 1_555 ZN ? D ZN . ? A ZN 264 ? 1_555 NE2 ? A HIS 124 ? A HIS 228 ? 1_555 104.0 ? 
60 NE2 ? A HIS 118 ? A HIS 222 ? 1_555 ZN ? D ZN . ? A ZN 264 ? 1_555 NE2 ? A HIS 124 ? A HIS 228 ? 1_555 105.2 ? 
61 NE2 ? A HIS 114 ? A HIS 218 ? 1_555 ZN ? D ZN . ? A ZN 264 ? 1_555 OXT ? B GLY 3   ? Y GLY 206 ? 1_555 119.0 ? 
62 NE2 ? A HIS 118 ? A HIS 222 ? 1_555 ZN ? D ZN . ? A ZN 264 ? 1_555 OXT ? B GLY 3   ? Y GLY 206 ? 1_555 124.5 ? 
63 NE2 ? A HIS 124 ? A HIS 228 ? 1_555 ZN ? D ZN . ? A ZN 264 ? 1_555 OXT ? B GLY 3   ? Y GLY 206 ? 1_555 105.0 ? 
# 
loop_
_pdbx_audit_revision_history.ordinal 
_pdbx_audit_revision_history.data_content_type 
_pdbx_audit_revision_history.major_revision 
_pdbx_audit_revision_history.minor_revision 
_pdbx_audit_revision_history.revision_date 
1 'Structure model' 1 0 2007-03-06 
2 'Structure model' 1 1 2008-05-01 
3 'Structure model' 1 2 2011-07-13 
4 'Structure model' 1 3 2021-10-20 
5 'Structure model' 1 4 2023-08-30 
# 
_pdbx_audit_revision_details.ordinal             1 
_pdbx_audit_revision_details.revision_ordinal    1 
_pdbx_audit_revision_details.data_content_type   'Structure model' 
_pdbx_audit_revision_details.provider            repository 
_pdbx_audit_revision_details.type                'Initial release' 
_pdbx_audit_revision_details.description         ? 
_pdbx_audit_revision_details.details             ? 
# 
loop_
_pdbx_audit_revision_group.ordinal 
_pdbx_audit_revision_group.revision_ordinal 
_pdbx_audit_revision_group.data_content_type 
_pdbx_audit_revision_group.group 
1 2 'Structure model' 'Version format compliance' 
2 3 'Structure model' 'Version format compliance' 
3 4 'Structure model' 'Database references'       
4 4 'Structure model' 'Derived calculations'      
5 5 'Structure model' 'Data collection'           
6 5 'Structure model' 'Refinement description'    
# 
loop_
_pdbx_audit_revision_category.ordinal 
_pdbx_audit_revision_category.revision_ordinal 
_pdbx_audit_revision_category.data_content_type 
_pdbx_audit_revision_category.category 
1 4 'Structure model' database_2                    
2 4 'Structure model' pdbx_struct_conn_angle        
3 4 'Structure model' struct_conn                   
4 4 'Structure model' struct_ref_seq_dif            
5 4 'Structure model' struct_site                   
6 5 'Structure model' chem_comp_atom                
7 5 'Structure model' chem_comp_bond                
8 5 'Structure model' pdbx_initial_refinement_model 
# 
loop_
_pdbx_audit_revision_item.ordinal 
_pdbx_audit_revision_item.revision_ordinal 
_pdbx_audit_revision_item.data_content_type 
_pdbx_audit_revision_item.item 
1  4 'Structure model' '_database_2.pdbx_DOI'                      
2  4 'Structure model' '_database_2.pdbx_database_accession'       
3  4 'Structure model' '_pdbx_struct_conn_angle.ptnr1_auth_seq_id' 
4  4 'Structure model' '_pdbx_struct_conn_angle.ptnr3_auth_seq_id' 
5  4 'Structure model' '_pdbx_struct_conn_angle.value'             
6  4 'Structure model' '_struct_conn.pdbx_dist_value'              
7  4 'Structure model' '_struct_conn.ptnr1_auth_asym_id'           
8  4 'Structure model' '_struct_conn.ptnr1_auth_comp_id'           
9  4 'Structure model' '_struct_conn.ptnr1_auth_seq_id'            
10 4 'Structure model' '_struct_conn.ptnr1_label_asym_id'          
11 4 'Structure model' '_struct_conn.ptnr1_label_atom_id'          
12 4 'Structure model' '_struct_conn.ptnr1_label_comp_id'          
13 4 'Structure model' '_struct_conn.ptnr1_label_seq_id'           
14 4 'Structure model' '_struct_conn.ptnr2_auth_asym_id'           
15 4 'Structure model' '_struct_conn.ptnr2_auth_comp_id'           
16 4 'Structure model' '_struct_conn.ptnr2_auth_seq_id'            
17 4 'Structure model' '_struct_conn.ptnr2_label_asym_id'          
18 4 'Structure model' '_struct_conn.ptnr2_label_atom_id'          
19 4 'Structure model' '_struct_conn.ptnr2_label_comp_id'          
20 4 'Structure model' '_struct_conn.ptnr2_label_seq_id'           
21 4 'Structure model' '_struct_ref_seq_dif.details'               
22 4 'Structure model' '_struct_site.pdbx_auth_asym_id'            
23 4 'Structure model' '_struct_site.pdbx_auth_comp_id'            
24 4 'Structure model' '_struct_site.pdbx_auth_seq_id'             
# 
loop_
_software.name 
_software.classification 
_software.version 
_software.citation_id 
_software.pdbx_ordinal 
REFMAC       refinement        5.2.0005       ? 1 
CrystalClear 'data collection' '(MSC/RIGAKU)' ? 2 
MOSFLM       'data reduction'  .              ? 3 
CCP4         'data scaling'    '(SCALA)'      ? 4 
MOLREP       phasing           .              ? 5 
# 
_pdbx_validate_close_contact.id               1 
_pdbx_validate_close_contact.PDB_model_num    1 
_pdbx_validate_close_contact.auth_atom_id_1   OXT 
_pdbx_validate_close_contact.auth_asym_id_1   Y 
_pdbx_validate_close_contact.auth_comp_id_1   GLY 
_pdbx_validate_close_contact.auth_seq_id_1    206 
_pdbx_validate_close_contact.PDB_ins_code_1   ? 
_pdbx_validate_close_contact.label_alt_id_1   ? 
_pdbx_validate_close_contact.auth_atom_id_2   O 
_pdbx_validate_close_contact.auth_asym_id_2   Y 
_pdbx_validate_close_contact.auth_comp_id_2   HOH 
_pdbx_validate_close_contact.auth_seq_id_2    120 
_pdbx_validate_close_contact.PDB_ins_code_2   ? 
_pdbx_validate_close_contact.label_alt_id_2   ? 
_pdbx_validate_close_contact.dist             2.13 
# 
_pdbx_validate_torsion.id              1 
_pdbx_validate_torsion.PDB_model_num   1 
_pdbx_validate_torsion.auth_comp_id    HIS 
_pdbx_validate_torsion.auth_asym_id    A 
_pdbx_validate_torsion.auth_seq_id     206 
_pdbx_validate_torsion.PDB_ins_code    ? 
_pdbx_validate_torsion.label_alt_id    ? 
_pdbx_validate_torsion.phi             -130.76 
_pdbx_validate_torsion.psi             -150.59 
# 
loop_
_pdbx_unobs_or_zero_occ_residues.id 
_pdbx_unobs_or_zero_occ_residues.PDB_model_num 
_pdbx_unobs_or_zero_occ_residues.polymer_flag 
_pdbx_unobs_or_zero_occ_residues.occupancy_flag 
_pdbx_unobs_or_zero_occ_residues.auth_asym_id 
_pdbx_unobs_or_zero_occ_residues.auth_comp_id 
_pdbx_unobs_or_zero_occ_residues.auth_seq_id 
_pdbx_unobs_or_zero_occ_residues.PDB_ins_code 
_pdbx_unobs_or_zero_occ_residues.label_asym_id 
_pdbx_unobs_or_zero_occ_residues.label_comp_id 
_pdbx_unobs_or_zero_occ_residues.label_seq_id 
1 1 Y 1 A MET 105 ? A MET 1 
2 1 Y 1 Y PRO 204 ? B PRO 1 
# 
loop_
_chem_comp_atom.comp_id 
_chem_comp_atom.atom_id 
_chem_comp_atom.type_symbol 
_chem_comp_atom.pdbx_aromatic_flag 
_chem_comp_atom.pdbx_stereo_config 
_chem_comp_atom.pdbx_ordinal 
ALA N    N  N N 1   
ALA CA   C  N S 2   
ALA C    C  N N 3   
ALA O    O  N N 4   
ALA CB   C  N N 5   
ALA OXT  O  N N 6   
ALA H    H  N N 7   
ALA H2   H  N N 8   
ALA HA   H  N N 9   
ALA HB1  H  N N 10  
ALA HB2  H  N N 11  
ALA HB3  H  N N 12  
ALA HXT  H  N N 13  
ARG N    N  N N 14  
ARG CA   C  N S 15  
ARG C    C  N N 16  
ARG O    O  N N 17  
ARG CB   C  N N 18  
ARG CG   C  N N 19  
ARG CD   C  N N 20  
ARG NE   N  N N 21  
ARG CZ   C  N N 22  
ARG NH1  N  N N 23  
ARG NH2  N  N N 24  
ARG OXT  O  N N 25  
ARG H    H  N N 26  
ARG H2   H  N N 27  
ARG HA   H  N N 28  
ARG HB2  H  N N 29  
ARG HB3  H  N N 30  
ARG HG2  H  N N 31  
ARG HG3  H  N N 32  
ARG HD2  H  N N 33  
ARG HD3  H  N N 34  
ARG HE   H  N N 35  
ARG HH11 H  N N 36  
ARG HH12 H  N N 37  
ARG HH21 H  N N 38  
ARG HH22 H  N N 39  
ARG HXT  H  N N 40  
ASN N    N  N N 41  
ASN CA   C  N S 42  
ASN C    C  N N 43  
ASN O    O  N N 44  
ASN CB   C  N N 45  
ASN CG   C  N N 46  
ASN OD1  O  N N 47  
ASN ND2  N  N N 48  
ASN OXT  O  N N 49  
ASN H    H  N N 50  
ASN H2   H  N N 51  
ASN HA   H  N N 52  
ASN HB2  H  N N 53  
ASN HB3  H  N N 54  
ASN HD21 H  N N 55  
ASN HD22 H  N N 56  
ASN HXT  H  N N 57  
ASP N    N  N N 58  
ASP CA   C  N S 59  
ASP C    C  N N 60  
ASP O    O  N N 61  
ASP CB   C  N N 62  
ASP CG   C  N N 63  
ASP OD1  O  N N 64  
ASP OD2  O  N N 65  
ASP OXT  O  N N 66  
ASP H    H  N N 67  
ASP H2   H  N N 68  
ASP HA   H  N N 69  
ASP HB2  H  N N 70  
ASP HB3  H  N N 71  
ASP HD2  H  N N 72  
ASP HXT  H  N N 73  
CA  CA   CA N N 74  
GLN N    N  N N 75  
GLN CA   C  N S 76  
GLN C    C  N N 77  
GLN O    O  N N 78  
GLN CB   C  N N 79  
GLN CG   C  N N 80  
GLN CD   C  N N 81  
GLN OE1  O  N N 82  
GLN NE2  N  N N 83  
GLN OXT  O  N N 84  
GLN H    H  N N 85  
GLN H2   H  N N 86  
GLN HA   H  N N 87  
GLN HB2  H  N N 88  
GLN HB3  H  N N 89  
GLN HG2  H  N N 90  
GLN HG3  H  N N 91  
GLN HE21 H  N N 92  
GLN HE22 H  N N 93  
GLN HXT  H  N N 94  
GLU N    N  N N 95  
GLU CA   C  N S 96  
GLU C    C  N N 97  
GLU O    O  N N 98  
GLU CB   C  N N 99  
GLU CG   C  N N 100 
GLU CD   C  N N 101 
GLU OE1  O  N N 102 
GLU OE2  O  N N 103 
GLU OXT  O  N N 104 
GLU H    H  N N 105 
GLU H2   H  N N 106 
GLU HA   H  N N 107 
GLU HB2  H  N N 108 
GLU HB3  H  N N 109 
GLU HG2  H  N N 110 
GLU HG3  H  N N 111 
GLU HE2  H  N N 112 
GLU HXT  H  N N 113 
GLY N    N  N N 114 
GLY CA   C  N N 115 
GLY C    C  N N 116 
GLY O    O  N N 117 
GLY OXT  O  N N 118 
GLY H    H  N N 119 
GLY H2   H  N N 120 
GLY HA2  H  N N 121 
GLY HA3  H  N N 122 
GLY HXT  H  N N 123 
HIS N    N  N N 124 
HIS CA   C  N S 125 
HIS C    C  N N 126 
HIS O    O  N N 127 
HIS CB   C  N N 128 
HIS CG   C  Y N 129 
HIS ND1  N  Y N 130 
HIS CD2  C  Y N 131 
HIS CE1  C  Y N 132 
HIS NE2  N  Y N 133 
HIS OXT  O  N N 134 
HIS H    H  N N 135 
HIS H2   H  N N 136 
HIS HA   H  N N 137 
HIS HB2  H  N N 138 
HIS HB3  H  N N 139 
HIS HD1  H  N N 140 
HIS HD2  H  N N 141 
HIS HE1  H  N N 142 
HIS HE2  H  N N 143 
HIS HXT  H  N N 144 
HOH O    O  N N 145 
HOH H1   H  N N 146 
HOH H2   H  N N 147 
ILE N    N  N N 148 
ILE CA   C  N S 149 
ILE C    C  N N 150 
ILE O    O  N N 151 
ILE CB   C  N S 152 
ILE CG1  C  N N 153 
ILE CG2  C  N N 154 
ILE CD1  C  N N 155 
ILE OXT  O  N N 156 
ILE H    H  N N 157 
ILE H2   H  N N 158 
ILE HA   H  N N 159 
ILE HB   H  N N 160 
ILE HG12 H  N N 161 
ILE HG13 H  N N 162 
ILE HG21 H  N N 163 
ILE HG22 H  N N 164 
ILE HG23 H  N N 165 
ILE HD11 H  N N 166 
ILE HD12 H  N N 167 
ILE HD13 H  N N 168 
ILE HXT  H  N N 169 
LEU N    N  N N 170 
LEU CA   C  N S 171 
LEU C    C  N N 172 
LEU O    O  N N 173 
LEU CB   C  N N 174 
LEU CG   C  N N 175 
LEU CD1  C  N N 176 
LEU CD2  C  N N 177 
LEU OXT  O  N N 178 
LEU H    H  N N 179 
LEU H2   H  N N 180 
LEU HA   H  N N 181 
LEU HB2  H  N N 182 
LEU HB3  H  N N 183 
LEU HG   H  N N 184 
LEU HD11 H  N N 185 
LEU HD12 H  N N 186 
LEU HD13 H  N N 187 
LEU HD21 H  N N 188 
LEU HD22 H  N N 189 
LEU HD23 H  N N 190 
LEU HXT  H  N N 191 
LYS N    N  N N 192 
LYS CA   C  N S 193 
LYS C    C  N N 194 
LYS O    O  N N 195 
LYS CB   C  N N 196 
LYS CG   C  N N 197 
LYS CD   C  N N 198 
LYS CE   C  N N 199 
LYS NZ   N  N N 200 
LYS OXT  O  N N 201 
LYS H    H  N N 202 
LYS H2   H  N N 203 
LYS HA   H  N N 204 
LYS HB2  H  N N 205 
LYS HB3  H  N N 206 
LYS HG2  H  N N 207 
LYS HG3  H  N N 208 
LYS HD2  H  N N 209 
LYS HD3  H  N N 210 
LYS HE2  H  N N 211 
LYS HE3  H  N N 212 
LYS HZ1  H  N N 213 
LYS HZ2  H  N N 214 
LYS HZ3  H  N N 215 
LYS HXT  H  N N 216 
MET N    N  N N 217 
MET CA   C  N S 218 
MET C    C  N N 219 
MET O    O  N N 220 
MET CB   C  N N 221 
MET CG   C  N N 222 
MET SD   S  N N 223 
MET CE   C  N N 224 
MET OXT  O  N N 225 
MET H    H  N N 226 
MET H2   H  N N 227 
MET HA   H  N N 228 
MET HB2  H  N N 229 
MET HB3  H  N N 230 
MET HG2  H  N N 231 
MET HG3  H  N N 232 
MET HE1  H  N N 233 
MET HE2  H  N N 234 
MET HE3  H  N N 235 
MET HXT  H  N N 236 
PHE N    N  N N 237 
PHE CA   C  N S 238 
PHE C    C  N N 239 
PHE O    O  N N 240 
PHE CB   C  N N 241 
PHE CG   C  Y N 242 
PHE CD1  C  Y N 243 
PHE CD2  C  Y N 244 
PHE CE1  C  Y N 245 
PHE CE2  C  Y N 246 
PHE CZ   C  Y N 247 
PHE OXT  O  N N 248 
PHE H    H  N N 249 
PHE H2   H  N N 250 
PHE HA   H  N N 251 
PHE HB2  H  N N 252 
PHE HB3  H  N N 253 
PHE HD1  H  N N 254 
PHE HD2  H  N N 255 
PHE HE1  H  N N 256 
PHE HE2  H  N N 257 
PHE HZ   H  N N 258 
PHE HXT  H  N N 259 
PRO N    N  N N 260 
PRO CA   C  N S 261 
PRO C    C  N N 262 
PRO O    O  N N 263 
PRO CB   C  N N 264 
PRO CG   C  N N 265 
PRO CD   C  N N 266 
PRO OXT  O  N N 267 
PRO H    H  N N 268 
PRO HA   H  N N 269 
PRO HB2  H  N N 270 
PRO HB3  H  N N 271 
PRO HG2  H  N N 272 
PRO HG3  H  N N 273 
PRO HD2  H  N N 274 
PRO HD3  H  N N 275 
PRO HXT  H  N N 276 
SER N    N  N N 277 
SER CA   C  N S 278 
SER C    C  N N 279 
SER O    O  N N 280 
SER CB   C  N N 281 
SER OG   O  N N 282 
SER OXT  O  N N 283 
SER H    H  N N 284 
SER H2   H  N N 285 
SER HA   H  N N 286 
SER HB2  H  N N 287 
SER HB3  H  N N 288 
SER HG   H  N N 289 
SER HXT  H  N N 290 
THR N    N  N N 291 
THR CA   C  N S 292 
THR C    C  N N 293 
THR O    O  N N 294 
THR CB   C  N R 295 
THR OG1  O  N N 296 
THR CG2  C  N N 297 
THR OXT  O  N N 298 
THR H    H  N N 299 
THR H2   H  N N 300 
THR HA   H  N N 301 
THR HB   H  N N 302 
THR HG1  H  N N 303 
THR HG21 H  N N 304 
THR HG22 H  N N 305 
THR HG23 H  N N 306 
THR HXT  H  N N 307 
TRP N    N  N N 308 
TRP CA   C  N S 309 
TRP C    C  N N 310 
TRP O    O  N N 311 
TRP CB   C  N N 312 
TRP CG   C  Y N 313 
TRP CD1  C  Y N 314 
TRP CD2  C  Y N 315 
TRP NE1  N  Y N 316 
TRP CE2  C  Y N 317 
TRP CE3  C  Y N 318 
TRP CZ2  C  Y N 319 
TRP CZ3  C  Y N 320 
TRP CH2  C  Y N 321 
TRP OXT  O  N N 322 
TRP H    H  N N 323 
TRP H2   H  N N 324 
TRP HA   H  N N 325 
TRP HB2  H  N N 326 
TRP HB3  H  N N 327 
TRP HD1  H  N N 328 
TRP HE1  H  N N 329 
TRP HE3  H  N N 330 
TRP HZ2  H  N N 331 
TRP HZ3  H  N N 332 
TRP HH2  H  N N 333 
TRP HXT  H  N N 334 
TYR N    N  N N 335 
TYR CA   C  N S 336 
TYR C    C  N N 337 
TYR O    O  N N 338 
TYR CB   C  N N 339 
TYR CG   C  Y N 340 
TYR CD1  C  Y N 341 
TYR CD2  C  Y N 342 
TYR CE1  C  Y N 343 
TYR CE2  C  Y N 344 
TYR CZ   C  Y N 345 
TYR OH   O  N N 346 
TYR OXT  O  N N 347 
TYR H    H  N N 348 
TYR H2   H  N N 349 
TYR HA   H  N N 350 
TYR HB2  H  N N 351 
TYR HB3  H  N N 352 
TYR HD1  H  N N 353 
TYR HD2  H  N N 354 
TYR HE1  H  N N 355 
TYR HE2  H  N N 356 
TYR HH   H  N N 357 
TYR HXT  H  N N 358 
VAL N    N  N N 359 
VAL CA   C  N S 360 
VAL C    C  N N 361 
VAL O    O  N N 362 
VAL CB   C  N N 363 
VAL CG1  C  N N 364 
VAL CG2  C  N N 365 
VAL OXT  O  N N 366 
VAL H    H  N N 367 
VAL H2   H  N N 368 
VAL HA   H  N N 369 
VAL HB   H  N N 370 
VAL HG11 H  N N 371 
VAL HG12 H  N N 372 
VAL HG13 H  N N 373 
VAL HG21 H  N N 374 
VAL HG22 H  N N 375 
VAL HG23 H  N N 376 
VAL HXT  H  N N 377 
ZN  ZN   ZN N N 378 
# 
loop_
_chem_comp_bond.comp_id 
_chem_comp_bond.atom_id_1 
_chem_comp_bond.atom_id_2 
_chem_comp_bond.value_order 
_chem_comp_bond.pdbx_aromatic_flag 
_chem_comp_bond.pdbx_stereo_config 
_chem_comp_bond.pdbx_ordinal 
ALA N   CA   sing N N 1   
ALA N   H    sing N N 2   
ALA N   H2   sing N N 3   
ALA CA  C    sing N N 4   
ALA CA  CB   sing N N 5   
ALA CA  HA   sing N N 6   
ALA C   O    doub N N 7   
ALA C   OXT  sing N N 8   
ALA CB  HB1  sing N N 9   
ALA CB  HB2  sing N N 10  
ALA CB  HB3  sing N N 11  
ALA OXT HXT  sing N N 12  
ARG N   CA   sing N N 13  
ARG N   H    sing N N 14  
ARG N   H2   sing N N 15  
ARG CA  C    sing N N 16  
ARG CA  CB   sing N N 17  
ARG CA  HA   sing N N 18  
ARG C   O    doub N N 19  
ARG C   OXT  sing N N 20  
ARG CB  CG   sing N N 21  
ARG CB  HB2  sing N N 22  
ARG CB  HB3  sing N N 23  
ARG CG  CD   sing N N 24  
ARG CG  HG2  sing N N 25  
ARG CG  HG3  sing N N 26  
ARG CD  NE   sing N N 27  
ARG CD  HD2  sing N N 28  
ARG CD  HD3  sing N N 29  
ARG NE  CZ   sing N N 30  
ARG NE  HE   sing N N 31  
ARG CZ  NH1  sing N N 32  
ARG CZ  NH2  doub N N 33  
ARG NH1 HH11 sing N N 34  
ARG NH1 HH12 sing N N 35  
ARG NH2 HH21 sing N N 36  
ARG NH2 HH22 sing N N 37  
ARG OXT HXT  sing N N 38  
ASN N   CA   sing N N 39  
ASN N   H    sing N N 40  
ASN N   H2   sing N N 41  
ASN CA  C    sing N N 42  
ASN CA  CB   sing N N 43  
ASN CA  HA   sing N N 44  
ASN C   O    doub N N 45  
ASN C   OXT  sing N N 46  
ASN CB  CG   sing N N 47  
ASN CB  HB2  sing N N 48  
ASN CB  HB3  sing N N 49  
ASN CG  OD1  doub N N 50  
ASN CG  ND2  sing N N 51  
ASN ND2 HD21 sing N N 52  
ASN ND2 HD22 sing N N 53  
ASN OXT HXT  sing N N 54  
ASP N   CA   sing N N 55  
ASP N   H    sing N N 56  
ASP N   H2   sing N N 57  
ASP CA  C    sing N N 58  
ASP CA  CB   sing N N 59  
ASP CA  HA   sing N N 60  
ASP C   O    doub N N 61  
ASP C   OXT  sing N N 62  
ASP CB  CG   sing N N 63  
ASP CB  HB2  sing N N 64  
ASP CB  HB3  sing N N 65  
ASP CG  OD1  doub N N 66  
ASP CG  OD2  sing N N 67  
ASP OD2 HD2  sing N N 68  
ASP OXT HXT  sing N N 69  
GLN N   CA   sing N N 70  
GLN N   H    sing N N 71  
GLN N   H2   sing N N 72  
GLN CA  C    sing N N 73  
GLN CA  CB   sing N N 74  
GLN CA  HA   sing N N 75  
GLN C   O    doub N N 76  
GLN C   OXT  sing N N 77  
GLN CB  CG   sing N N 78  
GLN CB  HB2  sing N N 79  
GLN CB  HB3  sing N N 80  
GLN CG  CD   sing N N 81  
GLN CG  HG2  sing N N 82  
GLN CG  HG3  sing N N 83  
GLN CD  OE1  doub N N 84  
GLN CD  NE2  sing N N 85  
GLN NE2 HE21 sing N N 86  
GLN NE2 HE22 sing N N 87  
GLN OXT HXT  sing N N 88  
GLU N   CA   sing N N 89  
GLU N   H    sing N N 90  
GLU N   H2   sing N N 91  
GLU CA  C    sing N N 92  
GLU CA  CB   sing N N 93  
GLU CA  HA   sing N N 94  
GLU C   O    doub N N 95  
GLU C   OXT  sing N N 96  
GLU CB  CG   sing N N 97  
GLU CB  HB2  sing N N 98  
GLU CB  HB3  sing N N 99  
GLU CG  CD   sing N N 100 
GLU CG  HG2  sing N N 101 
GLU CG  HG3  sing N N 102 
GLU CD  OE1  doub N N 103 
GLU CD  OE2  sing N N 104 
GLU OE2 HE2  sing N N 105 
GLU OXT HXT  sing N N 106 
GLY N   CA   sing N N 107 
GLY N   H    sing N N 108 
GLY N   H2   sing N N 109 
GLY CA  C    sing N N 110 
GLY CA  HA2  sing N N 111 
GLY CA  HA3  sing N N 112 
GLY C   O    doub N N 113 
GLY C   OXT  sing N N 114 
GLY OXT HXT  sing N N 115 
HIS N   CA   sing N N 116 
HIS N   H    sing N N 117 
HIS N   H2   sing N N 118 
HIS CA  C    sing N N 119 
HIS CA  CB   sing N N 120 
HIS CA  HA   sing N N 121 
HIS C   O    doub N N 122 
HIS C   OXT  sing N N 123 
HIS CB  CG   sing N N 124 
HIS CB  HB2  sing N N 125 
HIS CB  HB3  sing N N 126 
HIS CG  ND1  sing Y N 127 
HIS CG  CD2  doub Y N 128 
HIS ND1 CE1  doub Y N 129 
HIS ND1 HD1  sing N N 130 
HIS CD2 NE2  sing Y N 131 
HIS CD2 HD2  sing N N 132 
HIS CE1 NE2  sing Y N 133 
HIS CE1 HE1  sing N N 134 
HIS NE2 HE2  sing N N 135 
HIS OXT HXT  sing N N 136 
HOH O   H1   sing N N 137 
HOH O   H2   sing N N 138 
ILE N   CA   sing N N 139 
ILE N   H    sing N N 140 
ILE N   H2   sing N N 141 
ILE CA  C    sing N N 142 
ILE CA  CB   sing N N 143 
ILE CA  HA   sing N N 144 
ILE C   O    doub N N 145 
ILE C   OXT  sing N N 146 
ILE CB  CG1  sing N N 147 
ILE CB  CG2  sing N N 148 
ILE CB  HB   sing N N 149 
ILE CG1 CD1  sing N N 150 
ILE CG1 HG12 sing N N 151 
ILE CG1 HG13 sing N N 152 
ILE CG2 HG21 sing N N 153 
ILE CG2 HG22 sing N N 154 
ILE CG2 HG23 sing N N 155 
ILE CD1 HD11 sing N N 156 
ILE CD1 HD12 sing N N 157 
ILE CD1 HD13 sing N N 158 
ILE OXT HXT  sing N N 159 
LEU N   CA   sing N N 160 
LEU N   H    sing N N 161 
LEU N   H2   sing N N 162 
LEU CA  C    sing N N 163 
LEU CA  CB   sing N N 164 
LEU CA  HA   sing N N 165 
LEU C   O    doub N N 166 
LEU C   OXT  sing N N 167 
LEU CB  CG   sing N N 168 
LEU CB  HB2  sing N N 169 
LEU CB  HB3  sing N N 170 
LEU CG  CD1  sing N N 171 
LEU CG  CD2  sing N N 172 
LEU CG  HG   sing N N 173 
LEU CD1 HD11 sing N N 174 
LEU CD1 HD12 sing N N 175 
LEU CD1 HD13 sing N N 176 
LEU CD2 HD21 sing N N 177 
LEU CD2 HD22 sing N N 178 
LEU CD2 HD23 sing N N 179 
LEU OXT HXT  sing N N 180 
LYS N   CA   sing N N 181 
LYS N   H    sing N N 182 
LYS N   H2   sing N N 183 
LYS CA  C    sing N N 184 
LYS CA  CB   sing N N 185 
LYS CA  HA   sing N N 186 
LYS C   O    doub N N 187 
LYS C   OXT  sing N N 188 
LYS CB  CG   sing N N 189 
LYS CB  HB2  sing N N 190 
LYS CB  HB3  sing N N 191 
LYS CG  CD   sing N N 192 
LYS CG  HG2  sing N N 193 
LYS CG  HG3  sing N N 194 
LYS CD  CE   sing N N 195 
LYS CD  HD2  sing N N 196 
LYS CD  HD3  sing N N 197 
LYS CE  NZ   sing N N 198 
LYS CE  HE2  sing N N 199 
LYS CE  HE3  sing N N 200 
LYS NZ  HZ1  sing N N 201 
LYS NZ  HZ2  sing N N 202 
LYS NZ  HZ3  sing N N 203 
LYS OXT HXT  sing N N 204 
MET N   CA   sing N N 205 
MET N   H    sing N N 206 
MET N   H2   sing N N 207 
MET CA  C    sing N N 208 
MET CA  CB   sing N N 209 
MET CA  HA   sing N N 210 
MET C   O    doub N N 211 
MET C   OXT  sing N N 212 
MET CB  CG   sing N N 213 
MET CB  HB2  sing N N 214 
MET CB  HB3  sing N N 215 
MET CG  SD   sing N N 216 
MET CG  HG2  sing N N 217 
MET CG  HG3  sing N N 218 
MET SD  CE   sing N N 219 
MET CE  HE1  sing N N 220 
MET CE  HE2  sing N N 221 
MET CE  HE3  sing N N 222 
MET OXT HXT  sing N N 223 
PHE N   CA   sing N N 224 
PHE N   H    sing N N 225 
PHE N   H2   sing N N 226 
PHE CA  C    sing N N 227 
PHE CA  CB   sing N N 228 
PHE CA  HA   sing N N 229 
PHE C   O    doub N N 230 
PHE C   OXT  sing N N 231 
PHE CB  CG   sing N N 232 
PHE CB  HB2  sing N N 233 
PHE CB  HB3  sing N N 234 
PHE CG  CD1  doub Y N 235 
PHE CG  CD2  sing Y N 236 
PHE CD1 CE1  sing Y N 237 
PHE CD1 HD1  sing N N 238 
PHE CD2 CE2  doub Y N 239 
PHE CD2 HD2  sing N N 240 
PHE CE1 CZ   doub Y N 241 
PHE CE1 HE1  sing N N 242 
PHE CE2 CZ   sing Y N 243 
PHE CE2 HE2  sing N N 244 
PHE CZ  HZ   sing N N 245 
PHE OXT HXT  sing N N 246 
PRO N   CA   sing N N 247 
PRO N   CD   sing N N 248 
PRO N   H    sing N N 249 
PRO CA  C    sing N N 250 
PRO CA  CB   sing N N 251 
PRO CA  HA   sing N N 252 
PRO C   O    doub N N 253 
PRO C   OXT  sing N N 254 
PRO CB  CG   sing N N 255 
PRO CB  HB2  sing N N 256 
PRO CB  HB3  sing N N 257 
PRO CG  CD   sing N N 258 
PRO CG  HG2  sing N N 259 
PRO CG  HG3  sing N N 260 
PRO CD  HD2  sing N N 261 
PRO CD  HD3  sing N N 262 
PRO OXT HXT  sing N N 263 
SER N   CA   sing N N 264 
SER N   H    sing N N 265 
SER N   H2   sing N N 266 
SER CA  C    sing N N 267 
SER CA  CB   sing N N 268 
SER CA  HA   sing N N 269 
SER C   O    doub N N 270 
SER C   OXT  sing N N 271 
SER CB  OG   sing N N 272 
SER CB  HB2  sing N N 273 
SER CB  HB3  sing N N 274 
SER OG  HG   sing N N 275 
SER OXT HXT  sing N N 276 
THR N   CA   sing N N 277 
THR N   H    sing N N 278 
THR N   H2   sing N N 279 
THR CA  C    sing N N 280 
THR CA  CB   sing N N 281 
THR CA  HA   sing N N 282 
THR C   O    doub N N 283 
THR C   OXT  sing N N 284 
THR CB  OG1  sing N N 285 
THR CB  CG2  sing N N 286 
THR CB  HB   sing N N 287 
THR OG1 HG1  sing N N 288 
THR CG2 HG21 sing N N 289 
THR CG2 HG22 sing N N 290 
THR CG2 HG23 sing N N 291 
THR OXT HXT  sing N N 292 
TRP N   CA   sing N N 293 
TRP N   H    sing N N 294 
TRP N   H2   sing N N 295 
TRP CA  C    sing N N 296 
TRP CA  CB   sing N N 297 
TRP CA  HA   sing N N 298 
TRP C   O    doub N N 299 
TRP C   OXT  sing N N 300 
TRP CB  CG   sing N N 301 
TRP CB  HB2  sing N N 302 
TRP CB  HB3  sing N N 303 
TRP CG  CD1  doub Y N 304 
TRP CG  CD2  sing Y N 305 
TRP CD1 NE1  sing Y N 306 
TRP CD1 HD1  sing N N 307 
TRP CD2 CE2  doub Y N 308 
TRP CD2 CE3  sing Y N 309 
TRP NE1 CE2  sing Y N 310 
TRP NE1 HE1  sing N N 311 
TRP CE2 CZ2  sing Y N 312 
TRP CE3 CZ3  doub Y N 313 
TRP CE3 HE3  sing N N 314 
TRP CZ2 CH2  doub Y N 315 
TRP CZ2 HZ2  sing N N 316 
TRP CZ3 CH2  sing Y N 317 
TRP CZ3 HZ3  sing N N 318 
TRP CH2 HH2  sing N N 319 
TRP OXT HXT  sing N N 320 
TYR N   CA   sing N N 321 
TYR N   H    sing N N 322 
TYR N   H2   sing N N 323 
TYR CA  C    sing N N 324 
TYR CA  CB   sing N N 325 
TYR CA  HA   sing N N 326 
TYR C   O    doub N N 327 
TYR C   OXT  sing N N 328 
TYR CB  CG   sing N N 329 
TYR CB  HB2  sing N N 330 
TYR CB  HB3  sing N N 331 
TYR CG  CD1  doub Y N 332 
TYR CG  CD2  sing Y N 333 
TYR CD1 CE1  sing Y N 334 
TYR CD1 HD1  sing N N 335 
TYR CD2 CE2  doub Y N 336 
TYR CD2 HD2  sing N N 337 
TYR CE1 CZ   doub Y N 338 
TYR CE1 HE1  sing N N 339 
TYR CE2 CZ   sing Y N 340 
TYR CE2 HE2  sing N N 341 
TYR CZ  OH   sing N N 342 
TYR OH  HH   sing N N 343 
TYR OXT HXT  sing N N 344 
VAL N   CA   sing N N 345 
VAL N   H    sing N N 346 
VAL N   H2   sing N N 347 
VAL CA  C    sing N N 348 
VAL CA  CB   sing N N 349 
VAL CA  HA   sing N N 350 
VAL C   O    doub N N 351 
VAL C   OXT  sing N N 352 
VAL CB  CG1  sing N N 353 
VAL CB  CG2  sing N N 354 
VAL CB  HB   sing N N 355 
VAL CG1 HG11 sing N N 356 
VAL CG1 HG12 sing N N 357 
VAL CG1 HG13 sing N N 358 
VAL CG2 HG21 sing N N 359 
VAL CG2 HG22 sing N N 360 
VAL CG2 HG23 sing N N 361 
VAL OXT HXT  sing N N 362 
# 
loop_
_pdbx_entity_nonpoly.entity_id 
_pdbx_entity_nonpoly.name 
_pdbx_entity_nonpoly.comp_id 
4 'ZINC ION'    ZN  
5 'CALCIUM ION' CA  
6 water         HOH 
# 
_pdbx_initial_refinement_model.id               1 
_pdbx_initial_refinement_model.entity_id_list   ? 
_pdbx_initial_refinement_model.type             'experimental model' 
_pdbx_initial_refinement_model.source_name      PDB 
_pdbx_initial_refinement_model.accession_code   1Y93 
_pdbx_initial_refinement_model.details          'pdb entry 1Y93' 
# 
